data_1CS7
# 
_entry.id   1CS7 
# 
_audit_conform.dict_name       mmcif_pdbx.dic 
_audit_conform.dict_version    5.385 
_audit_conform.dict_location   http://mmcif.pdb.org/dictionaries/ascii/mmcif_pdbx.dic 
# 
loop_
_database_2.database_id 
_database_2.database_code 
_database_2.pdbx_database_accession 
_database_2.pdbx_DOI 
PDB   1CS7         pdb_00001cs7 10.2210/pdb1cs7/pdb 
NDB   DD0019       ?            ?                   
RCSB  RCSB009523   ?            ?                   
WWPDB D_1000009523 ?            ?                   
# 
loop_
_pdbx_audit_revision_history.ordinal 
_pdbx_audit_revision_history.data_content_type 
_pdbx_audit_revision_history.major_revision 
_pdbx_audit_revision_history.minor_revision 
_pdbx_audit_revision_history.revision_date 
1 'Structure model' 1 0 2001-10-19 
2 'Structure model' 1 1 2008-04-27 
3 'Structure model' 1 2 2011-07-13 
4 'Structure model' 1 3 2024-02-07 
# 
_pdbx_audit_revision_details.ordinal             1 
_pdbx_audit_revision_details.revision_ordinal    1 
_pdbx_audit_revision_details.data_content_type   'Structure model' 
_pdbx_audit_revision_details.provider            repository 
_pdbx_audit_revision_details.type                'Initial release' 
_pdbx_audit_revision_details.description         ? 
_pdbx_audit_revision_details.details             ? 
# 
loop_
_pdbx_audit_revision_group.ordinal 
_pdbx_audit_revision_group.revision_ordinal 
_pdbx_audit_revision_group.data_content_type 
_pdbx_audit_revision_group.group 
1 2 'Structure model' 'Version format compliance' 
2 3 'Structure model' 'Version format compliance' 
3 4 'Structure model' 'Data collection'           
4 4 'Structure model' 'Database references'       
5 4 'Structure model' 'Derived calculations'      
# 
loop_
_pdbx_audit_revision_category.ordinal 
_pdbx_audit_revision_category.revision_ordinal 
_pdbx_audit_revision_category.data_content_type 
_pdbx_audit_revision_category.category 
1 4 'Structure model' chem_comp_atom 
2 4 'Structure model' chem_comp_bond 
3 4 'Structure model' database_2     
4 4 'Structure model' struct_conn    
# 
loop_
_pdbx_audit_revision_item.ordinal 
_pdbx_audit_revision_item.revision_ordinal 
_pdbx_audit_revision_item.data_content_type 
_pdbx_audit_revision_item.item 
1 4 'Structure model' '_database_2.pdbx_DOI'                
2 4 'Structure model' '_database_2.pdbx_database_accession' 
3 4 'Structure model' '_struct_conn.pdbx_leaving_atom_flag' 
# 
_pdbx_database_status.status_code                     REL 
_pdbx_database_status.entry_id                        1CS7 
_pdbx_database_status.recvd_initial_deposition_date   1999-08-17 
_pdbx_database_status.deposit_site                    NDB 
_pdbx_database_status.process_site                    RCSB 
_pdbx_database_status.status_code_sf                  REL 
_pdbx_database_status.SG_entry                        . 
_pdbx_database_status.pdb_format_compatible           Y 
_pdbx_database_status.status_code_mr                  ? 
_pdbx_database_status.status_code_cs                  ? 
_pdbx_database_status.status_code_nmr_data            ? 
_pdbx_database_status.methods_development_category    ? 
# 
loop_
_audit_author.name 
_audit_author.pdbx_ordinal 
'Lewis, F.D.'       1  
'Liu, X.'           2  
'Wu, Y.'            3  
'Miller, S.E.'      4  
'Wasielewski, M.R.' 5  
'Letsinger, R.L.'   6  
'Sanishvili, R.'    7  
'Joachimiak, A.'    8  
'Tereshko, V.'      9  
'Egli, M.'          10 
# 
_citation.id                        primary 
_citation.title                     
'Structure and Photoinduced Electron Transfer in Exceptionally Stable Synthetic DNA Hairpins with Stilbenediether Linkers' 
_citation.journal_abbrev            J.Am.Chem.Soc. 
_citation.journal_volume            121 
_citation.page_first                9905 
_citation.page_last                 9906 
_citation.year                      1999 
_citation.journal_id_ASTM           JACSAT 
_citation.country                   US 
_citation.journal_id_ISSN           0002-7863 
_citation.journal_id_CSD            0004 
_citation.book_publisher            ? 
_citation.pdbx_database_id_PubMed   -1 
_citation.pdbx_database_id_DOI      10.1021/ja991934u 
# 
loop_
_citation_author.citation_id 
_citation_author.name 
_citation_author.ordinal 
_citation_author.identifier_ORCID 
primary 'Lewis, F.D.'       1  ? 
primary 'Liu, X.'           2  ? 
primary 'Wu, Y.'            3  ? 
primary 'Miller, S.E.'      4  ? 
primary 'Wasielewski, M.R.' 5  ? 
primary 'Letsinger, R.L.'   6  ? 
primary 'Sanishvili, R.'    7  ? 
primary 'Joachimiak, A.'    8  ? 
primary 'Tereshko, V.'      9  ? 
primary 'Egli, M.'          10 ? 
# 
loop_
_entity.id 
_entity.type 
_entity.src_method 
_entity.pdbx_description 
_entity.formula_weight 
_entity.pdbx_number_of_molecules 
_entity.pdbx_ec 
_entity.pdbx_mutation 
_entity.pdbx_fragment 
_entity.details 
1 polymer     syn "5'-D(GP*(BRU)P*TP*TP*TP*GP*(S02)*CP*AP*AP*AP*AP*C)-3'" 4098.678 4  ? ? ? ? 
2 non-polymer syn 'STRONTIUM ION'                                         87.620   4  ? ? ? ? 
3 water       nat water                                                   18.015   11 ? ? ? ? 
# 
_entity_poly.entity_id                      1 
_entity_poly.type                           polydeoxyribonucleotide 
_entity_poly.nstd_linkage                   no 
_entity_poly.nstd_monomer                   yes 
_entity_poly.pdbx_seq_one_letter_code       '(DG)(BRU)(DT)(DT)(DT)(DG)(S02)(DC)(DA)(DA)(DA)(DA)(DC)' 
_entity_poly.pdbx_seq_one_letter_code_can   GUTTTGXCAAAAC 
_entity_poly.pdbx_strand_id                 A,B,C,D 
_entity_poly.pdbx_target_identifier         ? 
# 
loop_
_pdbx_entity_nonpoly.entity_id 
_pdbx_entity_nonpoly.name 
_pdbx_entity_nonpoly.comp_id 
2 'STRONTIUM ION' SR  
3 water           HOH 
# 
loop_
_entity_poly_seq.entity_id 
_entity_poly_seq.num 
_entity_poly_seq.mon_id 
_entity_poly_seq.hetero 
1 1  DG  n 
1 2  BRU n 
1 3  DT  n 
1 4  DT  n 
1 5  DT  n 
1 6  DG  n 
1 7  S02 n 
1 8  DC  n 
1 9  DA  n 
1 10 DA  n 
1 11 DA  n 
1 12 DA  n 
1 13 DC  n 
# 
loop_
_chem_comp.id 
_chem_comp.type 
_chem_comp.mon_nstd_flag 
_chem_comp.name 
_chem_comp.pdbx_synonyms 
_chem_comp.formula 
_chem_comp.formula_weight 
BRU 'DNA linking' n "5-BROMO-2'-DEOXYURIDINE-5'-MONOPHOSPHATE" ?                                   'C9 H12 Br N2 O8 P' 387.078 
DA  'DNA linking' y "2'-DEOXYADENOSINE-5'-MONOPHOSPHATE" ?                                   'C10 H14 N5 O6 P'   331.222 
DC  'DNA linking' y "2'-DEOXYCYTIDINE-5'-MONOPHOSPHATE" ?                                   'C9 H14 N3 O7 P'    307.197 
DG  'DNA linking' y "2'-DEOXYGUANOSINE-5'-MONOPHOSPHATE" ?                                   'C10 H14 N5 O7 P'   347.221 
DT  'DNA linking' y "THYMIDINE-5'-MONOPHOSPHATE" ?                                   'C10 H15 N2 O8 P'   322.208 
HOH non-polymer   . WATER ?                                   'H2 O'              18.015  
S02 non-polymer   . 
'PHOSPHORIC ACID MONO-[2-(4-{2-[4-(2-HYDROXY-ETHOXY)-CYCLOHEXYLIDENE]-ETHYLIDENE}-CYCLOHEXYLOXY) -ETHYL] ESTER' 
'STILBENEDIETHER NUCLEOTIDE LINKER' 'C18 H31 O7 P'      390.408 
SR  non-polymer   . 'STRONTIUM ION' ?                                   'Sr 2'              87.620  
# 
loop_
_pdbx_poly_seq_scheme.asym_id 
_pdbx_poly_seq_scheme.entity_id 
_pdbx_poly_seq_scheme.seq_id 
_pdbx_poly_seq_scheme.mon_id 
_pdbx_poly_seq_scheme.ndb_seq_num 
_pdbx_poly_seq_scheme.pdb_seq_num 
_pdbx_poly_seq_scheme.auth_seq_num 
_pdbx_poly_seq_scheme.pdb_mon_id 
_pdbx_poly_seq_scheme.auth_mon_id 
_pdbx_poly_seq_scheme.pdb_strand_id 
_pdbx_poly_seq_scheme.pdb_ins_code 
_pdbx_poly_seq_scheme.hetero 
A 1 1  DG  1  1   1   DG  G   A . n 
A 1 2  BRU 2  2   2   BRU BRU A . n 
A 1 3  DT  3  3   3   DT  T   A . n 
A 1 4  DT  4  4   4   DT  T   A . n 
A 1 5  DT  5  5   5   DT  T   A . n 
A 1 6  DG  6  6   6   DG  G   A . n 
A 1 7  S02 7  7   7   S02 S02 A . n 
A 1 8  DC  8  9   9   DC  C   A . n 
A 1 9  DA  9  10  10  DA  A   A . n 
A 1 10 DA  10 11  11  DA  A   A . n 
A 1 11 DA  11 12  12  DA  A   A . n 
A 1 12 DA  12 13  13  DA  A   A . n 
A 1 13 DC  13 14  14  DC  C   A . n 
B 1 1  DG  1  101 101 DG  G   B . n 
B 1 2  BRU 2  102 102 BRU BRU B . n 
B 1 3  DT  3  103 103 DT  T   B . n 
B 1 4  DT  4  104 104 DT  T   B . n 
B 1 5  DT  5  105 105 DT  T   B . n 
B 1 6  DG  6  106 106 DG  G   B . n 
B 1 7  S02 7  107 107 S02 S02 B . n 
B 1 8  DC  8  109 109 DC  C   B . n 
B 1 9  DA  9  110 110 DA  A   B . n 
B 1 10 DA  10 111 111 DA  A   B . n 
B 1 11 DA  11 112 112 DA  A   B . n 
B 1 12 DA  12 113 113 DA  A   B . n 
B 1 13 DC  13 114 114 DC  C   B . n 
C 1 1  DG  1  201 201 DG  G   C . n 
C 1 2  BRU 2  202 202 BRU BRU C . n 
C 1 3  DT  3  203 203 DT  T   C . n 
C 1 4  DT  4  204 204 DT  T   C . n 
C 1 5  DT  5  205 205 DT  T   C . n 
C 1 6  DG  6  206 206 DG  G   C . n 
C 1 7  S02 7  207 207 S02 S02 C . n 
C 1 8  DC  8  209 209 DC  C   C . n 
C 1 9  DA  9  210 210 DA  A   C . n 
C 1 10 DA  10 211 211 DA  A   C . n 
C 1 11 DA  11 212 212 DA  A   C . n 
C 1 12 DA  12 213 213 DA  A   C . n 
C 1 13 DC  13 214 214 DC  C   C . n 
D 1 1  DG  1  301 301 DG  G   D . n 
D 1 2  BRU 2  302 302 BRU BRU D . n 
D 1 3  DT  3  303 303 DT  T   D . n 
D 1 4  DT  4  304 304 DT  T   D . n 
D 1 5  DT  5  305 305 DT  T   D . n 
D 1 6  DG  6  306 306 DG  G   D . n 
D 1 7  S02 7  307 307 S02 S02 D . n 
D 1 8  DC  8  309 309 DC  C   D . n 
D 1 9  DA  9  310 310 DA  A   D . n 
D 1 10 DA  10 311 311 DA  A   D . n 
D 1 11 DA  11 312 312 DA  A   D . n 
D 1 12 DA  12 313 313 DA  A   D . n 
D 1 13 DC  13 314 314 DC  C   D . n 
# 
loop_
_pdbx_nonpoly_scheme.asym_id 
_pdbx_nonpoly_scheme.entity_id 
_pdbx_nonpoly_scheme.mon_id 
_pdbx_nonpoly_scheme.ndb_seq_num 
_pdbx_nonpoly_scheme.pdb_seq_num 
_pdbx_nonpoly_scheme.auth_seq_num 
_pdbx_nonpoly_scheme.pdb_mon_id 
_pdbx_nonpoly_scheme.auth_mon_id 
_pdbx_nonpoly_scheme.pdb_strand_id 
_pdbx_nonpoly_scheme.pdb_ins_code 
E 2 SR  1 402 402 SR  SR  A . 
F 2 SR  1 404 404 SR  SR  B . 
G 2 SR  1 403 403 SR  SR  C . 
H 2 SR  1 401 401 SR  SR  D . 
I 3 HOH 1 410 410 HOH TIP A . 
I 3 HOH 2 413 413 HOH TIP A . 
I 3 HOH 3 414 414 HOH TIP A . 
I 3 HOH 4 415 415 HOH TIP A . 
J 3 HOH 1 405 405 HOH TIP B . 
J 3 HOH 2 407 407 HOH TIP B . 
J 3 HOH 3 409 409 HOH TIP B . 
K 3 HOH 1 406 406 HOH TIP C . 
L 3 HOH 1 408 408 HOH TIP D . 
L 3 HOH 2 411 411 HOH TIP D . 
L 3 HOH 3 412 412 HOH TIP D . 
# 
loop_
_software.name 
_software.classification 
_software.version 
_software.citation_id 
_software.pdbx_ordinal 
AMoRE     phasing          . ? 1 
CNS       refinement       . ? 2 
DENZO     'data reduction' . ? 3 
SCALEPACK 'data scaling'   . ? 4 
# 
_cell.entry_id           1CS7 
_cell.length_a           27.76 
_cell.length_b           67.89 
_cell.length_c           61.83 
_cell.angle_alpha        90.0 
_cell.angle_beta         96.8 
_cell.angle_gamma        90.0 
_cell.Z_PDB              8 
_cell.pdbx_unique_axis   ? 
# 
_symmetry.entry_id                         1CS7 
_symmetry.space_group_name_H-M             'P 1 21 1' 
_symmetry.pdbx_full_space_group_name_H-M   ? 
_symmetry.cell_setting                     monoclinic 
_symmetry.Int_Tables_number                4 
# 
_exptl.entry_id          1CS7 
_exptl.method            'X-RAY DIFFRACTION' 
_exptl.crystals_number   1 
# 
_exptl_crystal.id                    1 
_exptl_crystal.density_meas          ? 
_exptl_crystal.density_percent_sol   64.05 
_exptl_crystal.density_Matthews      3.42 
_exptl_crystal.description           ? 
# 
_exptl_crystal_grow.crystal_id      1 
_exptl_crystal_grow.method          'VAPOR DIFFUSION, HANGING DROP' 
_exptl_crystal_grow.temp            298 
_exptl_crystal_grow.temp_details    ? 
_exptl_crystal_grow.pH              6.3 
_exptl_crystal_grow.pdbx_details    
'OLIGONUCLEOTIDE, SRCL2, NA-CACODYLATE BUFFER, 2-METHYL-2,4-PENTANEDIOL, pH 6.3, VAPOR DIFFUSION, HANGING DROP at 298K' 
_exptl_crystal_grow.pdbx_pH_range   ? 
# 
loop_
_exptl_crystal_grow_comp.crystal_id 
_exptl_crystal_grow_comp.id 
_exptl_crystal_grow_comp.sol_id 
_exptl_crystal_grow_comp.name 
_exptl_crystal_grow_comp.volume 
_exptl_crystal_grow_comp.conc 
_exptl_crystal_grow_comp.details 
1 1 1 SRCL2                      ? ? ? 
1 2 1 'SODIUM CACODYLATE BUFFER' ? ? ? 
1 3 1 MPD                        ? ? ? 
1 4 2 MPD                        ? ? ? 
# 
_diffrn.id                     1 
_diffrn.ambient_temp           100 
_diffrn.ambient_temp_details   ? 
_diffrn.crystal_id             1 
# 
_diffrn_detector.diffrn_id              1 
_diffrn_detector.detector               CCD 
_diffrn_detector.type                   APS-1 
_diffrn_detector.pdbx_collection_date   1999-02-06 
_diffrn_detector.details                ? 
# 
_diffrn_radiation.diffrn_id                        1 
_diffrn_radiation.wavelength_id                    1 
_diffrn_radiation.pdbx_monochromatic_or_laue_m_l   M 
_diffrn_radiation.monochromator                    ? 
_diffrn_radiation.pdbx_diffrn_protocol             'SINGLE WAVELENGTH' 
_diffrn_radiation.pdbx_scattering_type             x-ray 
# 
_diffrn_radiation_wavelength.id           1 
_diffrn_radiation_wavelength.wavelength   . 
_diffrn_radiation_wavelength.wt           1.0 
# 
_diffrn_source.diffrn_id                   1 
_diffrn_source.source                      SYNCHROTRON 
_diffrn_source.type                        'APS BEAMLINE 19-ID' 
_diffrn_source.pdbx_synchrotron_site       APS 
_diffrn_source.pdbx_synchrotron_beamline   19-ID 
_diffrn_source.pdbx_wavelength             ? 
_diffrn_source.pdbx_wavelength_list        ? 
# 
_reflns.entry_id                     1CS7 
_reflns.observed_criterion_sigma_I   0 
_reflns.observed_criterion_sigma_F   0 
_reflns.d_resolution_low             30.0 
_reflns.d_resolution_high            3.15 
_reflns.number_obs                   3434 
_reflns.number_all                   3434 
_reflns.percent_possible_obs         97.1 
_reflns.pdbx_Rmerge_I_obs            0.0970000 
_reflns.pdbx_Rsym_value              ? 
_reflns.pdbx_netI_over_sigmaI        ? 
_reflns.B_iso_Wilson_estimate        ? 
_reflns.pdbx_redundancy              3 
_reflns.R_free_details               ? 
_reflns.pdbx_diffrn_id               1 
_reflns.pdbx_ordinal                 1 
# 
_reflns_shell.d_res_high             3.15 
_reflns_shell.d_res_low              3.26 
_reflns_shell.percent_possible_all   99.0 
_reflns_shell.Rmerge_I_obs           0.0950000 
_reflns_shell.pdbx_Rsym_value        ? 
_reflns_shell.meanI_over_sigI_obs    ? 
_reflns_shell.pdbx_redundancy        ? 
_reflns_shell.percent_possible_obs   ? 
_reflns_shell.number_unique_all      ? 
_reflns_shell.pdbx_diffrn_id         ? 
_reflns_shell.pdbx_ordinal           1 
# 
_refine.entry_id                                 1CS7 
_refine.ls_number_reflns_obs                     2864 
_refine.ls_number_reflns_all                     3046 
_refine.pdbx_ls_sigma_I                          ? 
_refine.pdbx_ls_sigma_F                          0.5 
_refine.pdbx_data_cutoff_high_absF               ? 
_refine.pdbx_data_cutoff_low_absF                ? 
_refine.pdbx_data_cutoff_high_rms_absF           ? 
_refine.ls_d_res_low                             8.0 
_refine.ls_d_res_high                            3.2 
_refine.ls_percent_reflns_obs                    80.1 
_refine.ls_R_factor_obs                          0.2570000 
_refine.ls_R_factor_all                          ? 
_refine.ls_R_factor_R_work                       0.2570000 
_refine.ls_R_factor_R_free                       0.2660000 
_refine.ls_R_factor_R_free_error                 ? 
_refine.ls_R_factor_R_free_error_details         ? 
_refine.ls_percent_reflns_R_free                 7 
_refine.ls_number_reflns_R_free                  202 
_refine.ls_number_parameters                     ? 
_refine.ls_number_restraints                     ? 
_refine.occupancy_min                            ? 
_refine.occupancy_max                            ? 
_refine.B_iso_mean                               ? 
_refine.aniso_B[1][1]                            ? 
_refine.aniso_B[2][2]                            ? 
_refine.aniso_B[3][3]                            ? 
_refine.aniso_B[1][2]                            ? 
_refine.aniso_B[1][3]                            ? 
_refine.aniso_B[2][3]                            ? 
_refine.solvent_model_details                    ? 
_refine.solvent_model_param_ksol                 ? 
_refine.solvent_model_param_bsol                 ? 
_refine.pdbx_ls_cross_valid_method               THROUGHOUT 
_refine.details                                  ? 
_refine.pdbx_starting_model                      ? 
_refine.pdbx_method_to_determine_struct          'MOLECULAR REPLACEMENT' 
_refine.pdbx_isotropic_thermal_model             ? 
_refine.pdbx_stereochemistry_target_values       'PARKINSON et al.' 
_refine.pdbx_stereochem_target_val_spec_case     ? 
_refine.pdbx_R_Free_selection_details            RANDOM 
_refine.pdbx_overall_ESU_R                       ? 
_refine.pdbx_overall_ESU_R_Free                  ? 
_refine.overall_SU_ML                            ? 
_refine.overall_SU_B                             ? 
_refine.ls_redundancy_reflns_obs                 ? 
_refine.correlation_coeff_Fo_to_Fc               ? 
_refine.correlation_coeff_Fo_to_Fc_free          ? 
_refine.overall_SU_R_Cruickshank_DPI             ? 
_refine.overall_SU_R_free                        ? 
_refine.pdbx_refine_id                           'X-RAY DIFFRACTION' 
_refine.pdbx_diffrn_id                           1 
_refine.pdbx_TLS_residual_ADP_flag               ? 
_refine.pdbx_solvent_vdw_probe_radii             ? 
_refine.pdbx_solvent_ion_probe_radii             ? 
_refine.pdbx_solvent_shrinkage_radii             ? 
_refine.pdbx_overall_phase_error                 ? 
_refine.pdbx_overall_SU_R_free_Cruickshank_DPI   ? 
_refine.pdbx_overall_SU_R_Blow_DPI               ? 
_refine.pdbx_overall_SU_R_free_Blow_DPI          ? 
# 
_refine_hist.pdbx_refine_id                   'X-RAY DIFFRACTION' 
_refine_hist.cycle_id                         LAST 
_refine_hist.pdbx_number_atoms_protein        0 
_refine_hist.pdbx_number_atoms_nucleic_acid   1072 
_refine_hist.pdbx_number_atoms_ligand         4 
_refine_hist.number_atoms_solvent             11 
_refine_hist.number_atoms_total               1087 
_refine_hist.d_res_high                       3.2 
_refine_hist.d_res_low                        8.0 
# 
loop_
_refine_ls_restr.type 
_refine_ls_restr.dev_ideal 
_refine_ls_restr.dev_ideal_target 
_refine_ls_restr.weight 
_refine_ls_restr.number 
_refine_ls_restr.pdbx_refine_id 
_refine_ls_restr.pdbx_restraint_function 
c_bond_d                0.010 ? ? ? 'X-RAY DIFFRACTION' ? 
c_bond_d_na             ?     ? ? ? 'X-RAY DIFFRACTION' ? 
c_bond_d_prot           ?     ? ? ? 'X-RAY DIFFRACTION' ? 
c_angle_d               ?     ? ? ? 'X-RAY DIFFRACTION' ? 
c_angle_d_na            ?     ? ? ? 'X-RAY DIFFRACTION' ? 
c_angle_d_prot          ?     ? ? ? 'X-RAY DIFFRACTION' ? 
c_angle_deg             1.71  ? ? ? 'X-RAY DIFFRACTION' ? 
c_angle_deg_na          ?     ? ? ? 'X-RAY DIFFRACTION' ? 
c_angle_deg_prot        ?     ? ? ? 'X-RAY DIFFRACTION' ? 
c_dihedral_angle_d      ?     ? ? ? 'X-RAY DIFFRACTION' ? 
c_dihedral_angle_d_na   ?     ? ? ? 'X-RAY DIFFRACTION' ? 
c_dihedral_angle_d_prot ?     ? ? ? 'X-RAY DIFFRACTION' ? 
c_improper_angle_d      ?     ? ? ? 'X-RAY DIFFRACTION' ? 
c_improper_angle_d_na   ?     ? ? ? 'X-RAY DIFFRACTION' ? 
c_improper_angle_d_prot ?     ? ? ? 'X-RAY DIFFRACTION' ? 
c_mcbond_it             ?     ? ? ? 'X-RAY DIFFRACTION' ? 
c_mcangle_it            ?     ? ? ? 'X-RAY DIFFRACTION' ? 
c_scbond_it             ?     ? ? ? 'X-RAY DIFFRACTION' ? 
c_scangle_it            ?     ? ? ? 'X-RAY DIFFRACTION' ? 
# 
_struct.entry_id                  1CS7 
_struct.title                     'SYNTHETIC DNA HAIRPIN WITH STILBENEDIETHER LINKER' 
_struct.pdbx_model_details        ? 
_struct.pdbx_CASP_flag            ? 
_struct.pdbx_model_type_details   ? 
# 
_struct_keywords.entry_id        1CS7 
_struct_keywords.pdbx_keywords   DNA 
_struct_keywords.text            'DNA HAIRPIN, DNA' 
# 
loop_
_struct_asym.id 
_struct_asym.pdbx_blank_PDB_chainid_flag 
_struct_asym.pdbx_modified 
_struct_asym.entity_id 
_struct_asym.details 
A N N 1 ? 
B N N 1 ? 
C N N 1 ? 
D N N 1 ? 
E N N 2 ? 
F N N 2 ? 
G N N 2 ? 
H N N 2 ? 
I N N 3 ? 
J N N 3 ? 
K N N 3 ? 
L N N 3 ? 
# 
_struct_ref.id                         1 
_struct_ref.entity_id                  1 
_struct_ref.db_name                    PDB 
_struct_ref.db_code                    1CS7 
_struct_ref.pdbx_db_accession          1CS7 
_struct_ref.pdbx_db_isoform            ? 
_struct_ref.pdbx_seq_one_letter_code   ? 
_struct_ref.pdbx_align_begin           ? 
# 
loop_
_struct_ref_seq.align_id 
_struct_ref_seq.ref_id 
_struct_ref_seq.pdbx_PDB_id_code 
_struct_ref_seq.pdbx_strand_id 
_struct_ref_seq.seq_align_beg 
_struct_ref_seq.pdbx_seq_align_beg_ins_code 
_struct_ref_seq.seq_align_end 
_struct_ref_seq.pdbx_seq_align_end_ins_code 
_struct_ref_seq.pdbx_db_accession 
_struct_ref_seq.db_align_beg 
_struct_ref_seq.pdbx_db_align_beg_ins_code 
_struct_ref_seq.db_align_end 
_struct_ref_seq.pdbx_db_align_end_ins_code 
_struct_ref_seq.pdbx_auth_seq_align_beg 
_struct_ref_seq.pdbx_auth_seq_align_end 
1 1 1CS7 A 1 ? 13 ? 1CS7 1   ? 14  ? 1   14  
2 1 1CS7 B 1 ? 13 ? 1CS7 101 ? 114 ? 101 114 
3 1 1CS7 C 1 ? 13 ? 1CS7 201 ? 214 ? 201 214 
4 1 1CS7 D 1 ? 13 ? 1CS7 301 ? 314 ? 301 314 
# 
loop_
_pdbx_struct_assembly.id 
_pdbx_struct_assembly.details 
_pdbx_struct_assembly.method_details 
_pdbx_struct_assembly.oligomeric_details 
_pdbx_struct_assembly.oligomeric_count 
1 author_defined_assembly ? monomeric 1 
2 author_defined_assembly ? monomeric 1 
3 author_defined_assembly ? monomeric 1 
4 author_defined_assembly ? monomeric 1 
# 
loop_
_pdbx_struct_assembly_gen.assembly_id 
_pdbx_struct_assembly_gen.oper_expression 
_pdbx_struct_assembly_gen.asym_id_list 
1 1 A,E,I 
2 1 B,F,J 
3 1 C,G,K 
4 1 D,H,L 
# 
_pdbx_struct_oper_list.id                   1 
_pdbx_struct_oper_list.type                 'identity operation' 
_pdbx_struct_oper_list.name                 1_555 
_pdbx_struct_oper_list.symmetry_operation   x,y,z 
_pdbx_struct_oper_list.matrix[1][1]         1.0000000000 
_pdbx_struct_oper_list.matrix[1][2]         0.0000000000 
_pdbx_struct_oper_list.matrix[1][3]         0.0000000000 
_pdbx_struct_oper_list.vector[1]            0.0000000000 
_pdbx_struct_oper_list.matrix[2][1]         0.0000000000 
_pdbx_struct_oper_list.matrix[2][2]         1.0000000000 
_pdbx_struct_oper_list.matrix[2][3]         0.0000000000 
_pdbx_struct_oper_list.vector[2]            0.0000000000 
_pdbx_struct_oper_list.matrix[3][1]         0.0000000000 
_pdbx_struct_oper_list.matrix[3][2]         0.0000000000 
_pdbx_struct_oper_list.matrix[3][3]         1.0000000000 
_pdbx_struct_oper_list.vector[3]            0.0000000000 
# 
loop_
_struct_biol.id 
_struct_biol.pdbx_parent_biol_id 
_struct_biol.details 
1 ? ? 
2 ? ? 
3 ? ? 
4 ? ? 
# 
loop_
_struct_conn.id 
_struct_conn.conn_type_id 
_struct_conn.pdbx_leaving_atom_flag 
_struct_conn.pdbx_PDB_id 
_struct_conn.ptnr1_label_asym_id 
_struct_conn.ptnr1_label_comp_id 
_struct_conn.ptnr1_label_seq_id 
_struct_conn.ptnr1_label_atom_id 
_struct_conn.pdbx_ptnr1_label_alt_id 
_struct_conn.pdbx_ptnr1_PDB_ins_code 
_struct_conn.pdbx_ptnr1_standard_comp_id 
_struct_conn.ptnr1_symmetry 
_struct_conn.ptnr2_label_asym_id 
_struct_conn.ptnr2_label_comp_id 
_struct_conn.ptnr2_label_seq_id 
_struct_conn.ptnr2_label_atom_id 
_struct_conn.pdbx_ptnr2_label_alt_id 
_struct_conn.pdbx_ptnr2_PDB_ins_code 
_struct_conn.ptnr1_auth_asym_id 
_struct_conn.ptnr1_auth_comp_id 
_struct_conn.ptnr1_auth_seq_id 
_struct_conn.ptnr2_auth_asym_id 
_struct_conn.ptnr2_auth_comp_id 
_struct_conn.ptnr2_auth_seq_id 
_struct_conn.ptnr2_symmetry 
_struct_conn.pdbx_ptnr3_label_atom_id 
_struct_conn.pdbx_ptnr3_label_seq_id 
_struct_conn.pdbx_ptnr3_label_comp_id 
_struct_conn.pdbx_ptnr3_label_asym_id 
_struct_conn.pdbx_ptnr3_label_alt_id 
_struct_conn.pdbx_ptnr3_PDB_ins_code 
_struct_conn.details 
_struct_conn.pdbx_dist_value 
_struct_conn.pdbx_value_order 
_struct_conn.pdbx_role 
covale1  covale both ? A DG  1 "O3'" ? ? ? 1_555 A BRU 2  P  ? ? A DG  1   A BRU 2   1_555 ? ? ? ? ? ? ?               1.622 ? ? 
covale2  covale both ? A BRU 2 "O3'" ? ? ? 1_555 A DT  3  P  ? ? A BRU 2   A DT  3   1_555 ? ? ? ? ? ? ?               1.599 ? ? 
covale3  covale both ? A DG  6 "O3'" ? ? ? 1_555 A S02 7  P  ? ? A DG  6   A S02 7   1_555 ? ? ? ? ? ? ?               1.597 ? ? 
covale4  covale one  ? A S02 7 "O3'" ? ? ? 1_555 A DC  8  P  ? ? A S02 7   A DC  9   1_555 ? ? ? ? ? ? ?               1.600 ? ? 
covale5  covale both ? B DG  1 "O3'" ? ? ? 1_555 B BRU 2  P  ? ? B DG  101 B BRU 102 1_555 ? ? ? ? ? ? ?               1.586 ? ? 
covale6  covale both ? B BRU 2 "O3'" ? ? ? 1_555 B DT  3  P  ? ? B BRU 102 B DT  103 1_555 ? ? ? ? ? ? ?               1.610 ? ? 
covale7  covale both ? B DG  6 "O3'" ? ? ? 1_555 B S02 7  P  ? ? B DG  106 B S02 107 1_555 ? ? ? ? ? ? ?               1.590 ? ? 
covale8  covale one  ? B S02 7 "O3'" ? ? ? 1_555 B DC  8  P  ? ? B S02 107 B DC  109 1_555 ? ? ? ? ? ? ?               1.605 ? ? 
covale9  covale both ? C DG  1 "O3'" ? ? ? 1_555 C BRU 2  P  ? ? C DG  201 C BRU 202 1_555 ? ? ? ? ? ? ?               1.612 ? ? 
covale10 covale both ? C BRU 2 "O3'" ? ? ? 1_555 C DT  3  P  ? ? C BRU 202 C DT  203 1_555 ? ? ? ? ? ? ?               1.595 ? ? 
covale11 covale both ? C DG  6 "O3'" ? ? ? 1_555 C S02 7  P  ? ? C DG  206 C S02 207 1_555 ? ? ? ? ? ? ?               1.570 ? ? 
covale12 covale one  ? C S02 7 "O3'" ? ? ? 1_555 C DC  8  P  ? ? C S02 207 C DC  209 1_555 ? ? ? ? ? ? ?               1.603 ? ? 
covale13 covale both ? D DG  1 "O3'" ? ? ? 1_555 D BRU 2  P  ? ? D DG  301 D BRU 302 1_555 ? ? ? ? ? ? ?               1.625 ? ? 
covale14 covale both ? D BRU 2 "O3'" ? ? ? 1_555 D DT  3  P  ? ? D BRU 302 D DT  303 1_555 ? ? ? ? ? ? ?               1.587 ? ? 
covale15 covale both ? D DG  6 "O3'" ? ? ? 1_555 D S02 7  P  ? ? D DG  306 D S02 307 1_555 ? ? ? ? ? ? ?               1.597 ? ? 
covale16 covale one  ? D S02 7 "O3'" ? ? ? 1_555 D DC  8  P  ? ? D S02 307 D DC  309 1_555 ? ? ? ? ? ? ?               1.606 ? ? 
hydrog1  hydrog ?    ? A DG  1 N1    ? ? ? 1_555 A DC  13 N3 ? ? A DG  1   A DC  14  1_555 ? ? ? ? ? ? WATSON-CRICK    ?     ? ? 
hydrog2  hydrog ?    ? A DG  1 N2    ? ? ? 1_555 A DC  13 O2 ? ? A DG  1   A DC  14  1_555 ? ? ? ? ? ? WATSON-CRICK    ?     ? ? 
hydrog3  hydrog ?    ? A DG  1 O6    ? ? ? 1_555 A DC  13 N4 ? ? A DG  1   A DC  14  1_555 ? ? ? ? ? ? WATSON-CRICK    ?     ? ? 
hydrog4  hydrog ?    ? A BRU 2 N3    ? ? ? 1_555 A DA  12 N1 ? ? A BRU 2   A DA  13  1_555 ? ? ? ? ? ? WATSON-CRICK    ?     ? ? 
hydrog5  hydrog ?    ? A BRU 2 O4    ? ? ? 1_555 A DA  12 N6 ? ? A BRU 2   A DA  13  1_555 ? ? ? ? ? ? WATSON-CRICK    ?     ? ? 
hydrog6  hydrog ?    ? A DT  3 N3    ? ? ? 1_555 A DA  11 N1 ? ? A DT  3   A DA  12  1_555 ? ? ? ? ? ? WATSON-CRICK    ?     ? ? 
hydrog7  hydrog ?    ? A DT  3 O4    ? ? ? 1_555 A DA  11 N6 ? ? A DT  3   A DA  12  1_555 ? ? ? ? ? ? WATSON-CRICK    ?     ? ? 
hydrog8  hydrog ?    ? A DT  4 N3    ? ? ? 1_555 A DA  10 N1 ? ? A DT  4   A DA  11  1_555 ? ? ? ? ? ? WATSON-CRICK    ?     ? ? 
hydrog9  hydrog ?    ? A DT  4 O4    ? ? ? 1_555 A DA  10 N6 ? ? A DT  4   A DA  11  1_555 ? ? ? ? ? ? WATSON-CRICK    ?     ? ? 
hydrog10 hydrog ?    ? A DT  5 N3    ? ? ? 1_555 A DA  9  N1 ? ? A DT  5   A DA  10  1_555 ? ? ? ? ? ? WATSON-CRICK    ?     ? ? 
hydrog11 hydrog ?    ? A DT  5 O4    ? ? ? 1_555 A DA  9  N6 ? ? A DT  5   A DA  10  1_555 ? ? ? ? ? ? WATSON-CRICK    ?     ? ? 
hydrog12 hydrog ?    ? A DG  6 N1    ? ? ? 1_555 A DC  8  N3 ? ? A DG  6   A DC  9   1_555 ? ? ? ? ? ? WATSON-CRICK    ?     ? ? 
hydrog13 hydrog ?    ? A DG  6 N2    ? ? ? 1_555 A DC  8  O2 ? ? A DG  6   A DC  9   1_555 ? ? ? ? ? ? WATSON-CRICK    ?     ? ? 
hydrog14 hydrog ?    ? A DG  6 O6    ? ? ? 1_555 A DC  8  N4 ? ? A DG  6   A DC  9   1_555 ? ? ? ? ? ? WATSON-CRICK    ?     ? ? 
hydrog15 hydrog ?    ? B DG  1 N1    ? ? ? 1_555 B DC  13 N3 ? ? B DG  101 B DC  114 1_555 ? ? ? ? ? ? WATSON-CRICK    ?     ? ? 
hydrog16 hydrog ?    ? B DG  1 N2    ? ? ? 1_555 B DC  13 O2 ? ? B DG  101 B DC  114 1_555 ? ? ? ? ? ? WATSON-CRICK    ?     ? ? 
hydrog17 hydrog ?    ? B DG  1 O6    ? ? ? 1_555 B DC  13 N4 ? ? B DG  101 B DC  114 1_555 ? ? ? ? ? ? WATSON-CRICK    ?     ? ? 
hydrog18 hydrog ?    ? B BRU 2 O4    ? ? ? 1_555 B DA  11 N6 ? ? B BRU 102 B DA  112 1_555 ? ? ? ? ? ? 'BRU-DA PAIR'   ?     ? ? 
hydrog19 hydrog ?    ? B BRU 2 N3    ? ? ? 1_555 B DA  12 N1 ? ? B BRU 102 B DA  113 1_555 ? ? ? ? ? ? WATSON-CRICK    ?     ? ? 
hydrog20 hydrog ?    ? B BRU 2 O4    ? ? ? 1_555 B DA  12 N6 ? ? B BRU 102 B DA  113 1_555 ? ? ? ? ? ? WATSON-CRICK    ?     ? ? 
hydrog21 hydrog ?    ? B DT  3 N3    ? ? ? 1_555 B DA  11 N1 ? ? B DT  103 B DA  112 1_555 ? ? ? ? ? ? WATSON-CRICK    ?     ? ? 
hydrog22 hydrog ?    ? B DT  3 O4    ? ? ? 1_555 B DA  11 N6 ? ? B DT  103 B DA  112 1_555 ? ? ? ? ? ? WATSON-CRICK    ?     ? ? 
hydrog23 hydrog ?    ? B DT  4 N3    ? ? ? 1_555 B DA  10 N1 ? ? B DT  104 B DA  111 1_555 ? ? ? ? ? ? WATSON-CRICK    ?     ? ? 
hydrog24 hydrog ?    ? B DT  4 O4    ? ? ? 1_555 B DA  10 N6 ? ? B DT  104 B DA  111 1_555 ? ? ? ? ? ? WATSON-CRICK    ?     ? ? 
hydrog25 hydrog ?    ? B DT  5 N3    ? ? ? 1_555 B DA  9  N1 ? ? B DT  105 B DA  110 1_555 ? ? ? ? ? ? WATSON-CRICK    ?     ? ? 
hydrog26 hydrog ?    ? B DT  5 O4    ? ? ? 1_555 B DA  9  N6 ? ? B DT  105 B DA  110 1_555 ? ? ? ? ? ? WATSON-CRICK    ?     ? ? 
hydrog27 hydrog ?    ? B DG  6 N1    ? ? ? 1_555 B DC  8  N3 ? ? B DG  106 B DC  109 1_555 ? ? ? ? ? ? WATSON-CRICK    ?     ? ? 
hydrog28 hydrog ?    ? B DG  6 N2    ? ? ? 1_555 B DC  8  O2 ? ? B DG  106 B DC  109 1_555 ? ? ? ? ? ? WATSON-CRICK    ?     ? ? 
hydrog29 hydrog ?    ? B DG  6 O6    ? ? ? 1_555 B DC  8  N4 ? ? B DG  106 B DC  109 1_555 ? ? ? ? ? ? WATSON-CRICK    ?     ? ? 
hydrog30 hydrog ?    ? C DG  1 N1    ? ? ? 1_555 C DC  13 N3 ? ? C DG  201 C DC  214 1_555 ? ? ? ? ? ? WATSON-CRICK    ?     ? ? 
hydrog31 hydrog ?    ? C DG  1 N2    ? ? ? 1_555 C DC  13 O2 ? ? C DG  201 C DC  214 1_555 ? ? ? ? ? ? WATSON-CRICK    ?     ? ? 
hydrog32 hydrog ?    ? C DG  1 O6    ? ? ? 1_555 C DC  13 N4 ? ? C DG  201 C DC  214 1_555 ? ? ? ? ? ? WATSON-CRICK    ?     ? ? 
hydrog33 hydrog ?    ? C BRU 2 N3    ? ? ? 1_555 C DA  12 N1 ? ? C BRU 202 C DA  213 1_555 ? ? ? ? ? ? WATSON-CRICK    ?     ? ? 
hydrog34 hydrog ?    ? C BRU 2 O4    ? ? ? 1_555 C DA  12 N6 ? ? C BRU 202 C DA  213 1_555 ? ? ? ? ? ? WATSON-CRICK    ?     ? ? 
hydrog35 hydrog ?    ? C DT  3 N3    ? ? ? 1_555 C DA  11 N1 ? ? C DT  203 C DA  212 1_555 ? ? ? ? ? ? WATSON-CRICK    ?     ? ? 
hydrog36 hydrog ?    ? C DT  3 O4    ? ? ? 1_555 C DA  11 N6 ? ? C DT  203 C DA  212 1_555 ? ? ? ? ? ? WATSON-CRICK    ?     ? ? 
hydrog37 hydrog ?    ? C DT  4 N3    ? ? ? 1_555 C DA  10 N1 ? ? C DT  204 C DA  211 1_555 ? ? ? ? ? ? WATSON-CRICK    ?     ? ? 
hydrog38 hydrog ?    ? C DT  4 O4    ? ? ? 1_555 C DA  10 N6 ? ? C DT  204 C DA  211 1_555 ? ? ? ? ? ? WATSON-CRICK    ?     ? ? 
hydrog39 hydrog ?    ? C DT  5 O4    ? ? ? 1_555 C DC  8  N4 ? ? C DT  205 C DC  209 1_555 ? ? ? ? ? ? 'DT-DC MISPAIR' ?     ? ? 
hydrog40 hydrog ?    ? C DT  5 N3    ? ? ? 1_555 C DA  9  N1 ? ? C DT  205 C DA  210 1_555 ? ? ? ? ? ? WATSON-CRICK    ?     ? ? 
hydrog41 hydrog ?    ? C DT  5 O4    ? ? ? 1_555 C DA  9  N6 ? ? C DT  205 C DA  210 1_555 ? ? ? ? ? ? WATSON-CRICK    ?     ? ? 
hydrog42 hydrog ?    ? C DG  6 N1    ? ? ? 1_555 C DC  8  N3 ? ? C DG  206 C DC  209 1_555 ? ? ? ? ? ? WATSON-CRICK    ?     ? ? 
hydrog43 hydrog ?    ? C DG  6 N2    ? ? ? 1_555 C DC  8  O2 ? ? C DG  206 C DC  209 1_555 ? ? ? ? ? ? WATSON-CRICK    ?     ? ? 
hydrog44 hydrog ?    ? C DG  6 O6    ? ? ? 1_555 C DC  8  N4 ? ? C DG  206 C DC  209 1_555 ? ? ? ? ? ? WATSON-CRICK    ?     ? ? 
hydrog45 hydrog ?    ? D DG  1 N1    ? ? ? 1_555 D DC  13 N3 ? ? D DG  301 D DC  314 1_555 ? ? ? ? ? ? WATSON-CRICK    ?     ? ? 
hydrog46 hydrog ?    ? D DG  1 N2    ? ? ? 1_555 D DC  13 O2 ? ? D DG  301 D DC  314 1_555 ? ? ? ? ? ? WATSON-CRICK    ?     ? ? 
hydrog47 hydrog ?    ? D DG  1 O6    ? ? ? 1_555 D DC  13 N4 ? ? D DG  301 D DC  314 1_555 ? ? ? ? ? ? WATSON-CRICK    ?     ? ? 
hydrog48 hydrog ?    ? D BRU 2 N3    ? ? ? 1_555 D DA  12 N1 ? ? D BRU 302 D DA  313 1_555 ? ? ? ? ? ? WATSON-CRICK    ?     ? ? 
hydrog49 hydrog ?    ? D BRU 2 O4    ? ? ? 1_555 D DA  12 N6 ? ? D BRU 302 D DA  313 1_555 ? ? ? ? ? ? WATSON-CRICK    ?     ? ? 
hydrog50 hydrog ?    ? D DT  3 N3    ? ? ? 1_555 D DA  11 N1 ? ? D DT  303 D DA  312 1_555 ? ? ? ? ? ? WATSON-CRICK    ?     ? ? 
hydrog51 hydrog ?    ? D DT  3 O4    ? ? ? 1_555 D DA  11 N6 ? ? D DT  303 D DA  312 1_555 ? ? ? ? ? ? WATSON-CRICK    ?     ? ? 
hydrog52 hydrog ?    ? D DT  4 N3    ? ? ? 1_555 D DA  10 N1 ? ? D DT  304 D DA  311 1_555 ? ? ? ? ? ? WATSON-CRICK    ?     ? ? 
hydrog53 hydrog ?    ? D DT  4 O4    ? ? ? 1_555 D DA  10 N6 ? ? D DT  304 D DA  311 1_555 ? ? ? ? ? ? WATSON-CRICK    ?     ? ? 
hydrog54 hydrog ?    ? D DT  5 N3    ? ? ? 1_555 D DA  9  N1 ? ? D DT  305 D DA  310 1_555 ? ? ? ? ? ? WATSON-CRICK    ?     ? ? 
hydrog55 hydrog ?    ? D DT  5 O4    ? ? ? 1_555 D DA  9  N6 ? ? D DT  305 D DA  310 1_555 ? ? ? ? ? ? WATSON-CRICK    ?     ? ? 
hydrog56 hydrog ?    ? D DG  6 N1    ? ? ? 1_555 D DC  8  N3 ? ? D DG  306 D DC  309 1_555 ? ? ? ? ? ? WATSON-CRICK    ?     ? ? 
hydrog57 hydrog ?    ? D DG  6 N2    ? ? ? 1_555 D DC  8  O2 ? ? D DG  306 D DC  309 1_555 ? ? ? ? ? ? WATSON-CRICK    ?     ? ? 
hydrog58 hydrog ?    ? D DG  6 O6    ? ? ? 1_555 D DC  8  N4 ? ? D DG  306 D DC  309 1_555 ? ? ? ? ? ? WATSON-CRICK    ?     ? ? 
# 
loop_
_struct_conn_type.id 
_struct_conn_type.criteria 
_struct_conn_type.reference 
covale ? ? 
hydrog ? ? 
# 
_struct_site.id                   1 
_struct_site.pdbx_evidence_code   ? 
_struct_site.pdbx_auth_asym_id    ? 
_struct_site.pdbx_auth_comp_id    ? 
_struct_site.pdbx_auth_seq_id     ? 
_struct_site.pdbx_auth_ins_code   ? 
_struct_site.pdbx_num_residues    ? 
_struct_site.details              ? 
# 
_pdbx_validate_rmsd_angle.id                         1 
_pdbx_validate_rmsd_angle.PDB_model_num              1 
_pdbx_validate_rmsd_angle.auth_atom_id_1             "C5'" 
_pdbx_validate_rmsd_angle.auth_asym_id_1             A 
_pdbx_validate_rmsd_angle.auth_comp_id_1             DA 
_pdbx_validate_rmsd_angle.auth_seq_id_1              13 
_pdbx_validate_rmsd_angle.PDB_ins_code_1             ? 
_pdbx_validate_rmsd_angle.label_alt_id_1             ? 
_pdbx_validate_rmsd_angle.auth_atom_id_2             "C4'" 
_pdbx_validate_rmsd_angle.auth_asym_id_2             A 
_pdbx_validate_rmsd_angle.auth_comp_id_2             DA 
_pdbx_validate_rmsd_angle.auth_seq_id_2              13 
_pdbx_validate_rmsd_angle.PDB_ins_code_2             ? 
_pdbx_validate_rmsd_angle.label_alt_id_2             ? 
_pdbx_validate_rmsd_angle.auth_atom_id_3             "O4'" 
_pdbx_validate_rmsd_angle.auth_asym_id_3             A 
_pdbx_validate_rmsd_angle.auth_comp_id_3             DA 
_pdbx_validate_rmsd_angle.auth_seq_id_3              13 
_pdbx_validate_rmsd_angle.PDB_ins_code_3             ? 
_pdbx_validate_rmsd_angle.label_alt_id_3             ? 
_pdbx_validate_rmsd_angle.angle_value                118.98 
_pdbx_validate_rmsd_angle.angle_target_value         109.80 
_pdbx_validate_rmsd_angle.angle_deviation            9.18 
_pdbx_validate_rmsd_angle.angle_standard_deviation   1.10 
_pdbx_validate_rmsd_angle.linker_flag                N 
# 
loop_
_pdbx_validate_chiral.id 
_pdbx_validate_chiral.PDB_model_num 
_pdbx_validate_chiral.auth_atom_id 
_pdbx_validate_chiral.label_alt_id 
_pdbx_validate_chiral.auth_asym_id 
_pdbx_validate_chiral.auth_comp_id 
_pdbx_validate_chiral.auth_seq_id 
_pdbx_validate_chiral.PDB_ins_code 
_pdbx_validate_chiral.details 
_pdbx_validate_chiral.omega 
1 1 C4A ? A S02 7   ? PLANAR . 
2 1 C4B ? A S02 7   ? PLANAR . 
3 1 C4A ? B S02 107 ? PLANAR . 
4 1 C4B ? B S02 107 ? PLANAR . 
5 1 C4A ? C S02 207 ? PLANAR . 
6 1 C4B ? C S02 207 ? PLANAR . 
7 1 C4A ? D S02 307 ? PLANAR . 
8 1 C4B ? D S02 307 ? PLANAR . 
# 
loop_
_pdbx_struct_mod_residue.id 
_pdbx_struct_mod_residue.label_asym_id 
_pdbx_struct_mod_residue.label_comp_id 
_pdbx_struct_mod_residue.label_seq_id 
_pdbx_struct_mod_residue.auth_asym_id 
_pdbx_struct_mod_residue.auth_comp_id 
_pdbx_struct_mod_residue.auth_seq_id 
_pdbx_struct_mod_residue.PDB_ins_code 
_pdbx_struct_mod_residue.parent_comp_id 
_pdbx_struct_mod_residue.details 
1 A BRU 2 A BRU 2   ? DU ? 
2 B BRU 2 B BRU 102 ? DU ? 
3 C BRU 2 C BRU 202 ? DU ? 
4 D BRU 2 D BRU 302 ? DU ? 
# 
_struct_site_keywords.site_id   1 
_struct_site_keywords.text      COVALENT 
# 
loop_
_chem_comp_atom.comp_id 
_chem_comp_atom.atom_id 
_chem_comp_atom.type_symbol 
_chem_comp_atom.pdbx_aromatic_flag 
_chem_comp_atom.pdbx_stereo_config 
_chem_comp_atom.pdbx_ordinal 
BRU N1     N  N N 1   
BRU C2     C  N N 2   
BRU N3     N  N N 3   
BRU C4     C  N N 4   
BRU C5     C  N N 5   
BRU C6     C  N N 6   
BRU O2     O  N N 7   
BRU O4     O  N N 8   
BRU BR     BR N N 9   
BRU "C1'"  C  N R 10  
BRU "C2'"  C  N N 11  
BRU "C3'"  C  N S 12  
BRU "C4'"  C  N R 13  
BRU "O3'"  O  N N 14  
BRU "O4'"  O  N N 15  
BRU "C5'"  C  N N 16  
BRU "O5'"  O  N N 17  
BRU P      P  N N 18  
BRU OP1    O  N N 19  
BRU OP2    O  N N 20  
BRU OP3    O  N N 21  
BRU HN3    H  N N 22  
BRU H6     H  N N 23  
BRU "H1'"  H  N N 24  
BRU "H2'"  H  N N 25  
BRU "H2''" H  N N 26  
BRU "H3'"  H  N N 27  
BRU "H4'"  H  N N 28  
BRU "HO3'" H  N N 29  
BRU "H5'"  H  N N 30  
BRU "H5''" H  N N 31  
BRU HOP2   H  N N 32  
BRU HOP3   H  N N 33  
DA  OP3    O  N N 34  
DA  P      P  N N 35  
DA  OP1    O  N N 36  
DA  OP2    O  N N 37  
DA  "O5'"  O  N N 38  
DA  "C5'"  C  N N 39  
DA  "C4'"  C  N R 40  
DA  "O4'"  O  N N 41  
DA  "C3'"  C  N S 42  
DA  "O3'"  O  N N 43  
DA  "C2'"  C  N N 44  
DA  "C1'"  C  N R 45  
DA  N9     N  Y N 46  
DA  C8     C  Y N 47  
DA  N7     N  Y N 48  
DA  C5     C  Y N 49  
DA  C6     C  Y N 50  
DA  N6     N  N N 51  
DA  N1     N  Y N 52  
DA  C2     C  Y N 53  
DA  N3     N  Y N 54  
DA  C4     C  Y N 55  
DA  HOP3   H  N N 56  
DA  HOP2   H  N N 57  
DA  "H5'"  H  N N 58  
DA  "H5''" H  N N 59  
DA  "H4'"  H  N N 60  
DA  "H3'"  H  N N 61  
DA  "HO3'" H  N N 62  
DA  "H2'"  H  N N 63  
DA  "H2''" H  N N 64  
DA  "H1'"  H  N N 65  
DA  H8     H  N N 66  
DA  H61    H  N N 67  
DA  H62    H  N N 68  
DA  H2     H  N N 69  
DC  OP3    O  N N 70  
DC  P      P  N N 71  
DC  OP1    O  N N 72  
DC  OP2    O  N N 73  
DC  "O5'"  O  N N 74  
DC  "C5'"  C  N N 75  
DC  "C4'"  C  N R 76  
DC  "O4'"  O  N N 77  
DC  "C3'"  C  N S 78  
DC  "O3'"  O  N N 79  
DC  "C2'"  C  N N 80  
DC  "C1'"  C  N R 81  
DC  N1     N  N N 82  
DC  C2     C  N N 83  
DC  O2     O  N N 84  
DC  N3     N  N N 85  
DC  C4     C  N N 86  
DC  N4     N  N N 87  
DC  C5     C  N N 88  
DC  C6     C  N N 89  
DC  HOP3   H  N N 90  
DC  HOP2   H  N N 91  
DC  "H5'"  H  N N 92  
DC  "H5''" H  N N 93  
DC  "H4'"  H  N N 94  
DC  "H3'"  H  N N 95  
DC  "HO3'" H  N N 96  
DC  "H2'"  H  N N 97  
DC  "H2''" H  N N 98  
DC  "H1'"  H  N N 99  
DC  H41    H  N N 100 
DC  H42    H  N N 101 
DC  H5     H  N N 102 
DC  H6     H  N N 103 
DG  OP3    O  N N 104 
DG  P      P  N N 105 
DG  OP1    O  N N 106 
DG  OP2    O  N N 107 
DG  "O5'"  O  N N 108 
DG  "C5'"  C  N N 109 
DG  "C4'"  C  N R 110 
DG  "O4'"  O  N N 111 
DG  "C3'"  C  N S 112 
DG  "O3'"  O  N N 113 
DG  "C2'"  C  N N 114 
DG  "C1'"  C  N R 115 
DG  N9     N  Y N 116 
DG  C8     C  Y N 117 
DG  N7     N  Y N 118 
DG  C5     C  Y N 119 
DG  C6     C  N N 120 
DG  O6     O  N N 121 
DG  N1     N  N N 122 
DG  C2     C  N N 123 
DG  N2     N  N N 124 
DG  N3     N  N N 125 
DG  C4     C  Y N 126 
DG  HOP3   H  N N 127 
DG  HOP2   H  N N 128 
DG  "H5'"  H  N N 129 
DG  "H5''" H  N N 130 
DG  "H4'"  H  N N 131 
DG  "H3'"  H  N N 132 
DG  "HO3'" H  N N 133 
DG  "H2'"  H  N N 134 
DG  "H2''" H  N N 135 
DG  "H1'"  H  N N 136 
DG  H8     H  N N 137 
DG  H1     H  N N 138 
DG  H21    H  N N 139 
DG  H22    H  N N 140 
DT  OP3    O  N N 141 
DT  P      P  N N 142 
DT  OP1    O  N N 143 
DT  OP2    O  N N 144 
DT  "O5'"  O  N N 145 
DT  "C5'"  C  N N 146 
DT  "C4'"  C  N R 147 
DT  "O4'"  O  N N 148 
DT  "C3'"  C  N S 149 
DT  "O3'"  O  N N 150 
DT  "C2'"  C  N N 151 
DT  "C1'"  C  N R 152 
DT  N1     N  N N 153 
DT  C2     C  N N 154 
DT  O2     O  N N 155 
DT  N3     N  N N 156 
DT  C4     C  N N 157 
DT  O4     O  N N 158 
DT  C5     C  N N 159 
DT  C7     C  N N 160 
DT  C6     C  N N 161 
DT  HOP3   H  N N 162 
DT  HOP2   H  N N 163 
DT  "H5'"  H  N N 164 
DT  "H5''" H  N N 165 
DT  "H4'"  H  N N 166 
DT  "H3'"  H  N N 167 
DT  "HO3'" H  N N 168 
DT  "H2'"  H  N N 169 
DT  "H2''" H  N N 170 
DT  "H1'"  H  N N 171 
DT  H3     H  N N 172 
DT  H71    H  N N 173 
DT  H72    H  N N 174 
DT  H73    H  N N 175 
DT  H6     H  N N 176 
HOH O      O  N N 177 
HOH H1     H  N N 178 
HOH H2     H  N N 179 
S02 P      P  N N 180 
S02 O1P    O  N N 181 
S02 O2P    O  N N 182 
S02 O3P    O  N N 183 
S02 "O5'"  O  N N 184 
S02 "C5'"  C  N N 185 
S02 "CA'"  C  N N 186 
S02 "OB'"  O  N N 187 
S02 C1A    C  N N 188 
S02 C6A    C  N N 189 
S02 C2A    C  N N 190 
S02 C3A    C  N N 191 
S02 C4A    C  N R 192 
S02 C7A    C  N N 193 
S02 C5A    C  N N 194 
S02 C1B    C  N N 195 
S02 C6B    C  N N 196 
S02 C2B    C  N N 197 
S02 C3B    C  N N 198 
S02 C4B    C  N R 199 
S02 C7B    C  N N 200 
S02 C5B    C  N N 201 
S02 "OC'"  O  N N 202 
S02 "CD'"  C  N N 203 
S02 "C3'"  C  N N 204 
S02 "O3'"  O  N N 205 
S02 HOP2   H  N N 206 
S02 HOP3   H  N N 207 
S02 "H5'1" H  N N 208 
S02 "H5'2" H  N N 209 
S02 HA1    H  N N 210 
S02 HA2    H  N N 211 
S02 H1A    H  N N 212 
S02 H6A1   H  N N 213 
S02 H6A2   H  N N 214 
S02 H2A1   H  N N 215 
S02 H2A2   H  N N 216 
S02 H3A1   H  N N 217 
S02 H3A2   H  N N 218 
S02 H7A    H  N N 219 
S02 H5A1   H  N N 220 
S02 H5A2   H  N N 221 
S02 H1B    H  N N 222 
S02 H6B1   H  N N 223 
S02 H6B2   H  N N 224 
S02 H2B1   H  N N 225 
S02 H2B2   H  N N 226 
S02 H3B1   H  N N 227 
S02 H3B2   H  N N 228 
S02 H7B    H  N N 229 
S02 H5B1   H  N N 230 
S02 H5B2   H  N N 231 
S02 "HD'1" H  N N 232 
S02 "HD'2" H  N N 233 
S02 "H3'1" H  N N 234 
S02 "H3'2" H  N N 235 
S02 "HO3'" H  N N 236 
SR  SR     SR N N 237 
# 
loop_
_chem_comp_bond.comp_id 
_chem_comp_bond.atom_id_1 
_chem_comp_bond.atom_id_2 
_chem_comp_bond.value_order 
_chem_comp_bond.pdbx_aromatic_flag 
_chem_comp_bond.pdbx_stereo_config 
_chem_comp_bond.pdbx_ordinal 
BRU N1    C2     sing N N 1   
BRU N1    C6     sing N N 2   
BRU N1    "C1'"  sing N N 3   
BRU C2    N3     sing N N 4   
BRU C2    O2     doub N N 5   
BRU N3    C4     sing N N 6   
BRU N3    HN3    sing N N 7   
BRU C4    C5     sing N N 8   
BRU C4    O4     doub N N 9   
BRU C5    C6     doub N N 10  
BRU C5    BR     sing N N 11  
BRU C6    H6     sing N N 12  
BRU "C1'" "C2'"  sing N N 13  
BRU "C1'" "O4'"  sing N N 14  
BRU "C1'" "H1'"  sing N N 15  
BRU "C2'" "C3'"  sing N N 16  
BRU "C2'" "H2'"  sing N N 17  
BRU "C2'" "H2''" sing N N 18  
BRU "C3'" "C4'"  sing N N 19  
BRU "C3'" "O3'"  sing N N 20  
BRU "C3'" "H3'"  sing N N 21  
BRU "C4'" "O4'"  sing N N 22  
BRU "C4'" "C5'"  sing N N 23  
BRU "C4'" "H4'"  sing N N 24  
BRU "O3'" "HO3'" sing N N 25  
BRU "C5'" "O5'"  sing N N 26  
BRU "C5'" "H5'"  sing N N 27  
BRU "C5'" "H5''" sing N N 28  
BRU "O5'" P      sing N N 29  
BRU P     OP1    doub N N 30  
BRU P     OP2    sing N N 31  
BRU P     OP3    sing N N 32  
BRU OP2   HOP2   sing N N 33  
BRU OP3   HOP3   sing N N 34  
DA  OP3   P      sing N N 35  
DA  OP3   HOP3   sing N N 36  
DA  P     OP1    doub N N 37  
DA  P     OP2    sing N N 38  
DA  P     "O5'"  sing N N 39  
DA  OP2   HOP2   sing N N 40  
DA  "O5'" "C5'"  sing N N 41  
DA  "C5'" "C4'"  sing N N 42  
DA  "C5'" "H5'"  sing N N 43  
DA  "C5'" "H5''" sing N N 44  
DA  "C4'" "O4'"  sing N N 45  
DA  "C4'" "C3'"  sing N N 46  
DA  "C4'" "H4'"  sing N N 47  
DA  "O4'" "C1'"  sing N N 48  
DA  "C3'" "O3'"  sing N N 49  
DA  "C3'" "C2'"  sing N N 50  
DA  "C3'" "H3'"  sing N N 51  
DA  "O3'" "HO3'" sing N N 52  
DA  "C2'" "C1'"  sing N N 53  
DA  "C2'" "H2'"  sing N N 54  
DA  "C2'" "H2''" sing N N 55  
DA  "C1'" N9     sing N N 56  
DA  "C1'" "H1'"  sing N N 57  
DA  N9    C8     sing Y N 58  
DA  N9    C4     sing Y N 59  
DA  C8    N7     doub Y N 60  
DA  C8    H8     sing N N 61  
DA  N7    C5     sing Y N 62  
DA  C5    C6     sing Y N 63  
DA  C5    C4     doub Y N 64  
DA  C6    N6     sing N N 65  
DA  C6    N1     doub Y N 66  
DA  N6    H61    sing N N 67  
DA  N6    H62    sing N N 68  
DA  N1    C2     sing Y N 69  
DA  C2    N3     doub Y N 70  
DA  C2    H2     sing N N 71  
DA  N3    C4     sing Y N 72  
DC  OP3   P      sing N N 73  
DC  OP3   HOP3   sing N N 74  
DC  P     OP1    doub N N 75  
DC  P     OP2    sing N N 76  
DC  P     "O5'"  sing N N 77  
DC  OP2   HOP2   sing N N 78  
DC  "O5'" "C5'"  sing N N 79  
DC  "C5'" "C4'"  sing N N 80  
DC  "C5'" "H5'"  sing N N 81  
DC  "C5'" "H5''" sing N N 82  
DC  "C4'" "O4'"  sing N N 83  
DC  "C4'" "C3'"  sing N N 84  
DC  "C4'" "H4'"  sing N N 85  
DC  "O4'" "C1'"  sing N N 86  
DC  "C3'" "O3'"  sing N N 87  
DC  "C3'" "C2'"  sing N N 88  
DC  "C3'" "H3'"  sing N N 89  
DC  "O3'" "HO3'" sing N N 90  
DC  "C2'" "C1'"  sing N N 91  
DC  "C2'" "H2'"  sing N N 92  
DC  "C2'" "H2''" sing N N 93  
DC  "C1'" N1     sing N N 94  
DC  "C1'" "H1'"  sing N N 95  
DC  N1    C2     sing N N 96  
DC  N1    C6     sing N N 97  
DC  C2    O2     doub N N 98  
DC  C2    N3     sing N N 99  
DC  N3    C4     doub N N 100 
DC  C4    N4     sing N N 101 
DC  C4    C5     sing N N 102 
DC  N4    H41    sing N N 103 
DC  N4    H42    sing N N 104 
DC  C5    C6     doub N N 105 
DC  C5    H5     sing N N 106 
DC  C6    H6     sing N N 107 
DG  OP3   P      sing N N 108 
DG  OP3   HOP3   sing N N 109 
DG  P     OP1    doub N N 110 
DG  P     OP2    sing N N 111 
DG  P     "O5'"  sing N N 112 
DG  OP2   HOP2   sing N N 113 
DG  "O5'" "C5'"  sing N N 114 
DG  "C5'" "C4'"  sing N N 115 
DG  "C5'" "H5'"  sing N N 116 
DG  "C5'" "H5''" sing N N 117 
DG  "C4'" "O4'"  sing N N 118 
DG  "C4'" "C3'"  sing N N 119 
DG  "C4'" "H4'"  sing N N 120 
DG  "O4'" "C1'"  sing N N 121 
DG  "C3'" "O3'"  sing N N 122 
DG  "C3'" "C2'"  sing N N 123 
DG  "C3'" "H3'"  sing N N 124 
DG  "O3'" "HO3'" sing N N 125 
DG  "C2'" "C1'"  sing N N 126 
DG  "C2'" "H2'"  sing N N 127 
DG  "C2'" "H2''" sing N N 128 
DG  "C1'" N9     sing N N 129 
DG  "C1'" "H1'"  sing N N 130 
DG  N9    C8     sing Y N 131 
DG  N9    C4     sing Y N 132 
DG  C8    N7     doub Y N 133 
DG  C8    H8     sing N N 134 
DG  N7    C5     sing Y N 135 
DG  C5    C6     sing N N 136 
DG  C5    C4     doub Y N 137 
DG  C6    O6     doub N N 138 
DG  C6    N1     sing N N 139 
DG  N1    C2     sing N N 140 
DG  N1    H1     sing N N 141 
DG  C2    N2     sing N N 142 
DG  C2    N3     doub N N 143 
DG  N2    H21    sing N N 144 
DG  N2    H22    sing N N 145 
DG  N3    C4     sing N N 146 
DT  OP3   P      sing N N 147 
DT  OP3   HOP3   sing N N 148 
DT  P     OP1    doub N N 149 
DT  P     OP2    sing N N 150 
DT  P     "O5'"  sing N N 151 
DT  OP2   HOP2   sing N N 152 
DT  "O5'" "C5'"  sing N N 153 
DT  "C5'" "C4'"  sing N N 154 
DT  "C5'" "H5'"  sing N N 155 
DT  "C5'" "H5''" sing N N 156 
DT  "C4'" "O4'"  sing N N 157 
DT  "C4'" "C3'"  sing N N 158 
DT  "C4'" "H4'"  sing N N 159 
DT  "O4'" "C1'"  sing N N 160 
DT  "C3'" "O3'"  sing N N 161 
DT  "C3'" "C2'"  sing N N 162 
DT  "C3'" "H3'"  sing N N 163 
DT  "O3'" "HO3'" sing N N 164 
DT  "C2'" "C1'"  sing N N 165 
DT  "C2'" "H2'"  sing N N 166 
DT  "C2'" "H2''" sing N N 167 
DT  "C1'" N1     sing N N 168 
DT  "C1'" "H1'"  sing N N 169 
DT  N1    C2     sing N N 170 
DT  N1    C6     sing N N 171 
DT  C2    O2     doub N N 172 
DT  C2    N3     sing N N 173 
DT  N3    C4     sing N N 174 
DT  N3    H3     sing N N 175 
DT  C4    O4     doub N N 176 
DT  C4    C5     sing N N 177 
DT  C5    C7     sing N N 178 
DT  C5    C6     doub N N 179 
DT  C7    H71    sing N N 180 
DT  C7    H72    sing N N 181 
DT  C7    H73    sing N N 182 
DT  C6    H6     sing N N 183 
HOH O     H1     sing N N 184 
HOH O     H2     sing N N 185 
S02 P     O1P    doub N N 186 
S02 P     O2P    sing N N 187 
S02 P     O3P    sing N N 188 
S02 P     "O5'"  sing N N 189 
S02 O2P   HOP2   sing N N 190 
S02 O3P   HOP3   sing N N 191 
S02 "O5'" "C5'"  sing N N 192 
S02 "C5'" "CA'"  sing N N 193 
S02 "C5'" "H5'1" sing N N 194 
S02 "C5'" "H5'2" sing N N 195 
S02 "CA'" "OB'"  sing N N 196 
S02 "CA'" HA1    sing N N 197 
S02 "CA'" HA2    sing N N 198 
S02 "OB'" C1A    sing N N 199 
S02 C1A   C6A    sing N N 200 
S02 C1A   C2A    sing N N 201 
S02 C1A   H1A    sing N N 202 
S02 C6A   C5A    sing N N 203 
S02 C6A   H6A1   sing N N 204 
S02 C6A   H6A2   sing N N 205 
S02 C2A   C3A    sing N N 206 
S02 C2A   H2A1   sing N N 207 
S02 C2A   H2A2   sing N N 208 
S02 C3A   C4A    sing N N 209 
S02 C3A   H3A1   sing N N 210 
S02 C3A   H3A2   sing N N 211 
S02 C4A   C7A    doub N N 212 
S02 C4A   C5A    sing N N 213 
S02 C7A   C7B    sing N N 214 
S02 C7A   H7A    sing N N 215 
S02 C5A   H5A1   sing N N 216 
S02 C5A   H5A2   sing N N 217 
S02 C1B   C6B    sing N N 218 
S02 C1B   C2B    sing N N 219 
S02 C1B   "OC'"  sing N N 220 
S02 C1B   H1B    sing N N 221 
S02 C6B   C5B    sing N N 222 
S02 C6B   H6B1   sing N N 223 
S02 C6B   H6B2   sing N N 224 
S02 C2B   C3B    sing N N 225 
S02 C2B   H2B1   sing N N 226 
S02 C2B   H2B2   sing N N 227 
S02 C3B   C4B    sing N N 228 
S02 C3B   H3B1   sing N N 229 
S02 C3B   H3B2   sing N N 230 
S02 C4B   C7B    doub N N 231 
S02 C4B   C5B    sing N N 232 
S02 C7B   H7B    sing N N 233 
S02 C5B   H5B1   sing N N 234 
S02 C5B   H5B2   sing N N 235 
S02 "OC'" "CD'"  sing N N 236 
S02 "CD'" "C3'"  sing N N 237 
S02 "CD'" "HD'1" sing N N 238 
S02 "CD'" "HD'2" sing N N 239 
S02 "C3'" "O3'"  sing N N 240 
S02 "C3'" "H3'1" sing N N 241 
S02 "C3'" "H3'2" sing N N 242 
S02 "O3'" "HO3'" sing N N 243 
# 
loop_
_ndb_struct_conf_na.entry_id 
_ndb_struct_conf_na.feature 
1CS7 'double helix'         
1CS7 'b-form double helix'  
1CS7 'hairpin loop'         
1CS7 'mismatched base pair' 
# 
loop_
_ndb_struct_na_base_pair.model_number 
_ndb_struct_na_base_pair.i_label_asym_id 
_ndb_struct_na_base_pair.i_label_comp_id 
_ndb_struct_na_base_pair.i_label_seq_id 
_ndb_struct_na_base_pair.i_symmetry 
_ndb_struct_na_base_pair.j_label_asym_id 
_ndb_struct_na_base_pair.j_label_comp_id 
_ndb_struct_na_base_pair.j_label_seq_id 
_ndb_struct_na_base_pair.j_symmetry 
_ndb_struct_na_base_pair.shear 
_ndb_struct_na_base_pair.stretch 
_ndb_struct_na_base_pair.stagger 
_ndb_struct_na_base_pair.buckle 
_ndb_struct_na_base_pair.propeller 
_ndb_struct_na_base_pair.opening 
_ndb_struct_na_base_pair.pair_number 
_ndb_struct_na_base_pair.pair_name 
_ndb_struct_na_base_pair.i_auth_asym_id 
_ndb_struct_na_base_pair.i_auth_seq_id 
_ndb_struct_na_base_pair.i_PDB_ins_code 
_ndb_struct_na_base_pair.j_auth_asym_id 
_ndb_struct_na_base_pair.j_auth_seq_id 
_ndb_struct_na_base_pair.j_PDB_ins_code 
_ndb_struct_na_base_pair.hbond_type_28 
_ndb_struct_na_base_pair.hbond_type_12 
1 A DG  1 1_555 A DC 13 1_555 -0.161 -0.070 -0.054 5.042   -7.993  0.444  1  A_DG1:DC14_A     A 1   ? A 14  ? 19 1 
1 A BRU 2 1_555 A DA 12 1_555 0.009  -0.135 0.517  -3.341  -14.300 -1.018 2  A_BRU2:DA13_A    A 2   ? A 13  ? 20 1 
1 A DT  3 1_555 A DA 11 1_555 -0.066 -0.143 0.729  -4.768  -6.098  -2.024 3  A_DT3:DA12_A     A 3   ? A 12  ? 20 1 
1 A DT  4 1_555 A DA 10 1_555 -0.088 -0.088 -0.040 -3.860  -13.531 -1.078 4  A_DT4:DA11_A     A 4   ? A 11  ? 20 1 
1 A DT  5 1_555 A DA 9  1_555 -0.020 -0.146 0.366  -8.223  -10.197 3.516  5  A_DT5:DA10_A     A 5   ? A 10  ? 20 1 
1 A DG  6 1_555 A DC 8  1_555 -0.158 -0.083 0.670  14.224  0.105   0.062  6  A_DG6:DC9_A      A 6   ? A 9   ? 19 1 
1 B DG  1 1_555 B DC 13 1_555 -0.144 -0.046 -0.178 -9.084  -5.160  -1.301 7  B_DG101:DC114_B  B 101 ? B 114 ? 19 1 
1 B BRU 2 1_555 B DA 12 1_555 -0.144 -0.095 0.664  -15.916 -18.051 -3.980 8  B_BRU102:DA113_B B 102 ? B 113 ? 20 1 
1 B DT  3 1_555 B DA 11 1_555 -0.142 -0.088 0.398  -6.568  -23.690 -3.686 9  B_DT103:DA112_B  B 103 ? B 112 ? 20 1 
1 B DT  4 1_555 B DA 10 1_555 -0.104 -0.022 0.012  -4.499  -13.375 -2.482 10 B_DT104:DA111_B  B 104 ? B 111 ? 20 1 
1 B DT  5 1_555 B DA 9  1_555 -0.067 -0.099 -0.127 -10.138 -11.096 2.601  11 B_DT105:DA110_B  B 105 ? B 110 ? 20 1 
1 B DG  6 1_555 B DC 8  1_555 -0.117 -0.075 -0.053 6.209   2.143   -1.548 12 B_DG106:DC109_B  B 106 ? B 109 ? 19 1 
1 C DG  1 1_555 C DC 13 1_555 -0.162 -0.078 0.253  0.985   -6.738  -0.298 13 C_DG201:DC214_C  C 201 ? C 214 ? 19 1 
1 C BRU 2 1_555 C DA 12 1_555 -0.114 -0.037 0.574  -5.830  -9.938  -4.465 14 C_BRU202:DA213_C C 202 ? C 213 ? 20 1 
1 C DT  3 1_555 C DA 11 1_555 -0.081 -0.112 0.192  -5.383  -18.709 1.618  15 C_DT203:DA212_C  C 203 ? C 212 ? 20 1 
1 C DT  4 1_555 C DA 10 1_555 -0.121 -0.192 0.824  -13.407 -15.180 -3.866 16 C_DT204:DA211_C  C 204 ? C 211 ? 20 1 
1 C DT  5 1_555 C DA 9  1_555 -0.031 -0.161 0.630  -16.416 -7.365  6.417  17 C_DT205:DA210_C  C 205 ? C 210 ? 20 1 
1 C DG  6 1_555 C DC 8  1_555 -0.093 -0.164 0.854  14.864  5.705   -3.692 18 C_DG206:DC209_C  C 206 ? C 209 ? 19 1 
1 D DG  1 1_555 D DC 13 1_555 -0.169 -0.042 -0.380 -4.282  -10.841 2.849  19 D_DG301:DC314_D  D 301 ? D 314 ? 19 1 
1 D BRU 2 1_555 D DA 12 1_555 0.040  -0.111 0.459  -8.273  -14.807 3.737  20 D_BRU302:DA313_D D 302 ? D 313 ? 20 1 
1 D DT  3 1_555 D DA 11 1_555 -0.081 -0.099 0.384  -5.433  -17.807 2.029  21 D_DT303:DA312_D  D 303 ? D 312 ? 20 1 
1 D DT  4 1_555 D DA 10 1_555 -0.186 -0.060 0.377  -7.053  -12.855 -3.824 22 D_DT304:DA311_D  D 304 ? D 311 ? 20 1 
1 D DT  5 1_555 D DA 9  1_555 -0.011 -0.092 0.179  7.755   -15.217 -0.009 23 D_DT305:DA310_D  D 305 ? D 310 ? 20 1 
1 D DG  6 1_555 D DC 8  1_555 -0.081 -0.057 0.558  12.706  -9.561  -3.205 24 D_DG306:DC309_D  D 306 ? D 309 ? 19 1 
# 
loop_
_ndb_struct_na_base_pair_step.model_number 
_ndb_struct_na_base_pair_step.i_label_asym_id_1 
_ndb_struct_na_base_pair_step.i_label_comp_id_1 
_ndb_struct_na_base_pair_step.i_label_seq_id_1 
_ndb_struct_na_base_pair_step.i_symmetry_1 
_ndb_struct_na_base_pair_step.j_label_asym_id_1 
_ndb_struct_na_base_pair_step.j_label_comp_id_1 
_ndb_struct_na_base_pair_step.j_label_seq_id_1 
_ndb_struct_na_base_pair_step.j_symmetry_1 
_ndb_struct_na_base_pair_step.i_label_asym_id_2 
_ndb_struct_na_base_pair_step.i_label_comp_id_2 
_ndb_struct_na_base_pair_step.i_label_seq_id_2 
_ndb_struct_na_base_pair_step.i_symmetry_2 
_ndb_struct_na_base_pair_step.j_label_asym_id_2 
_ndb_struct_na_base_pair_step.j_label_comp_id_2 
_ndb_struct_na_base_pair_step.j_label_seq_id_2 
_ndb_struct_na_base_pair_step.j_symmetry_2 
_ndb_struct_na_base_pair_step.shift 
_ndb_struct_na_base_pair_step.slide 
_ndb_struct_na_base_pair_step.rise 
_ndb_struct_na_base_pair_step.tilt 
_ndb_struct_na_base_pair_step.roll 
_ndb_struct_na_base_pair_step.twist 
_ndb_struct_na_base_pair_step.x_displacement 
_ndb_struct_na_base_pair_step.y_displacement 
_ndb_struct_na_base_pair_step.helical_rise 
_ndb_struct_na_base_pair_step.inclination 
_ndb_struct_na_base_pair_step.tip 
_ndb_struct_na_base_pair_step.helical_twist 
_ndb_struct_na_base_pair_step.step_number 
_ndb_struct_na_base_pair_step.step_name 
_ndb_struct_na_base_pair_step.i_auth_asym_id_1 
_ndb_struct_na_base_pair_step.i_auth_seq_id_1 
_ndb_struct_na_base_pair_step.i_PDB_ins_code_1 
_ndb_struct_na_base_pair_step.j_auth_asym_id_1 
_ndb_struct_na_base_pair_step.j_auth_seq_id_1 
_ndb_struct_na_base_pair_step.j_PDB_ins_code_1 
_ndb_struct_na_base_pair_step.i_auth_asym_id_2 
_ndb_struct_na_base_pair_step.i_auth_seq_id_2 
_ndb_struct_na_base_pair_step.i_PDB_ins_code_2 
_ndb_struct_na_base_pair_step.j_auth_asym_id_2 
_ndb_struct_na_base_pair_step.j_auth_seq_id_2 
_ndb_struct_na_base_pair_step.j_PDB_ins_code_2 
1 A DG  1 1_555 A DC 13 1_555 A BRU 2 1_555 A DA 12 1_555 -0.420 -1.008 3.470 -3.732 -2.638  32.675 -1.292 0.055  3.563 -4.661  
6.594   32.984 1  AA_DG1BRU2:DA13DC14_AA       A 1   ? A 14  ? A 2   ? A 13  ? 
1 A BRU 2 1_555 A DA 12 1_555 A DT  3 1_555 A DA 11 1_555 0.039  -0.787 3.276 -4.236 -6.612  36.634 -0.338 -0.629 3.338 -10.373 
6.645   37.438 2  AA_BRU2DT3:DA12DA13_AA       A 2   ? A 13  ? A 3   ? A 12  ? 
1 A DT  3 1_555 A DA 11 1_555 A DT  4 1_555 A DA 10 1_555 -0.122 -0.107 2.947 8.544  -7.679  43.890 0.477  0.843  2.856 -10.070 
-11.204 45.297 3  AA_DT3DT4:DA11DA12_AA        A 3   ? A 12  ? A 4   ? A 11  ? 
1 A DT  4 1_555 A DA 10 1_555 A DT  5 1_555 A DA 9  1_555 0.316  -0.249 3.397 -0.611 0.109   33.734 -0.448 -0.648 3.390 0.189   
1.052   33.739 4  AA_DT4DT5:DA10DA11_AA        A 4   ? A 11  ? A 5   ? A 10  ? 
1 A DT  5 1_555 A DA 9  1_555 A DG  6 1_555 A DC 8  1_555 0.399  0.667  3.137 -3.685 3.156   35.368 0.650  -1.164 3.127 5.165   
6.031   35.689 5  AA_DT5DG6:DC9DA10_AA         A 5   ? A 10  ? A 6   ? A 9   ? 
1 B DG  1 1_555 B DC 13 1_555 B BRU 2 1_555 B DA 12 1_555 -0.653 -0.914 3.393 -6.230 1.847   32.827 -1.909 0.056  3.401 3.229   
10.890  33.446 6  BB_DG101BRU102:DA113DC114_BB B 101 ? B 114 ? B 102 ? B 113 ? 
1 B BRU 2 1_555 B DA 12 1_555 B DT  3 1_555 B DA 11 1_555 -0.406 -0.696 2.892 -0.944 -10.649 38.127 0.116  0.499  2.983 -15.923 
1.412   39.544 7  BB_BRU102DT103:DA112DA113_BB B 102 ? B 113 ? B 103 ? B 112 ? 
1 B DT  3 1_555 B DA 11 1_555 B DT  4 1_555 B DA 10 1_555 0.474  -0.100 2.978 4.679  -6.743  44.043 0.435  -0.230 2.994 -8.900  
-6.176  44.764 8  BB_DT103DT104:DA111DA112_BB  B 103 ? B 112 ? B 104 ? B 111 ? 
1 B DT  4 1_555 B DA 10 1_555 B DT  5 1_555 B DA 9  1_555 0.405  0.339  3.443 4.690  2.390   33.151 0.170  0.119  3.481 4.156   
-8.156  33.555 9  BB_DT104DT105:DA110DA111_BB  B 104 ? B 111 ? B 105 ? B 110 ? 
1 B DT  5 1_555 B DA 9  1_555 B DG  6 1_555 B DC 8  1_555 0.288  1.245  3.463 -1.141 3.613   31.779 1.555  -0.745 3.566 6.569   
2.075   31.998 10 BB_DT105DG106:DC109DA110_BB  B 105 ? B 110 ? B 106 ? B 109 ? 
1 C DG  1 1_555 C DC 13 1_555 C BRU 2 1_555 C DA 12 1_555 -0.276 -1.143 3.418 -1.636 -2.485  33.947 -1.532 0.195  3.499 -4.245  
2.795   34.073 11 CC_DG201BRU202:DA213DC214_CC C 201 ? C 214 ? C 202 ? C 213 ? 
1 C BRU 2 1_555 C DA 12 1_555 C DT  3 1_555 C DA 11 1_555 -0.035 -0.418 3.081 4.366  -3.435  35.797 -0.214 0.638  3.082 -5.548  
-7.050  36.211 12 CC_BRU202DT203:DA212DA213_CC C 202 ? C 213 ? C 203 ? C 212 ? 
1 C DT  3 1_555 C DA 11 1_555 C DT  4 1_555 C DA 10 1_555 -0.138 -0.344 3.355 -7.114 -2.833  42.529 -0.181 -0.533 3.350 -3.868  
9.713   43.181 13 CC_DT203DT204:DA211DA212_CC  C 203 ? C 212 ? C 204 ? C 211 ? 
1 C DT  4 1_555 C DA 10 1_555 C DT  5 1_555 C DA 9  1_555 0.412  -0.276 3.400 3.722  -6.875  35.886 0.553  -0.118 3.417 -10.998 
-5.954  36.701 14 CC_DT204DT205:DA210DA211_CC  C 204 ? C 211 ? C 205 ? C 210 ? 
1 C DT  5 1_555 C DA 9  1_555 C DG  6 1_555 C DC 8  1_555 -0.224 0.780  2.811 -5.686 5.121   31.104 0.596  -0.503 2.894 9.373   
10.408  32.009 15 CC_DT205DG206:DC209DA210_CC  C 205 ? C 210 ? C 206 ? C 209 ? 
1 D DG  1 1_555 D DC 13 1_555 D BRU 2 1_555 D DA 12 1_555 -0.206 -0.923 3.312 -6.248 -1.499  33.653 -1.326 -0.658 3.332 -2.560  
10.671  34.244 16 DD_DG301BRU302:DA313DC314_DD D 301 ? D 314 ? D 302 ? D 313 ? 
1 D BRU 2 1_555 D DA 12 1_555 D DT  3 1_555 D DA 11 1_555 -0.502 -0.584 3.073 1.087  -5.034  40.029 -0.309 0.844  3.107 -7.317  
-1.580  40.345 17 DD_BRU302DT303:DA312DA313_DD D 302 ? D 313 ? D 303 ? D 312 ? 
1 D DT  3 1_555 D DA 11 1_555 D DT  4 1_555 D DA 10 1_555 0.172  -0.106 3.127 0.655  -4.958  40.812 0.364  -0.177 3.120 -7.077  
-0.935  41.104 18 DD_DT303DT304:DA311DA312_DD  D 303 ? D 312 ? D 304 ? D 311 ? 
1 D DT  4 1_555 D DA 10 1_555 D DT  5 1_555 D DA 9  1_555 0.448  -0.227 2.964 4.891  -8.072  34.863 0.690  -0.082 2.976 -13.177 
-7.984  36.079 19 DD_DT304DT305:DA310DA311_DD  D 304 ? D 311 ? D 305 ? D 310 ? 
1 D DT  5 1_555 D DA 9  1_555 D DG  6 1_555 D DC 8  1_555 -0.132 0.690  3.395 -1.917 21.346  31.890 -1.934 -0.067 3.227 34.423  
3.091   38.267 20 DD_DT305DG306:DC309DA310_DD  D 305 ? D 310 ? D 306 ? D 309 ? 
# 
_atom_sites.entry_id                    1CS7 
_atom_sites.fract_transf_matrix[1][1]   -0.00573944 
_atom_sites.fract_transf_matrix[1][2]   0.02278403 
_atom_sites.fract_transf_matrix[1][3]   0.02764146 
_atom_sites.fract_transf_matrix[2][1]   -0.01376816 
_atom_sites.fract_transf_matrix[2][2]   0.00226074 
_atom_sites.fract_transf_matrix[2][3]   -0.00472227 
_atom_sites.fract_transf_matrix[3][1]   -0.00545279 
_atom_sites.fract_transf_matrix[3][2]   -0.01112761 
_atom_sites.fract_transf_matrix[3][3]   0.01057082 
_atom_sites.fract_transf_vector[1]      0.282949 
_atom_sites.fract_transf_vector[2]      -0.006645 
_atom_sites.fract_transf_vector[3]      0.259996 
# 
loop_
_atom_type.symbol 
BR 
C  
N  
O  
P  
SR 
# 
loop_
_atom_site.group_PDB 
_atom_site.id 
_atom_site.type_symbol 
_atom_site.label_atom_id 
_atom_site.label_alt_id 
_atom_site.label_comp_id 
_atom_site.label_asym_id 
_atom_site.label_entity_id 
_atom_site.label_seq_id 
_atom_site.pdbx_PDB_ins_code 
_atom_site.Cartn_x 
_atom_site.Cartn_y 
_atom_site.Cartn_z 
_atom_site.occupancy 
_atom_site.B_iso_or_equiv 
_atom_site.pdbx_formal_charge 
_atom_site.auth_seq_id 
_atom_site.auth_comp_id 
_atom_site.auth_asym_id 
_atom_site.auth_atom_id 
_atom_site.pdbx_PDB_model_num 
ATOM   1    O  "O5'" . DG  A 1 1  ? -12.561 13.102  -17.653 1.00 47.57 ? 1   DG  A "O5'" 1 
ATOM   2    C  "C5'" . DG  A 1 1  ? -12.445 14.250  -18.535 1.00 47.57 ? 1   DG  A "C5'" 1 
ATOM   3    C  "C4'" . DG  A 1 1  ? -11.221 15.092  -18.249 1.00 50.44 ? 1   DG  A "C4'" 1 
ATOM   4    O  "O4'" . DG  A 1 1  ? -11.514 15.963  -17.138 1.00 50.44 ? 1   DG  A "O4'" 1 
ATOM   5    C  "C3'" . DG  A 1 1  ? -9.978  14.288  -17.845 1.00 50.44 ? 1   DG  A "C3'" 1 
ATOM   6    O  "O3'" . DG  A 1 1  ? -8.794  14.968  -18.316 1.00 50.44 ? 1   DG  A "O3'" 1 
ATOM   7    C  "C2'" . DG  A 1 1  ? -10.055 14.266  -16.327 1.00 50.44 ? 1   DG  A "C2'" 1 
ATOM   8    C  "C1'" . DG  A 1 1  ? -10.777 15.568  -15.973 1.00 50.44 ? 1   DG  A "C1'" 1 
ATOM   9    N  N9    . DG  A 1 1  ? -11.720 15.443  -14.856 1.00 49.02 ? 1   DG  A N9    1 
ATOM   10   C  C8    . DG  A 1 1  ? -12.885 14.720  -14.829 1.00 49.02 ? 1   DG  A C8    1 
ATOM   11   N  N7    . DG  A 1 1  ? -13.512 14.796  -13.686 1.00 49.02 ? 1   DG  A N7    1 
ATOM   12   C  C5    . DG  A 1 1  ? -12.709 15.618  -12.910 1.00 49.02 ? 1   DG  A C5    1 
ATOM   13   C  C6    . DG  A 1 1  ? -12.875 16.066  -11.571 1.00 49.02 ? 1   DG  A C6    1 
ATOM   14   O  O6    . DG  A 1 1  ? -13.797 15.814  -10.778 1.00 49.02 ? 1   DG  A O6    1 
ATOM   15   N  N1    . DG  A 1 1  ? -11.825 16.889  -11.176 1.00 49.02 ? 1   DG  A N1    1 
ATOM   16   C  C2    . DG  A 1 1  ? -10.755 17.238  -11.965 1.00 49.02 ? 1   DG  A C2    1 
ATOM   17   N  N2    . DG  A 1 1  ? -9.842  18.044  -11.402 1.00 49.02 ? 1   DG  A N2    1 
ATOM   18   N  N3    . DG  A 1 1  ? -10.591 16.827  -13.213 1.00 49.02 ? 1   DG  A N3    1 
ATOM   19   C  C4    . DG  A 1 1  ? -11.596 16.027  -13.617 1.00 49.02 ? 1   DG  A C4    1 
HETATM 20   N  N1    . BRU A 1 2  ? -8.087  14.677  -12.331 1.00 36.43 ? 2   BRU A N1    1 
HETATM 21   C  C2    . BRU A 1 2  ? -8.383  14.876  -11.006 1.00 36.43 ? 2   BRU A C2    1 
HETATM 22   N  N3    . BRU A 1 2  ? -9.483  14.178  -10.544 1.00 36.43 ? 2   BRU A N3    1 
HETATM 23   C  C4    . BRU A 1 2  ? -10.295 13.319  -11.273 1.00 36.43 ? 2   BRU A C4    1 
HETATM 24   C  C5    . BRU A 1 2  ? -9.916  13.159  -12.671 1.00 36.43 ? 2   BRU A C5    1 
HETATM 25   C  C6    . BRU A 1 2  ? -8.850  13.838  -13.114 1.00 36.43 ? 2   BRU A C6    1 
HETATM 26   O  O2    . BRU A 1 2  ? -7.722  15.612  -10.300 1.00 36.43 ? 2   BRU A O2    1 
HETATM 27   O  O4    . BRU A 1 2  ? -11.257 12.762  -10.715 1.00 36.43 ? 2   BRU A O4    1 
HETATM 28   BR BR    . BRU A 1 2  ? -10.916 12.022  -13.794 1.00 53.62 ? 2   BRU A BR    1 
HETATM 29   C  "C1'" . BRU A 1 2  ? -6.884  15.439  -12.820 1.00 55.51 ? 2   BRU A "C1'" 1 
HETATM 30   C  "C2'" . BRU A 1 2  ? -5.822  14.716  -13.658 1.00 55.51 ? 2   BRU A "C2'" 1 
HETATM 31   C  "C3'" . BRU A 1 2  ? -5.236  15.822  -14.534 1.00 55.51 ? 2   BRU A "C3'" 1 
HETATM 32   C  "C4'" . BRU A 1 2  ? -6.396  16.805  -14.697 1.00 55.51 ? 2   BRU A "C4'" 1 
HETATM 33   O  "O3'" . BRU A 1 2  ? -4.140  16.521  -13.943 1.00 55.51 ? 2   BRU A "O3'" 1 
HETATM 34   O  "O4'" . BRU A 1 2  ? -7.338  16.523  -13.622 1.00 55.51 ? 2   BRU A "O4'" 1 
HETATM 35   C  "C5'" . BRU A 1 2  ? -7.105  16.658  -16.015 1.00 52.18 ? 2   BRU A "C5'" 1 
HETATM 36   O  "O5'" . BRU A 1 2  ? -7.442  15.284  -16.213 1.00 52.18 ? 2   BRU A "O5'" 1 
HETATM 37   P  P     . BRU A 1 2  ? -7.347  14.640  -17.660 1.00 52.18 ? 2   BRU A P     1 
HETATM 38   O  OP1   . BRU A 1 2  ? -6.280  15.454  -18.362 1.00 52.18 ? 2   BRU A OP1   1 
HETATM 39   O  OP2   . BRU A 1 2  ? -7.189  13.152  -17.488 1.00 52.18 ? 2   BRU A OP2   1 
ATOM   40   P  P     . DT  A 1 3  ? -2.816  15.731  -13.517 1.00 49.03 ? 3   DT  A P     1 
ATOM   41   O  OP1   . DT  A 1 3  ? -1.604  16.572  -13.809 1.00 49.03 ? 3   DT  A OP1   1 
ATOM   42   O  OP2   . DT  A 1 3  ? -2.906  14.340  -14.012 1.00 49.03 ? 3   DT  A OP2   1 
ATOM   43   O  "O5'" . DT  A 1 3  ? -2.937  15.689  -11.934 1.00 49.03 ? 3   DT  A "O5'" 1 
ATOM   44   C  "C5'" . DT  A 1 3  ? -3.141  16.897  -11.195 1.00 49.03 ? 3   DT  A "C5'" 1 
ATOM   45   C  "C4'" . DT  A 1 3  ? -3.465  16.563  -9.767  1.00 38.00 ? 3   DT  A "C4'" 1 
ATOM   46   O  "O4'" . DT  A 1 3  ? -4.688  15.784  -9.717  1.00 38.00 ? 3   DT  A "O4'" 1 
ATOM   47   C  "C3'" . DT  A 1 3  ? -2.415  15.727  -9.032  1.00 38.00 ? 3   DT  A "C3'" 1 
ATOM   48   O  "O3'" . DT  A 1 3  ? -2.214  16.325  -7.771  1.00 38.00 ? 3   DT  A "O3'" 1 
ATOM   49   C  "C2'" . DT  A 1 3  ? -3.082  14.373  -8.803  1.00 38.00 ? 3   DT  A "C2'" 1 
ATOM   50   C  "C1'" . DT  A 1 3  ? -4.539  14.771  -8.698  1.00 38.00 ? 3   DT  A "C1'" 1 
ATOM   51   N  N1    . DT  A 1 3  ? -5.601  13.707  -8.911  1.00 24.86 ? 3   DT  A N1    1 
ATOM   52   C  C2    . DT  A 1 3  ? -6.444  13.312  -7.890  1.00 24.86 ? 3   DT  A C2    1 
ATOM   53   O  O2    . DT  A 1 3  ? -6.383  13.768  -6.762  1.00 24.86 ? 3   DT  A O2    1 
ATOM   54   N  N3    . DT  A 1 3  ? -7.365  12.355  -8.239  1.00 24.86 ? 3   DT  A N3    1 
ATOM   55   C  C4    . DT  A 1 3  ? -7.525  11.769  -9.480  1.00 24.86 ? 3   DT  A C4    1 
ATOM   56   O  O4    . DT  A 1 3  ? -8.399  10.923  -9.648  1.00 24.86 ? 3   DT  A O4    1 
ATOM   57   C  C5    . DT  A 1 3  ? -6.609  12.228  -10.502 1.00 24.86 ? 3   DT  A C5    1 
ATOM   58   C  C7    . DT  A 1 3  ? -6.710  11.646  -11.875 1.00 24.86 ? 3   DT  A C7    1 
ATOM   59   C  C6    . DT  A 1 3  ? -5.705  13.161  -10.172 1.00 24.86 ? 3   DT  A C6    1 
ATOM   60   P  P     . DT  A 1 4  ? -1.176  15.685  -6.743  1.00 49.27 ? 4   DT  A P     1 
ATOM   61   O  OP1   . DT  A 1 4  ? -0.292  16.831  -6.385  1.00 49.27 ? 4   DT  A OP1   1 
ATOM   62   O  OP2   . DT  A 1 4  ? -0.579  14.429  -7.283  1.00 49.27 ? 4   DT  A OP2   1 
ATOM   63   O  "O5'" . DT  A 1 4  ? -2.096  15.254  -5.504  1.00 49.27 ? 4   DT  A "O5'" 1 
ATOM   64   C  "C5'" . DT  A 1 4  ? -2.738  16.243  -4.626  1.00 49.27 ? 4   DT  A "C5'" 1 
ATOM   65   C  "C4'" . DT  A 1 4  ? -3.399  15.567  -3.435  1.00 36.44 ? 4   DT  A "C4'" 1 
ATOM   66   O  "O4'" . DT  A 1 4  ? -4.475  14.695  -3.876  1.00 36.44 ? 4   DT  A "O4'" 1 
ATOM   67   C  "C3'" . DT  A 1 4  ? -2.474  14.691  -2.584  1.00 36.44 ? 4   DT  A "C3'" 1 
ATOM   68   O  "O3'" . DT  A 1 4  ? -2.771  14.877  -1.187  1.00 36.44 ? 4   DT  A "O3'" 1 
ATOM   69   C  "C2'" . DT  A 1 4  ? -2.799  13.275  -3.034  1.00 36.44 ? 4   DT  A "C2'" 1 
ATOM   70   C  "C1'" . DT  A 1 4  ? -4.260  13.362  -3.428  1.00 36.44 ? 4   DT  A "C1'" 1 
ATOM   71   N  N1    . DT  A 1 4  ? -4.574  12.434  -4.530  1.00 40.19 ? 4   DT  A N1    1 
ATOM   72   C  C2    . DT  A 1 4  ? -5.747  11.707  -4.461  1.00 40.19 ? 4   DT  A C2    1 
ATOM   73   O  O2    . DT  A 1 4  ? -6.553  11.827  -3.555  1.00 40.19 ? 4   DT  A O2    1 
ATOM   74   N  N3    . DT  A 1 4  ? -5.942  10.829  -5.503  1.00 40.19 ? 4   DT  A N3    1 
ATOM   75   C  C4    . DT  A 1 4  ? -5.097  10.615  -6.578  1.00 40.19 ? 4   DT  A C4    1 
ATOM   76   O  O4    . DT  A 1 4  ? -5.397  9.799   -7.441  1.00 40.19 ? 4   DT  A O4    1 
ATOM   77   C  C5    . DT  A 1 4  ? -3.891  11.408  -6.583  1.00 40.19 ? 4   DT  A C5    1 
ATOM   78   C  C7    . DT  A 1 4  ? -2.918  11.240  -7.704  1.00 40.19 ? 4   DT  A C7    1 
ATOM   79   C  C6    . DT  A 1 4  ? -3.693  12.264  -5.575  1.00 40.19 ? 4   DT  A C6    1 
ATOM   80   P  P     . DT  A 1 5  ? -2.730  13.622  -0.191  1.00 43.05 ? 5   DT  A P     1 
ATOM   81   O  OP1   . DT  A 1 5  ? -3.073  14.093  1.143   1.00 43.05 ? 5   DT  A OP1   1 
ATOM   82   O  OP2   . DT  A 1 5  ? -1.462  12.900  -0.413  1.00 43.05 ? 5   DT  A OP2   1 
ATOM   83   O  "O5'" . DT  A 1 5  ? -4.000  12.775  -0.621  1.00 43.05 ? 5   DT  A "O5'" 1 
ATOM   84   C  "C5'" . DT  A 1 5  ? -5.323  13.251  -0.300  1.00 43.05 ? 5   DT  A "C5'" 1 
ATOM   85   C  "C4'" . DT  A 1 5  ? -6.063  12.162  0.424   1.00 48.91 ? 5   DT  A "C4'" 1 
ATOM   86   O  "O4'" . DT  A 1 5  ? -6.305  11.074  -0.492  1.00 48.91 ? 5   DT  A "O4'" 1 
ATOM   87   C  "C3'" . DT  A 1 5  ? -5.154  11.592  1.494   1.00 48.91 ? 5   DT  A "C3'" 1 
ATOM   88   O  "O3'" . DT  A 1 5  ? -5.989  11.108  2.531   1.00 48.91 ? 5   DT  A "O3'" 1 
ATOM   89   C  "C2'" . DT  A 1 5  ? -4.437  10.454  0.787   1.00 48.91 ? 5   DT  A "C2'" 1 
ATOM   90   C  "C1'" . DT  A 1 5  ? -5.471  9.951   -0.199  1.00 48.91 ? 5   DT  A "C1'" 1 
ATOM   91   N  N1    . DT  A 1 5  ? -4.943  9.384   -1.502  1.00 44.16 ? 5   DT  A N1    1 
ATOM   92   C  C2    . DT  A 1 5  ? -5.698  8.443   -2.149  1.00 44.16 ? 5   DT  A C2    1 
ATOM   93   O  O2    . DT  A 1 5  ? -6.775  8.059   -1.722  1.00 44.16 ? 5   DT  A O2    1 
ATOM   94   N  N3    . DT  A 1 5  ? -5.155  7.968   -3.316  1.00 44.16 ? 5   DT  A N3    1 
ATOM   95   C  C4    . DT  A 1 5  ? -3.955  8.331   -3.889  1.00 44.16 ? 5   DT  A C4    1 
ATOM   96   O  O4    . DT  A 1 5  ? -3.601  7.811   -4.947  1.00 44.16 ? 5   DT  A O4    1 
ATOM   97   C  C5    . DT  A 1 5  ? -3.206  9.329   -3.156  1.00 44.16 ? 5   DT  A C5    1 
ATOM   98   C  C7    . DT  A 1 5  ? -1.891  9.788   -3.699  1.00 44.16 ? 5   DT  A C7    1 
ATOM   99   C  C6    . DT  A 1 5  ? -3.730  9.801   -2.013  1.00 44.16 ? 5   DT  A C6    1 
ATOM   100  P  P     . DG  A 1 6  ? -5.332  10.383  3.792   1.00 47.31 ? 6   DG  A P     1 
ATOM   101  O  OP1   . DG  A 1 6  ? -6.140  10.823  4.928   1.00 47.31 ? 6   DG  A OP1   1 
ATOM   102  O  OP2   . DG  A 1 6  ? -3.867  10.641  3.788   1.00 47.31 ? 6   DG  A OP2   1 
ATOM   103  O  "O5'" . DG  A 1 6  ? -5.657  8.837   3.570   1.00 47.31 ? 6   DG  A "O5'" 1 
ATOM   104  C  "C5'" . DG  A 1 6  ? -7.017  8.377   3.599   1.00 47.31 ? 6   DG  A "C5'" 1 
ATOM   105  C  "C4'" . DG  A 1 6  ? -7.070  6.870   3.543   1.00 41.01 ? 6   DG  A "C4'" 1 
ATOM   106  O  "O4'" . DG  A 1 6  ? -6.595  6.421   2.258   1.00 41.01 ? 6   DG  A "O4'" 1 
ATOM   107  C  "C3'" . DG  A 1 6  ? -6.245  6.125   4.585   1.00 41.01 ? 6   DG  A "C3'" 1 
ATOM   108  O  "O3'" . DG  A 1 6  ? -6.954  4.948   4.989   1.00 41.01 ? 6   DG  A "O3'" 1 
ATOM   109  C  "C2'" . DG  A 1 6  ? -5.017  5.703   3.798   1.00 41.01 ? 6   DG  A "C2'" 1 
ATOM   110  C  "C1'" . DG  A 1 6  ? -5.563  5.475   2.409   1.00 41.01 ? 6   DG  A "C1'" 1 
ATOM   111  N  N9    . DG  A 1 6  ? -4.617  5.686   1.323   1.00 38.39 ? 6   DG  A N9    1 
ATOM   112  C  C8    . DG  A 1 6  ? -3.501  6.486   1.331   1.00 38.39 ? 6   DG  A C8    1 
ATOM   113  N  N7    . DG  A 1 6  ? -2.855  6.477   0.197   1.00 38.39 ? 6   DG  A N7    1 
ATOM   114  C  C5    . DG  A 1 6  ? -3.588  5.618   -0.610  1.00 38.39 ? 6   DG  A C5    1 
ATOM   115  C  C6    . DG  A 1 6  ? -3.378  5.212   -1.955  1.00 38.39 ? 6   DG  A C6    1 
ATOM   116  O  O6    . DG  A 1 6  ? -2.466  5.542   -2.730  1.00 38.39 ? 6   DG  A O6    1 
ATOM   117  N  N1    . DG  A 1 6  ? -4.369  4.329   -2.380  1.00 38.39 ? 6   DG  A N1    1 
ATOM   118  C  C2    . DG  A 1 6  ? -5.422  3.894   -1.608  1.00 38.39 ? 6   DG  A C2    1 
ATOM   119  N  N2    . DG  A 1 6  ? -6.276  3.046   -2.188  1.00 38.39 ? 6   DG  A N2    1 
ATOM   120  N  N3    . DG  A 1 6  ? -5.626  4.267   -0.358  1.00 38.39 ? 6   DG  A N3    1 
ATOM   121  C  C4    . DG  A 1 6  ? -4.678  5.122   0.073   1.00 38.39 ? 6   DG  A C4    1 
HETATM 122  P  P     . S02 A 1 7  ? -6.842  4.418   6.491   1.00 50.39 ? 7   S02 A P     1 
HETATM 123  O  O1P   . S02 A 1 7  ? -7.955  3.477   6.734   1.00 50.39 ? 7   S02 A O1P   1 
HETATM 124  O  O2P   . S02 A 1 7  ? -6.694  5.619   7.303   1.00 50.39 ? 7   S02 A O2P   1 
HETATM 125  O  "O5'" . S02 A 1 7  ? -5.484  3.606   6.588   1.00 52.55 ? 7   S02 A "O5'" 1 
HETATM 126  C  "C5'" . S02 A 1 7  ? -5.471  2.184   6.351   1.00 52.55 ? 7   S02 A "C5'" 1 
HETATM 127  C  "CA'" . S02 A 1 7  ? -5.562  1.817   4.929   1.00 54.02 ? 7   S02 A "CA'" 1 
HETATM 128  O  "OB'" . S02 A 1 7  ? -4.368  2.226   4.236   1.00 54.02 ? 7   S02 A "OB'" 1 
HETATM 129  C  C1A   . S02 A 1 7  ? -4.093  1.963   2.889   1.00 33.80 ? 7   S02 A C1A   1 
HETATM 130  C  C6A   . S02 A 1 7  ? -2.970  2.419   2.242   1.00 33.80 ? 7   S02 A C6A   1 
HETATM 131  C  C2A   . S02 A 1 7  ? -5.063  1.204   2.188   1.00 33.80 ? 7   S02 A C2A   1 
HETATM 132  C  C3A   . S02 A 1 7  ? -4.856  0.914   0.885   1.00 33.80 ? 7   S02 A C3A   1 
HETATM 133  C  C4A   . S02 A 1 7  ? -3.739  1.334   0.272   1.00 33.80 ? 7   S02 A C4A   1 
HETATM 134  C  C7A   . S02 A 1 7  ? -3.581  0.965   -1.017  1.00 33.80 ? 7   S02 A C7A   1 
HETATM 135  C  C5A   . S02 A 1 7  ? -2.750  2.137   0.947   1.00 33.80 ? 7   S02 A C5A   1 
HETATM 136  C  C1B   . S02 A 1 7  ? -2.101  -0.004  -5.502  1.00 33.80 ? 7   S02 A C1B   1 
HETATM 137  C  C6B   . S02 A 1 7  ? -3.259  -0.331  -4.843  1.00 33.80 ? 7   S02 A C6B   1 
HETATM 138  C  C2B   . S02 A 1 7  ? -1.104  0.750   -4.865  1.00 33.80 ? 7   S02 A C2B   1 
HETATM 139  C  C3B   . S02 A 1 7  ? -1.290  1.141   -3.584  1.00 33.80 ? 7   S02 A C3B   1 
HETATM 140  C  C4B   . S02 A 1 7  ? -2.423  0.806   -2.938  1.00 33.80 ? 7   S02 A C4B   1 
HETATM 141  C  C7B   . S02 A 1 7  ? -2.555  1.204   -1.648  1.00 33.80 ? 7   S02 A C7B   1 
HETATM 142  C  C5B   . S02 A 1 7  ? -3.466  0.046   -3.576  1.00 33.80 ? 7   S02 A C5B   1 
HETATM 143  O  "OC'" . S02 A 1 7  ? -1.884  -0.426  -6.948  1.00 44.02 ? 7   S02 A "OC'" 1 
HETATM 144  C  "CD'" . S02 A 1 7  ? -2.575  -1.655  -7.239  1.00 44.02 ? 7   S02 A "CD'" 1 
HETATM 145  C  "C3'" . S02 A 1 7  ? -2.814  -1.770  -8.544  1.00 44.02 ? 7   S02 A "C3'" 1 
HETATM 146  O  "O3'" . S02 A 1 7  ? -3.178  -0.488  -9.034  1.00 44.02 ? 7   S02 A "O3'" 1 
ATOM   147  P  P     . DC  A 1 8  ? -3.428  -0.283  -10.600 1.00 53.40 ? 9   DC  A P     1 
ATOM   148  O  OP1   . DC  A 1 8  ? -3.344  -1.647  -11.157 1.00 53.40 ? 9   DC  A OP1   1 
ATOM   149  O  OP2   . DC  A 1 8  ? -2.538  0.790   -11.081 1.00 53.40 ? 9   DC  A OP2   1 
ATOM   150  O  "O5'" . DC  A 1 8  ? -4.942  0.188   -10.715 1.00 53.40 ? 9   DC  A "O5'" 1 
ATOM   151  C  "C5'" . DC  A 1 8  ? -6.000  -0.726  -10.371 1.00 53.40 ? 9   DC  A "C5'" 1 
ATOM   152  C  "C4'" . DC  A 1 8  ? -6.405  -0.550  -8.922  1.00 44.71 ? 9   DC  A "C4'" 1 
ATOM   153  O  "O4'" . DC  A 1 8  ? -5.265  -0.132  -8.135  1.00 44.71 ? 9   DC  A "O4'" 1 
ATOM   154  C  "C3'" . DC  A 1 8  ? -7.445  0.522   -8.652  1.00 44.71 ? 9   DC  A "C3'" 1 
ATOM   155  O  "O3'" . DC  A 1 8  ? -8.731  -0.057  -8.754  1.00 44.71 ? 9   DC  A "O3'" 1 
ATOM   156  C  "C2'" . DC  A 1 8  ? -7.189  0.904   -7.209  1.00 44.71 ? 9   DC  A "C2'" 1 
ATOM   157  C  "C1'" . DC  A 1 8  ? -5.727  0.564   -6.991  1.00 44.71 ? 9   DC  A "C1'" 1 
ATOM   158  N  N1    . DC  A 1 8  ? -4.799  1.666   -6.683  1.00 24.21 ? 9   DC  A N1    1 
ATOM   159  C  C2    . DC  A 1 8  ? -5.056  2.404   -5.531  1.00 24.21 ? 9   DC  A C2    1 
ATOM   160  O  O2    . DC  A 1 8  ? -6.049  2.113   -4.855  1.00 24.21 ? 9   DC  A O2    1 
ATOM   161  N  N3    . DC  A 1 8  ? -4.217  3.405   -5.180  1.00 24.21 ? 9   DC  A N3    1 
ATOM   162  C  C4    . DC  A 1 8  ? -3.156  3.680   -5.939  1.00 24.21 ? 9   DC  A C4    1 
ATOM   163  N  N4    . DC  A 1 8  ? -2.354  4.678   -5.551  1.00 24.21 ? 9   DC  A N4    1 
ATOM   164  C  C5    . DC  A 1 8  ? -2.867  2.942   -7.126  1.00 24.21 ? 9   DC  A C5    1 
ATOM   165  C  C6    . DC  A 1 8  ? -3.712  1.955   -7.460  1.00 24.21 ? 9   DC  A C6    1 
ATOM   166  P  P     . DA  A 1 9  ? -9.827  0.652   -9.668  1.00 49.84 ? 10  DA  A P     1 
ATOM   167  O  OP1   . DA  A 1 9  ? -10.014 -0.281  -10.799 1.00 49.84 ? 10  DA  A OP1   1 
ATOM   168  O  OP2   . DA  A 1 9  ? -9.445  2.068   -9.929  1.00 49.84 ? 10  DA  A OP2   1 
ATOM   169  O  "O5'" . DA  A 1 9  ? -11.143 0.630   -8.776  1.00 49.84 ? 10  DA  A "O5'" 1 
ATOM   170  C  "C5'" . DA  A 1 9  ? -11.154 0.057   -7.449  1.00 49.84 ? 10  DA  A "C5'" 1 
ATOM   171  C  "C4'" . DA  A 1 9  ? -11.583 1.090   -6.421  1.00 21.39 ? 10  DA  A "C4'" 1 
ATOM   172  O  "O4'" . DA  A 1 9  ? -10.466 1.882   -5.980  1.00 21.39 ? 10  DA  A "O4'" 1 
ATOM   173  C  "C3'" . DA  A 1 9  ? -12.673 2.096   -6.805  1.00 21.39 ? 10  DA  A "C3'" 1 
ATOM   174  O  "O3'" . DA  A 1 9  ? -13.604 2.234   -5.750  1.00 21.39 ? 10  DA  A "O3'" 1 
ATOM   175  C  "C2'" . DA  A 1 9  ? -11.930 3.407   -6.982  1.00 21.39 ? 10  DA  A "C2'" 1 
ATOM   176  C  "C1'" . DA  A 1 9  ? -10.750 3.264   -6.067  1.00 21.39 ? 10  DA  A "C1'" 1 
ATOM   177  N  N9    . DA  A 1 9  ? -9.536  3.904   -6.534  1.00 47.38 ? 10  DA  A N9    1 
ATOM   178  C  C8    . DA  A 1 9  ? -8.929  3.831   -7.764  1.00 47.38 ? 10  DA  A C8    1 
ATOM   179  N  N7    . DA  A 1 9  ? -7.811  4.515   -7.844  1.00 47.38 ? 10  DA  A N7    1 
ATOM   180  C  C5    . DA  A 1 9  ? -7.674  5.078   -6.584  1.00 47.38 ? 10  DA  A C5    1 
ATOM   181  C  C6    . DA  A 1 9  ? -6.694  5.918   -6.018  1.00 47.38 ? 10  DA  A C6    1 
ATOM   182  N  N6    . DA  A 1 9  ? -5.614  6.360   -6.675  1.00 47.38 ? 10  DA  A N6    1 
ATOM   183  N  N1    . DA  A 1 9  ? -6.864  6.297   -4.734  1.00 47.38 ? 10  DA  A N1    1 
ATOM   184  C  C2    . DA  A 1 9  ? -7.939  5.859   -4.070  1.00 47.38 ? 10  DA  A C2    1 
ATOM   185  N  N3    . DA  A 1 9  ? -8.924  5.069   -4.489  1.00 47.38 ? 10  DA  A N3    1 
ATOM   186  C  C4    . DA  A 1 9  ? -8.731  4.711   -5.768  1.00 47.38 ? 10  DA  A C4    1 
ATOM   187  P  P     . DA  A 1 10 ? -15.005 2.962   -6.014  1.00 55.19 ? 11  DA  A P     1 
ATOM   188  O  OP1   . DA  A 1 10 ? -16.036 2.007   -5.488  1.00 55.19 ? 11  DA  A OP1   1 
ATOM   189  O  OP2   . DA  A 1 10 ? -15.094 3.442   -7.417  1.00 55.19 ? 11  DA  A OP2   1 
ATOM   190  O  "O5'" . DA  A 1 10 ? -14.924 4.237   -5.060  1.00 55.19 ? 11  DA  A "O5'" 1 
ATOM   191  C  "C5'" . DA  A 1 10 ? -14.598 4.082   -3.668  1.00 55.19 ? 11  DA  A "C5'" 1 
ATOM   192  C  "C4'" . DA  A 1 10 ? -14.020 5.364   -3.124  1.00 48.53 ? 11  DA  A "C4'" 1 
ATOM   193  O  "O4'" . DA  A 1 10 ? -12.752 5.617   -3.755  1.00 48.53 ? 11  DA  A "O4'" 1 
ATOM   194  C  "C3'" . DA  A 1 10 ? -14.865 6.621   -3.372  1.00 48.53 ? 11  DA  A "C3'" 1 
ATOM   195  O  "O3'" . DA  A 1 10 ? -14.682 7.525   -2.274  1.00 48.53 ? 11  DA  A "O3'" 1 
ATOM   196  C  "C2'" . DA  A 1 10 ? -14.170 7.288   -4.537  1.00 48.53 ? 11  DA  A "C2'" 1 
ATOM   197  C  "C1'" . DA  A 1 10 ? -12.747 6.978   -4.155  1.00 48.53 ? 11  DA  A "C1'" 1 
ATOM   198  N  N9    . DA  A 1 10 ? -11.760 7.161   -5.208  1.00 30.88 ? 11  DA  A N9    1 
ATOM   199  C  C8    . DA  A 1 10 ? -11.777 6.689   -6.497  1.00 30.88 ? 11  DA  A C8    1 
ATOM   200  N  N7    . DA  A 1 10 ? -10.733 7.053   -7.205  1.00 30.88 ? 11  DA  A N7    1 
ATOM   201  C  C5    . DA  A 1 10 ? -9.981  7.816   -6.321  1.00 30.88 ? 11  DA  A C5    1 
ATOM   202  C  C6    . DA  A 1 10 ? -8.754  8.493   -6.456  1.00 30.88 ? 11  DA  A C6    1 
ATOM   203  N  N6    . DA  A 1 10 ? -8.040  8.511   -7.580  1.00 30.88 ? 11  DA  A N6    1 
ATOM   204  N  N1    . DA  A 1 10 ? -8.280  9.160   -5.378  1.00 30.88 ? 11  DA  A N1    1 
ATOM   205  C  C2    . DA  A 1 10 ? -8.997  9.139   -4.251  1.00 30.88 ? 11  DA  A C2    1 
ATOM   206  N  N3    . DA  A 1 10 ? -10.161 8.540   -4.003  1.00 30.88 ? 11  DA  A N3    1 
ATOM   207  C  C4    . DA  A 1 10 ? -10.601 7.889   -5.091  1.00 30.88 ? 11  DA  A C4    1 
ATOM   208  P  P     . DA  A 1 11 ? -15.943 8.297   -1.666  1.00 41.02 ? 12  DA  A P     1 
ATOM   209  O  OP1   . DA  A 1 11 ? -16.805 7.165   -1.198  1.00 41.02 ? 12  DA  A OP1   1 
ATOM   210  O  OP2   . DA  A 1 11 ? -16.486 9.319   -2.631  1.00 41.02 ? 12  DA  A OP2   1 
ATOM   211  O  "O5'" . DA  A 1 11 ? -15.313 9.110   -0.455  1.00 41.02 ? 12  DA  A "O5'" 1 
ATOM   212  C  "C5'" . DA  A 1 11 ? -13.982 8.875   -0.023  1.00 41.02 ? 12  DA  A "C5'" 1 
ATOM   213  C  "C4'" . DA  A 1 11 ? -13.145 10.128  -0.186  1.00 50.60 ? 12  DA  A "C4'" 1 
ATOM   214  O  "O4'" . DA  A 1 11 ? -12.321 10.075  -1.373  1.00 50.60 ? 12  DA  A "O4'" 1 
ATOM   215  C  "C3'" . DA  A 1 11 ? -13.822 11.506  -0.191  1.00 50.60 ? 12  DA  A "C3'" 1 
ATOM   216  O  "O3'" . DA  A 1 11 ? -12.995 12.411  0.552   1.00 50.60 ? 12  DA  A "O3'" 1 
ATOM   217  C  "C2'" . DA  A 1 11 ? -13.711 11.938  -1.645  1.00 50.60 ? 12  DA  A "C2'" 1 
ATOM   218  C  "C1'" . DA  A 1 11 ? -12.365 11.332  -2.044  1.00 50.60 ? 12  DA  A "C1'" 1 
ATOM   219  N  N9    . DA  A 1 11 ? -12.173 11.076  -3.478  1.00 46.44 ? 12  DA  A N9    1 
ATOM   220  C  C8    . DA  A 1 11 ? -13.006 10.293  -4.238  1.00 46.44 ? 12  DA  A C8    1 
ATOM   221  N  N7    . DA  A 1 11 ? -12.634 10.187  -5.492  1.00 46.44 ? 12  DA  A N7    1 
ATOM   222  C  C5    . DA  A 1 11 ? -11.480 10.953  -5.565  1.00 46.44 ? 12  DA  A C5    1 
ATOM   223  C  C6    . DA  A 1 11 ? -10.600 11.243  -6.629  1.00 46.44 ? 12  DA  A C6    1 
ATOM   224  N  N6    . DA  A 1 11 ? -10.759 10.777  -7.869  1.00 46.44 ? 12  DA  A N6    1 
ATOM   225  N  N1    . DA  A 1 11 ? -9.538  12.038  -6.373  1.00 46.44 ? 12  DA  A N1    1 
ATOM   226  C  C2    . DA  A 1 11 ? -9.381  12.503  -5.125  1.00 46.44 ? 12  DA  A C2    1 
ATOM   227  N  N3    . DA  A 1 11 ? -10.138 12.302  -4.042  1.00 46.44 ? 12  DA  A N3    1 
ATOM   228  C  C4    . DA  A 1 11 ? -11.183 11.509  -4.333  1.00 46.44 ? 12  DA  A C4    1 
ATOM   229  P  P     . DA  A 1 12 ? -13.595 13.793  1.133   1.00 50.07 ? 13  DA  A P     1 
ATOM   230  O  OP1   . DA  A 1 12 ? -13.163 13.616  2.550   1.00 50.07 ? 13  DA  A OP1   1 
ATOM   231  O  OP2   . DA  A 1 12 ? -15.036 14.039  0.792   1.00 50.07 ? 13  DA  A OP2   1 
ATOM   232  O  "O5'" . DA  A 1 12 ? -12.721 14.952  0.467   1.00 50.07 ? 13  DA  A "O5'" 1 
ATOM   233  C  "C5'" . DA  A 1 12 ? -11.283 14.890  0.556   1.00 50.07 ? 13  DA  A "C5'" 1 
ATOM   234  C  "C4'" . DA  A 1 12 ? -10.604 15.681  -0.546  1.00 49.51 ? 13  DA  A "C4'" 1 
ATOM   235  O  "O4'" . DA  A 1 12 ? -10.502 15.097  -1.870  1.00 49.51 ? 13  DA  A "O4'" 1 
ATOM   236  C  "C3'" . DA  A 1 12 ? -10.929 17.152  -0.717  1.00 49.51 ? 13  DA  A "C3'" 1 
ATOM   237  O  "O3'" . DA  A 1 12 ? -9.790  17.929  -0.341  1.00 49.51 ? 13  DA  A "O3'" 1 
ATOM   238  C  "C2'" . DA  A 1 12 ? -11.254 17.277  -2.206  1.00 49.51 ? 13  DA  A "C2'" 1 
ATOM   239  C  "C1'" . DA  A 1 12 ? -10.515 16.120  -2.865  1.00 49.51 ? 13  DA  A "C1'" 1 
ATOM   240  N  N9    . DA  A 1 12 ? -11.180 15.560  -4.054  1.00 37.88 ? 13  DA  A N9    1 
ATOM   241  C  C8    . DA  A 1 12 ? -12.452 15.030  -4.063  1.00 37.88 ? 13  DA  A C8    1 
ATOM   242  N  N7    . DA  A 1 12 ? -12.823 14.563  -5.228  1.00 37.88 ? 13  DA  A N7    1 
ATOM   243  C  C5    . DA  A 1 12 ? -11.726 14.802  -6.044  1.00 37.88 ? 13  DA  A C5    1 
ATOM   244  C  C6    . DA  A 1 12 ? -11.489 14.537  -7.398  1.00 37.88 ? 13  DA  A C6    1 
ATOM   245  N  N6    . DA  A 1 12 ? -12.375 13.961  -8.204  1.00 37.88 ? 13  DA  A N6    1 
ATOM   246  N  N1    . DA  A 1 12 ? -10.291 14.894  -7.911  1.00 37.88 ? 13  DA  A N1    1 
ATOM   247  C  C2    . DA  A 1 12 ? -9.396  15.477  -7.104  1.00 37.88 ? 13  DA  A C2    1 
ATOM   248  N  N3    . DA  A 1 12 ? -9.502  15.783  -5.805  1.00 37.88 ? 13  DA  A N3    1 
ATOM   249  C  C4    . DA  A 1 12 ? -10.706 15.415  -5.332  1.00 37.88 ? 13  DA  A C4    1 
ATOM   250  P  P     . DC  A 1 13 ? -9.690  19.427  -0.854  1.00 50.29 ? 14  DC  A P     1 
ATOM   251  O  OP1   . DC  A 1 13 ? -8.521  20.125  -0.310  1.00 50.29 ? 14  DC  A OP1   1 
ATOM   252  O  OP2   . DC  A 1 13 ? -11.051 19.992  -0.695  1.00 50.29 ? 14  DC  A OP2   1 
ATOM   253  O  "O5'" . DC  A 1 13 ? -9.443  19.250  -2.412  1.00 50.29 ? 14  DC  A "O5'" 1 
ATOM   254  C  "C5'" . DC  A 1 13 ? -8.299  18.541  -2.909  1.00 50.29 ? 14  DC  A "C5'" 1 
ATOM   255  C  "C4'" . DC  A 1 13 ? -7.957  19.047  -4.287  1.00 40.00 ? 14  DC  A "C4'" 1 
ATOM   256  O  "O4'" . DC  A 1 13 ? -8.784  18.397  -5.264  1.00 40.00 ? 14  DC  A "O4'" 1 
ATOM   257  C  "C3'" . DC  A 1 13 ? -8.186  20.548  -4.473  1.00 40.00 ? 14  DC  A "C3'" 1 
ATOM   258  O  "O3'" . DC  A 1 13 ? -7.121  21.142  -5.229  1.00 40.00 ? 14  DC  A "O3'" 1 
ATOM   259  C  "C2'" . DC  A 1 13 ? -9.491  20.615  -5.256  1.00 40.00 ? 14  DC  A "C2'" 1 
ATOM   260  C  "C1'" . DC  A 1 13 ? -9.411  19.362  -6.078  1.00 40.00 ? 14  DC  A "C1'" 1 
ATOM   261  N  N1    . DC  A 1 13 ? -10.638 18.763  -6.552  1.00 26.01 ? 14  DC  A N1    1 
ATOM   262  C  C2    . DC  A 1 13 ? -10.673 18.320  -7.872  1.00 26.01 ? 14  DC  A C2    1 
ATOM   263  O  O2    . DC  A 1 13 ? -9.674  18.502  -8.584  1.00 26.01 ? 14  DC  A O2    1 
ATOM   264  N  N3    . DC  A 1 13 ? -11.781 17.706  -8.339  1.00 26.01 ? 14  DC  A N3    1 
ATOM   265  C  C4    . DC  A 1 13 ? -12.832 17.532  -7.534  1.00 26.01 ? 14  DC  A C4    1 
ATOM   266  N  N4    . DC  A 1 13 ? -13.906 16.919  -8.043  1.00 26.01 ? 14  DC  A N4    1 
ATOM   267  C  C5    . DC  A 1 13 ? -12.826 17.974  -6.178  1.00 26.01 ? 14  DC  A C5    1 
ATOM   268  C  C6    . DC  A 1 13 ? -11.717 18.582  -5.732  1.00 26.01 ? 14  DC  A C6    1 
ATOM   269  O  "O5'" . DG  B 1 1  ? -15.342 -17.219 -8.674  1.00 47.57 ? 101 DG  B "O5'" 1 
ATOM   270  C  "C5'" . DG  B 1 1  ? -16.577 -17.301 -9.429  1.00 47.57 ? 101 DG  B "C5'" 1 
ATOM   271  C  "C4'" . DG  B 1 1  ? -17.425 -16.064 -9.259  1.00 50.44 ? 101 DG  B "C4'" 1 
ATOM   272  O  "O4'" . DG  B 1 1  ? -17.936 -15.999 -7.909  1.00 50.44 ? 101 DG  B "O4'" 1 
ATOM   273  C  "C3'" . DG  B 1 1  ? -16.652 -14.775 -9.467  1.00 50.44 ? 101 DG  B "C3'" 1 
ATOM   274  O  "O3'" . DG  B 1 1  ? -17.527 -13.830 -10.030 1.00 50.44 ? 101 DG  B "O3'" 1 
ATOM   275  C  "C2'" . DG  B 1 1  ? -16.294 -14.334 -8.060  1.00 50.44 ? 101 DG  B "C2'" 1 
ATOM   276  C  "C1'" . DG  B 1 1  ? -17.439 -14.868 -7.213  1.00 50.44 ? 101 DG  B "C1'" 1 
ATOM   277  N  N9    . DG  B 1 1  ? -17.008 -15.338 -5.903  1.00 49.02 ? 101 DG  B N9    1 
ATOM   278  C  C8    . DG  B 1 1  ? -16.199 -16.417 -5.656  1.00 49.02 ? 101 DG  B C8    1 
ATOM   279  N  N7    . DG  B 1 1  ? -15.979 -16.614 -4.384  1.00 49.02 ? 101 DG  B N7    1 
ATOM   280  C  C5    . DG  B 1 1  ? -16.685 -15.603 -3.751  1.00 49.02 ? 101 DG  B C5    1 
ATOM   281  C  C6    . DG  B 1 1  ? -16.823 -15.303 -2.370  1.00 49.02 ? 101 DG  B C6    1 
ATOM   282  O  O6    . DG  B 1 1  ? -16.330 -15.898 -1.401  1.00 49.02 ? 101 DG  B O6    1 
ATOM   283  N  N1    . DG  B 1 1  ? -17.629 -14.187 -2.166  1.00 49.02 ? 101 DG  B N1    1 
ATOM   284  C  C2    . DG  B 1 1  ? -18.227 -13.452 -3.163  1.00 49.02 ? 101 DG  B C2    1 
ATOM   285  N  N2    . DG  B 1 1  ? -18.967 -12.407 -2.762  1.00 49.02 ? 101 DG  B N2    1 
ATOM   286  N  N3    . DG  B 1 1  ? -18.108 -13.722 -4.454  1.00 49.02 ? 101 DG  B N3    1 
ATOM   287  C  C4    . DG  B 1 1  ? -17.330 -14.801 -4.673  1.00 49.02 ? 101 DG  B C4    1 
HETATM 288  N  N1    . BRU B 1 2  ? -16.415 -10.904 -4.767  1.00 36.43 ? 102 BRU B N1    1 
HETATM 289  C  C2    . BRU B 1 2  ? -16.279 -10.691 -3.416  1.00 36.43 ? 102 BRU B C2    1 
HETATM 290  N  N3    . BRU B 1 2  ? -15.364 -11.506 -2.793  1.00 36.43 ? 102 BRU B N3    1 
HETATM 291  C  C4    . BRU B 1 2  ? -14.592 -12.489 -3.380  1.00 36.43 ? 102 BRU B C4    1 
HETATM 292  C  C5    . BRU B 1 2  ? -14.789 -12.656 -4.806  1.00 36.43 ? 102 BRU B C5    1 
HETATM 293  C  C6    . BRU B 1 2  ? -15.677 -11.867 -5.419  1.00 36.43 ? 102 BRU B C6    1 
HETATM 294  O  O2    . BRU B 1 2  ? -16.920 -9.844  -2.816  1.00 36.43 ? 102 BRU B O2    1 
HETATM 295  O  O4    . BRU B 1 2  ? -13.809 -13.146 -2.693  1.00 36.43 ? 102 BRU B O4    1 
HETATM 296  BR BR    . BRU B 1 2  ? -13.797 -13.969 -5.714  1.00 53.62 ? 102 BRU B BR    1 
HETATM 297  C  "C1'" . BRU B 1 2  ? -17.398 -10.080 -5.506  1.00 55.51 ? 102 BRU B "C1'" 1 
HETATM 298  C  "C2'" . BRU B 1 2  ? -16.898 -9.284  -6.697  1.00 55.51 ? 102 BRU B "C2'" 1 
HETATM 299  C  "C3'" . BRU B 1 2  ? -18.165 -9.123  -7.517  1.00 55.51 ? 102 BRU B "C3'" 1 
HETATM 300  C  "C4'" . BRU B 1 2  ? -18.925 -10.418 -7.251  1.00 55.51 ? 102 BRU B "C4'" 1 
HETATM 301  O  "O3'" . BRU B 1 2  ? -18.925 -8.053  -6.967  1.00 55.51 ? 102 BRU B "O3'" 1 
HETATM 302  O  "O4'" . BRU B 1 2  ? -18.385 -10.954 -6.023  1.00 55.51 ? 102 BRU B "O4'" 1 
HETATM 303  C  "C5'" . BRU B 1 2  ? -18.851 -11.467 -8.334  1.00 52.18 ? 102 BRU B "C5'" 1 
HETATM 304  O  "O5'" . BRU B 1 2  ? -17.476 -11.760 -8.649  1.00 52.18 ? 102 BRU B "O5'" 1 
HETATM 305  P  P     . BRU B 1 2  ? -17.074 -12.311 -10.086 1.00 52.18 ? 102 BRU B P     1 
HETATM 306  O  OP1   . BRU B 1 2  ? -17.885 -11.600 -11.134 1.00 52.18 ? 102 BRU B OP1   1 
HETATM 307  O  OP2   . BRU B 1 2  ? -15.592 -12.327 -10.160 1.00 52.18 ? 102 BRU B OP2   1 
ATOM   308  P  P     . DT  B 1 3  ? -18.388 -6.541  -7.101  1.00 49.03 ? 103 DT  B P     1 
ATOM   309  O  OP1   . DT  B 1 3  ? -19.484 -5.725  -7.752  1.00 49.03 ? 103 DT  B OP1   1 
ATOM   310  O  OP2   . DT  B 1 3  ? -17.050 -6.664  -7.784  1.00 49.03 ? 103 DT  B OP2   1 
ATOM   311  O  "O5'" . DT  B 1 3  ? -18.199 -6.010  -5.589  1.00 49.03 ? 103 DT  B "O5'" 1 
ATOM   312  C  "C5'" . DT  B 1 3  ? -19.283 -6.082  -4.641  1.00 49.03 ? 103 DT  B "C5'" 1 
ATOM   313  C  "C4'" . DT  B 1 3  ? -18.793 -5.950  -3.217  1.00 38.00 ? 103 DT  B "C4'" 1 
ATOM   314  O  "O4'" . DT  B 1 3  ? -17.892 -7.007  -2.792  1.00 38.00 ? 103 DT  B "O4'" 1 
ATOM   315  C  "C3'" . DT  B 1 3  ? -18.170 -4.627  -2.746  1.00 38.00 ? 103 DT  B "C3'" 1 
ATOM   316  O  "O3'" . DT  B 1 3  ? -18.843 -4.252  -1.513  1.00 38.00 ? 103 DT  B "O3'" 1 
ATOM   317  C  "C2'" . DT  B 1 3  ? -16.721 -4.996  -2.467  1.00 38.00 ? 103 DT  B "C2'" 1 
ATOM   318  C  "C1'" . DT  B 1 3  ? -16.835 -6.441  -2.019  1.00 38.00 ? 103 DT  B "C1'" 1 
ATOM   319  N  N1    . DT  B 1 3  ? -15.616 -7.282  -2.187  1.00 24.86 ? 103 DT  B N1    1 
ATOM   320  C  C2    . DT  B 1 3  ? -15.058 -7.838  -1.056  1.00 24.86 ? 103 DT  B C2    1 
ATOM   321  O  O2    . DT  B 1 3  ? -15.516 -7.659  0.059   1.00 24.86 ? 103 DT  B O2    1 
ATOM   322  N  N3    . DT  B 1 3  ? -13.943 -8.618  -1.282  1.00 24.86 ? 103 DT  B N3    1 
ATOM   323  C  C4    . DT  B 1 3  ? -13.349 -8.888  -2.506  1.00 24.86 ? 103 DT  B C4    1 
ATOM   324  O  O4    . DT  B 1 3  ? -12.350 -9.614  -2.561  1.00 24.86 ? 103 DT  B O4    1 
ATOM   325  C  C5    . DT  B 1 3  ? -13.990 -8.268  -3.649  1.00 24.86 ? 103 DT  B C5    1 
ATOM   326  C  C7    . DT  B 1 3  ? -13.422 -8.498  -5.013  1.00 24.86 ? 103 DT  B C7    1 
ATOM   327  C  C6    . DT  B 1 3  ? -15.074 -7.508  -3.434  1.00 24.86 ? 103 DT  B C6    1 
ATOM   328  P  P     . DT  B 1 4  ? -18.534 -2.842  -0.781  1.00 49.27 ? 104 DT  B P     1 
ATOM   329  O  OP1   . DT  B 1 4  ? -19.835 -2.487  -0.174  1.00 49.27 ? 104 DT  B OP1   1 
ATOM   330  O  OP2   . DT  B 1 4  ? -17.835 -1.848  -1.619  1.00 49.27 ? 104 DT  B OP2   1 
ATOM   331  O  "O5'" . DT  B 1 4  ? -17.498 -3.261  0.342   1.00 49.27 ? 104 DT  B "O5'" 1 
ATOM   332  C  "C5'" . DT  B 1 4  ? -17.841 -4.266  1.275   1.00 49.27 ? 104 DT  B "C5'" 1 
ATOM   333  C  "C4'" . DT  B 1 4  ? -16.826 -4.302  2.388   1.00 36.44 ? 104 DT  B "C4'" 1 
ATOM   334  O  "O4'" . DT  B 1 4  ? -15.759 -5.238  2.108   1.00 36.44 ? 104 DT  B "O4'" 1 
ATOM   335  C  "C3'" . DT  B 1 4  ? -16.160 -2.966  2.743   1.00 36.44 ? 104 DT  B "C3'" 1 
ATOM   336  O  "O3'" . DT  B 1 4  ? -16.138 -2.858  4.190   1.00 36.44 ? 104 DT  B "O3'" 1 
ATOM   337  C  "C2'" . DT  B 1 4  ? -14.769 -3.093  2.133   1.00 36.44 ? 104 DT  B "C2'" 1 
ATOM   338  C  "C1'" . DT  B 1 4  ? -14.496 -4.593  2.202   1.00 36.44 ? 104 DT  B "C1'" 1 
ATOM   339  N  N1    . DT  B 1 4  ? -13.663 -5.074  1.089   1.00 40.19 ? 104 DT  B N1    1 
ATOM   340  C  C2    . DT  B 1 4  ? -12.766 -6.095  1.339   1.00 40.19 ? 104 DT  B C2    1 
ATOM   341  O  O2    . DT  B 1 4  ? -12.655 -6.632  2.426   1.00 40.19 ? 104 DT  B O2    1 
ATOM   342  N  N3    . DT  B 1 4  ? -12.001 -6.468  0.255   1.00 40.19 ? 104 DT  B N3    1 
ATOM   343  C  C4    . DT  B 1 4  ? -12.048 -5.930  -1.020  1.00 40.19 ? 104 DT  B C4    1 
ATOM   344  O  O4    . DT  B 1 4  ? -11.305 -6.360  -1.894  1.00 40.19 ? 104 DT  B O4    1 
ATOM   345  C  C5    . DT  B 1 4  ? -13.007 -4.867  -1.209  1.00 40.19 ? 104 DT  B C5    1 
ATOM   346  C  C7    . DT  B 1 4  ? -13.118 -4.232  -2.557  1.00 40.19 ? 104 DT  B C7    1 
ATOM   347  C  C6    . DT  B 1 4  ? -13.756 -4.496  -0.159  1.00 40.19 ? 104 DT  B C6    1 
ATOM   348  P  P     . DT  B 1 5  ? -15.348 -1.659  4.926   1.00 43.05 ? 105 DT  B P     1 
ATOM   349  O  OP1   . DT  B 1 5  ? -16.158 -1.497  6.158   1.00 43.05 ? 105 DT  B OP1   1 
ATOM   350  O  OP2   . DT  B 1 5  ? -15.101 -0.475  4.052   1.00 43.05 ? 105 DT  B OP2   1 
ATOM   351  O  "O5'" . DT  B 1 5  ? -13.976 -2.385  5.281   1.00 43.05 ? 105 DT  B "O5'" 1 
ATOM   352  C  "C5'" . DT  B 1 5  ? -14.009 -3.760  5.692   1.00 43.05 ? 105 DT  B "C5'" 1 
ATOM   353  C  "C4'" . DT  B 1 5  ? -12.675 -4.170  6.258   1.00 48.91 ? 105 DT  B "C4'" 1 
ATOM   354  O  "O4'" . DT  B 1 5  ? -11.875 -4.712  5.200   1.00 48.91 ? 105 DT  B "O4'" 1 
ATOM   355  C  "C3'" . DT  B 1 5  ? -11.873 -3.024  6.867   1.00 48.91 ? 105 DT  B "C3'" 1 
ATOM   356  O  "O3'" . DT  B 1 5  ? -11.101 -3.511  7.972   1.00 48.91 ? 105 DT  B "O3'" 1 
ATOM   357  C  "C2'" . DT  B 1 5  ? -10.932 -2.633  5.749   1.00 48.91 ? 105 DT  B "C2'" 1 
ATOM   358  C  "C1'" . DT  B 1 5  ? -10.692 -3.951  5.045   1.00 48.91 ? 105 DT  B "C1'" 1 
ATOM   359  N  N1    . DT  B 1 5  ? -10.440 -3.801  3.599   1.00 44.16 ? 105 DT  B N1    1 
ATOM   360  C  C2    . DT  B 1 5  ? -9.561  -4.686  3.015   1.00 44.16 ? 105 DT  B C2    1 
ATOM   361  O  O2    . DT  B 1 5  ? -9.013  -5.581  3.637   1.00 44.16 ? 105 DT  B O2    1 
ATOM   362  N  N3    . DT  B 1 5  ? -9.350  -4.484  1.673   1.00 44.16 ? 105 DT  B N3    1 
ATOM   363  C  C4    . DT  B 1 5  ? -9.919  -3.508  0.877   1.00 44.16 ? 105 DT  B C4    1 
ATOM   364  O  O4    . DT  B 1 5  ? -9.637  -3.445  -0.321  1.00 44.16 ? 105 DT  B O4    1 
ATOM   365  C  C5    . DT  B 1 5  ? -10.830 -2.618  1.554   1.00 44.16 ? 105 DT  B C5    1 
ATOM   366  C  C7    . DT  B 1 5  ? -11.487 -1.531  0.767   1.00 44.16 ? 105 DT  B C7    1 
ATOM   367  C  C6    . DT  B 1 5  ? -11.045 -2.805  2.864   1.00 44.16 ? 105 DT  B C6    1 
ATOM   368  P  P     . DG  B 1 6  ? -10.688 -2.511  9.170   1.00 47.31 ? 106 DG  B P     1 
ATOM   369  O  OP1   . DG  B 1 6  ? -11.264 -3.160  10.408  1.00 47.31 ? 106 DG  B OP1   1 
ATOM   370  O  OP2   . DG  B 1 6  ? -11.047 -1.108  8.797   1.00 47.31 ? 106 DG  B OP2   1 
ATOM   371  O  "O5'" . DG  B 1 6  ? -9.100  -2.573  9.227   1.00 47.31 ? 106 DG  B "O5'" 1 
ATOM   372  C  "C5'" . DG  B 1 6  ? -8.422  -3.838  9.311   1.00 47.31 ? 106 DG  B "C5'" 1 
ATOM   373  C  "C4'" . DG  B 1 6  ? -6.997  -3.713  8.810   1.00 41.01 ? 106 DG  B "C4'" 1 
ATOM   374  O  "O4'" . DG  B 1 6  ? -6.921  -3.639  7.356   1.00 41.01 ? 106 DG  B "O4'" 1 
ATOM   375  C  "C3'" . DG  B 1 6  ? -6.233  -2.496  9.355   1.00 41.01 ? 106 DG  B "C3'" 1 
ATOM   376  O  "O3'" . DG  B 1 6  ? -4.898  -2.836  9.734   1.00 41.01 ? 106 DG  B "O3'" 1 
ATOM   377  C  "C2'" . DG  B 1 6  ? -6.159  -1.565  8.166   1.00 41.01 ? 106 DG  B "C2'" 1 
ATOM   378  C  "C1'" . DG  B 1 6  ? -6.081  -2.547  7.016   1.00 41.01 ? 106 DG  B "C1'" 1 
ATOM   379  N  N9    . DG  B 1 6  ? -6.534  -2.015  5.747   1.00 38.39 ? 106 DG  B N9    1 
ATOM   380  C  C8    . DG  B 1 6  ? -7.417  -0.990  5.513   1.00 38.39 ? 106 DG  B C8    1 
ATOM   381  N  N7    . DG  B 1 6  ? -7.611  -0.762  4.241   1.00 38.39 ? 106 DG  B N7    1 
ATOM   382  C  C5    . DG  B 1 6  ? -6.810  -1.696  3.598   1.00 38.39 ? 106 DG  B C5    1 
ATOM   383  C  C6    . DG  B 1 6  ? -6.605  -1.935  2.215   1.00 38.39 ? 106 DG  B C6    1 
ATOM   384  O  O6    . DG  B 1 6  ? -7.108  -1.346  1.252   1.00 38.39 ? 106 DG  B O6    1 
ATOM   385  N  N1    . DG  B 1 6  ? -5.708  -2.977  2.003   1.00 38.39 ? 106 DG  B N1    1 
ATOM   386  C  C2    . DG  B 1 6  ? -5.086  -3.700  2.991   1.00 38.39 ? 106 DG  B C2    1 
ATOM   387  N  N2    . DG  B 1 6  ? -4.251  -4.668  2.586   1.00 38.39 ? 106 DG  B N2    1 
ATOM   388  N  N3    . DG  B 1 6  ? -5.270  -3.487  4.284   1.00 38.39 ? 106 DG  B N3    1 
ATOM   389  C  C4    . DG  B 1 6  ? -6.138  -2.478  4.513   1.00 38.39 ? 106 DG  B C4    1 
HETATM 390  P  P     . S02 B 1 7  ? -4.174  -1.987  10.867  1.00 56.47 ? 107 S02 B P     1 
HETATM 391  O  O1P   . S02 B 1 7  ? -3.600  -3.005  11.785  1.00 56.47 ? 107 S02 B O1P   1 
HETATM 392  O  O2P   . S02 B 1 7  ? -5.167  -1.009  11.350  1.00 56.47 ? 107 S02 B O2P   1 
HETATM 393  O  "O5'" . S02 B 1 7  ? -3.069  -1.097  10.139  1.00 52.02 ? 107 S02 B "O5'" 1 
HETATM 394  C  "C5'" . S02 B 1 7  ? -1.878  -1.690  9.588   1.00 52.02 ? 107 S02 B "C5'" 1 
HETATM 395  C  "CA'" . S02 B 1 7  ? -2.160  -2.363  8.329   1.00 47.07 ? 107 S02 B "CA'" 1 
HETATM 396  O  "OB'" . S02 B 1 7  ? -2.718  -1.397  7.430   1.00 47.07 ? 107 S02 B "OB'" 1 
HETATM 397  C  C1A   . S02 B 1 7  ? -2.489  -1.619  5.991   1.00 33.80 ? 107 S02 B C1A   1 
HETATM 398  C  C6A   . S02 B 1 7  ? -3.201  -0.982  5.001   1.00 33.80 ? 107 S02 B C6A   1 
HETATM 399  C  C2A   . S02 B 1 7  ? -1.496  -2.548  5.661   1.00 33.80 ? 107 S02 B C2A   1 
HETATM 400  C  C3A   . S02 B 1 7  ? -1.240  -2.805  4.361   1.00 33.80 ? 107 S02 B C3A   1 
HETATM 401  C  C4A   . S02 B 1 7  ? -1.924  -2.174  3.397   1.00 33.80 ? 107 S02 B C4A   1 
HETATM 402  C  C7A   . S02 B 1 7  ? -1.594  -2.507  2.129   1.00 33.80 ? 107 S02 B C7A   1 
HETATM 403  C  C5A   . S02 B 1 7  ? -2.958  -1.226  3.699   1.00 33.80 ? 107 S02 B C5A   1 
HETATM 404  C  C1B   . S02 B 1 7  ? -0.537  -3.093  -2.509  1.00 33.80 ? 107 S02 B C1B   1 
HETATM 405  C  C6B   . S02 B 1 7  ? -0.032  -3.670  -1.369  1.00 33.80 ? 107 S02 B C6B   1 
HETATM 406  C  C2B   . S02 B 1 7  ? -1.600  -2.154  -2.435  1.00 33.80 ? 107 S02 B C2B   1 
HETATM 407  C  C3B   . S02 B 1 7  ? -2.083  -1.801  -1.219  1.00 33.80 ? 107 S02 B C3B   1 
HETATM 408  C  C4B   . S02 B 1 7  ? -1.547  -2.342  -0.099  1.00 33.80 ? 107 S02 B C4B   1 
HETATM 409  C  C7B   . S02 B 1 7  ? -1.997  -1.929  1.119   1.00 33.80 ? 107 S02 B C7B   1 
HETATM 410  C  C5B   . S02 B 1 7  ? -0.492  -3.329  -0.160  1.00 33.80 ? 107 S02 B C5B   1 
HETATM 411  O  "OC'" . S02 B 1 7  ? 0.008   -3.385  -3.808  1.00 77.07 ? 107 S02 B "OC'" 1 
HETATM 412  C  "CD'" . S02 B 1 7  ? 0.879   -4.546  -3.835  1.00 77.07 ? 107 S02 B "CD'" 1 
HETATM 413  C  "C3'" . S02 B 1 7  ? 1.452   -4.820  -5.014  1.00 77.07 ? 107 S02 B "C3'" 1 
HETATM 414  O  "O3'" . S02 B 1 7  ? 0.553   -5.382  -5.968  1.00 77.07 ? 107 S02 B "O3'" 1 
ATOM   415  P  P     . DC  B 1 8  ? -0.420  -4.416  -6.801  1.00 51.58 ? 109 DC  B P     1 
ATOM   416  O  OP1   . DC  B 1 8  ? -0.595  -4.879  -8.185  1.00 51.58 ? 109 DC  B OP1   1 
ATOM   417  O  OP2   . DC  B 1 8  ? 0.082   -3.038  -6.551  1.00 51.58 ? 109 DC  B OP2   1 
ATOM   418  O  "O5'" . DC  B 1 8  ? -1.867  -4.699  -6.203  1.00 51.58 ? 109 DC  B "O5'" 1 
ATOM   419  C  "C5'" . DC  B 1 8  ? -2.264  -6.039  -5.904  1.00 51.58 ? 109 DC  B "C5'" 1 
ATOM   420  C  "C4'" . DC  B 1 8  ? -1.630  -6.459  -4.601  1.00 41.06 ? 109 DC  B "C4'" 1 
ATOM   421  O  "O4'" . DC  B 1 8  ? -1.836  -5.341  -3.717  1.00 41.06 ? 109 DC  B "O4'" 1 
ATOM   422  C  "C3'" . DC  B 1 8  ? -2.256  -7.676  -3.921  1.00 41.06 ? 109 DC  B "C3'" 1 
ATOM   423  O  "O3'" . DC  B 1 8  ? -1.311  -8.521  -3.248  1.00 41.06 ? 109 DC  B "O3'" 1 
ATOM   424  C  "C2'" . DC  B 1 8  ? -3.223  -7.059  -2.932  1.00 41.06 ? 109 DC  B "C2'" 1 
ATOM   425  C  "C1'" . DC  B 1 8  ? -2.612  -5.716  -2.602  1.00 41.06 ? 109 DC  B "C1'" 1 
ATOM   426  N  N1    . DC  B 1 8  ? -3.601  -4.665  -2.380  1.00 23.88 ? 109 DC  B N1    1 
ATOM   427  C  C2    . DC  B 1 8  ? -3.998  -4.444  -1.063  1.00 23.88 ? 109 DC  B C2    1 
ATOM   428  O  O2    . DC  B 1 8  ? -3.513  -5.149  -0.164  1.00 23.88 ? 109 DC  B O2    1 
ATOM   429  N  N3    . DC  B 1 8  ? -4.901  -3.471  -0.801  1.00 23.88 ? 109 DC  B N3    1 
ATOM   430  C  C4    . DC  B 1 8  ? -5.395  -2.738  -1.801  1.00 23.88 ? 109 DC  B C4    1 
ATOM   431  N  N4    . DC  B 1 8  ? -6.280  -1.791  -1.500  1.00 23.88 ? 109 DC  B N4    1 
ATOM   432  C  C5    . DC  B 1 8  ? -5.006  -2.946  -3.153  1.00 23.88 ? 109 DC  B C5    1 
ATOM   433  C  C6    . DC  B 1 8  ? -4.117  -3.909  -3.393  1.00 23.88 ? 109 DC  B C6    1 
ATOM   434  P  P     . DA  B 1 9  ? -1.200  -10.055 -3.698  1.00 49.84 ? 110 DA  B P     1 
ATOM   435  O  OP1   . DA  B 1 9  ? 0.171   -10.201 -4.209  1.00 49.84 ? 110 DA  B OP1   1 
ATOM   436  O  OP2   . DA  B 1 9  ? -2.370  -10.408 -4.542  1.00 49.84 ? 110 DA  B OP2   1 
ATOM   437  O  "O5'" . DA  B 1 9  ? -1.301  -10.999 -2.428  1.00 49.84 ? 110 DA  B "O5'" 1 
ATOM   438  C  "C5'" . DA  B 1 9  ? -0.974  -10.540 -1.131  1.00 49.84 ? 110 DA  B "C5'" 1 
ATOM   439  C  "C4'" . DA  B 1 9  ? -2.139  -10.822 -0.225  1.00 21.39 ? 110 DA  B "C4'" 1 
ATOM   440  O  "O4'" . DA  B 1 9  ? -3.115  -9.747  -0.245  1.00 21.39 ? 110 DA  B "O4'" 1 
ATOM   441  C  "C3'" . DA  B 1 9  ? -2.896  -12.064 -0.657  1.00 21.39 ? 110 DA  B "C3'" 1 
ATOM   442  O  "O3'" . DA  B 1 9  ? -3.316  -12.662 0.531   1.00 21.39 ? 110 DA  B "O3'" 1 
ATOM   443  C  "C2'" . DA  B 1 9  ? -4.147  -11.516 -1.325  1.00 21.39 ? 110 DA  B "C2'" 1 
ATOM   444  C  "C1'" . DA  B 1 9  ? -4.411  -10.289 -0.477  1.00 21.39 ? 110 DA  B "C1'" 1 
ATOM   445  N  N9    . DA  B 1 9  ? -5.259  -9.224  -1.031  1.00 47.38 ? 110 DA  B N9    1 
ATOM   446  C  C8    . DA  B 1 9  ? -5.502  -9.001  -2.363  1.00 47.38 ? 110 DA  B C8    1 
ATOM   447  N  N7    . DA  B 1 9  ? -6.276  -7.962  -2.593  1.00 47.38 ? 110 DA  B N7    1 
ATOM   448  C  C5    . DA  B 1 9  ? -6.563  -7.471  -1.325  1.00 47.38 ? 110 DA  B C5    1 
ATOM   449  C  C6    . DA  B 1 9  ? -7.340  -6.380  -0.873  1.00 47.38 ? 110 DA  B C6    1 
ATOM   450  N  N6    . DA  B 1 9  ? -7.998  -5.543  -1.678  1.00 47.38 ? 110 DA  B N6    1 
ATOM   451  N  N1    . DA  B 1 9  ? -7.417  -6.176  0.458   1.00 47.38 ? 110 DA  B N1    1 
ATOM   452  C  C2    . DA  B 1 9  ? -6.760  -7.013  1.275   1.00 47.38 ? 110 DA  B C2    1 
ATOM   453  N  N3    . DA  B 1 9  ? -6.003  -8.065  0.972   1.00 47.38 ? 110 DA  B N3    1 
ATOM   454  C  C4    . DA  B 1 9  ? -5.944  -8.242  -0.356  1.00 47.38 ? 110 DA  B C4    1 
ATOM   455  P  P     . DA  B 1 10 ? -3.369  -14.238 0.638   1.00 55.19 ? 111 DA  B P     1 
ATOM   456  O  OP1   . DA  B 1 10 ? -1.930  -14.594 0.821   1.00 55.19 ? 111 DA  B OP1   1 
ATOM   457  O  OP2   . DA  B 1 10 ? -4.142  -14.737 -0.543  1.00 55.19 ? 111 DA  B OP2   1 
ATOM   458  O  "O5'" . DA  B 1 10 ? -4.188  -14.510 1.984   1.00 55.19 ? 111 DA  B "O5'" 1 
ATOM   459  C  "C5'" . DA  B 1 10 ? -3.939  -13.726 3.163   1.00 55.19 ? 111 DA  B "C5'" 1 
ATOM   460  C  "C4'" . DA  B 1 10 ? -5.213  -13.072 3.641   1.00 48.53 ? 111 DA  B "C4'" 1 
ATOM   461  O  "O4'" . DA  B 1 10 ? -5.700  -12.061 2.725   1.00 48.53 ? 111 DA  B "O4'" 1 
ATOM   462  C  "C3'" . DA  B 1 10 ? -6.378  -14.027 3.873   1.00 48.53 ? 111 DA  B "C3'" 1 
ATOM   463  O  "O3'" . DA  B 1 10 ? -7.062  -13.557 5.034   1.00 48.53 ? 111 DA  B "O3'" 1 
ATOM   464  C  "C2'" . DA  B 1 10 ? -7.293  -13.748 2.704   1.00 48.53 ? 111 DA  B "C2'" 1 
ATOM   465  C  "C1'" . DA  B 1 10 ? -7.077  -12.267 2.564   1.00 48.53 ? 111 DA  B "C1'" 1 
ATOM   466  N  N9    . DA  B 1 10 ? -7.492  -11.672 1.306   1.00 30.88 ? 111 DA  B N9    1 
ATOM   467  C  C8    . DA  B 1 10 ? -7.208  -11.961 -0.005  1.00 30.88 ? 111 DA  B C8    1 
ATOM   468  N  N7    . DA  B 1 10 ? -7.815  -11.174 -0.865  1.00 30.88 ? 111 DA  B N7    1 
ATOM   469  C  C5    . DA  B 1 10 ? -8.552  -10.307 -0.064  1.00 30.88 ? 111 DA  B C5    1 
ATOM   470  C  C6    . DA  B 1 10 ? -9.418  -9.226  -0.364  1.00 30.88 ? 111 DA  B C6    1 
ATOM   471  N  N6    . DA  B 1 10 ? -9.701  -8.816  -1.600  1.00 30.88 ? 111 DA  B N6    1 
ATOM   472  N  N1    . DA  B 1 10 ? -9.991  -8.573  0.670   1.00 30.88 ? 111 DA  B N1    1 
ATOM   473  C  C2    . DA  B 1 10 ? -9.707  -8.983  1.916   1.00 30.88 ? 111 DA  B C2    1 
ATOM   474  N  N3    . DA  B 1 10 ? -8.916  -9.977  2.322   1.00 30.88 ? 111 DA  B N3    1 
ATOM   475  C  C4    . DA  B 1 10 ? -8.362  -10.604 1.272   1.00 30.88 ? 111 DA  B C4    1 
ATOM   476  P  P     . DA  B 1 11 ? -7.575  -14.595 6.169   1.00 41.02 ? 112 DA  B P     1 
ATOM   477  O  OP1   . DA  B 1 11 ? -6.425  -14.838 7.117   1.00 41.02 ? 112 DA  B OP1   1 
ATOM   478  O  OP2   . DA  B 1 11 ? -8.302  -15.769 5.560   1.00 41.02 ? 112 DA  B OP2   1 
ATOM   479  O  "O5'" . DA  B 1 11 ? -8.647  -13.699 6.923   1.00 41.02 ? 112 DA  B "O5'" 1 
ATOM   480  C  "C5'" . DA  B 1 11 ? -8.336  -12.332 7.178   1.00 41.02 ? 112 DA  B "C5'" 1 
ATOM   481  C  "C4'" . DA  B 1 11 ? -9.607  -11.532 7.264   1.00 50.60 ? 112 DA  B "C4'" 1 
ATOM   482  O  "O4'" . DA  B 1 11 ? -9.992  -11.078 5.947   1.00 50.60 ? 112 DA  B "O4'" 1 
ATOM   483  C  "C3'" . DA  B 1 11 ? -10.777 -12.340 7.817   1.00 50.60 ? 112 DA  B "C3'" 1 
ATOM   484  O  "O3'" . DA  B 1 11 ? -11.534 -11.522 8.718   1.00 50.60 ? 112 DA  B "O3'" 1 
ATOM   485  C  "C2'" . DA  B 1 11 ? -11.559 -12.717 6.567   1.00 50.60 ? 112 DA  B "C2'" 1 
ATOM   486  C  "C1'" . DA  B 1 11 ? -11.283 -11.553 5.618   1.00 50.60 ? 112 DA  B "C1'" 1 
ATOM   487  N  N9    . DA  B 1 11 ? -11.266 -11.868 4.191   1.00 46.44 ? 112 DA  B N9    1 
ATOM   488  C  C8    . DA  B 1 11 ? -10.677 -12.921 3.534   1.00 46.44 ? 112 DA  B C8    1 
ATOM   489  N  N7    . DA  B 1 11 ? -10.843 -12.893 2.233   1.00 46.44 ? 112 DA  B N7    1 
ATOM   490  C  C5    . DA  B 1 11 ? -11.595 -11.746 2.019   1.00 46.44 ? 112 DA  B C5    1 
ATOM   491  C  C6    . DA  B 1 11 ? -12.105 -11.151 0.849   1.00 46.44 ? 112 DA  B C6    1 
ATOM   492  N  N6    . DA  B 1 11 ? -11.930 -11.649 -0.378  1.00 46.44 ? 112 DA  B N6    1 
ATOM   493  N  N1    . DA  B 1 11 ? -12.814 -10.009 0.980   1.00 46.44 ? 112 DA  B N1    1 
ATOM   494  C  C2    . DA  B 1 11 ? -12.991 -9.507  2.206   1.00 46.44 ? 112 DA  B C2    1 
ATOM   495  N  N3    . DA  B 1 11 ? -12.561 -9.971  3.382   1.00 46.44 ? 112 DA  B N3    1 
ATOM   496  C  C4    . DA  B 1 11 ? -11.863 -11.107 3.216   1.00 46.44 ? 112 DA  B C4    1 
ATOM   497  P  P     . DA  B 1 12 ? -12.996 -11.988 9.157   1.00 50.07 ? 113 DA  B P     1 
ATOM   498  O  OP1   . DA  B 1 12 ? -13.294 -11.255 10.408  1.00 50.07 ? 113 DA  B OP1   1 
ATOM   499  O  OP2   . DA  B 1 12 ? -13.072 -13.479 9.118   1.00 50.07 ? 113 DA  B OP2   1 
ATOM   500  O  "O5'" . DA  B 1 12 ? -13.910 -11.411 7.994   1.00 50.07 ? 113 DA  B "O5'" 1 
ATOM   501  C  "C5'" . DA  B 1 12 ? -13.796 -10.045 7.620   1.00 50.07 ? 113 DA  B "C5'" 1 
ATOM   502  C  "C4'" . DA  B 1 12 ? -15.060 -9.600  6.926   1.00 49.51 ? 113 DA  B "C4'" 1 
ATOM   503  O  "O4'" . DA  B 1 12 ? -15.020 -9.893  5.510   1.00 49.51 ? 113 DA  B "O4'" 1 
ATOM   504  C  "C3'" . DA  B 1 12 ? -16.356 -10.212 7.452   1.00 49.51 ? 113 DA  B "C3'" 1 
ATOM   505  O  "O3'" . DA  B 1 12 ? -17.345 -9.184  7.456   1.00 49.51 ? 113 DA  B "O3'" 1 
ATOM   506  C  "C2'" . DA  B 1 12 ? -16.706 -11.261 6.404   1.00 49.51 ? 113 DA  B "C2'" 1 
ATOM   507  C  "C1'" . DA  B 1 12 ? -16.170 -10.638 5.114   1.00 49.51 ? 113 DA  B "C1'" 1 
ATOM   508  N  N9    . DA  B 1 12 ? -15.729 -11.579 4.083   1.00 37.88 ? 113 DA  B N9    1 
ATOM   509  C  C8    . DA  B 1 12 ? -15.207 -12.831 4.297   1.00 37.88 ? 113 DA  B C8    1 
ATOM   510  N  N7    . DA  B 1 12 ? -14.859 -13.456 3.196   1.00 37.88 ? 113 DA  B N7    1 
ATOM   511  C  C5    . DA  B 1 12 ? -15.176 -12.553 2.188   1.00 37.88 ? 113 DA  B C5    1 
ATOM   512  C  C6    . DA  B 1 12 ? -15.052 -12.616 0.790   1.00 37.88 ? 113 DA  B C6    1 
ATOM   513  N  N6    . DA  B 1 12 ? -14.553 -13.666 0.136   1.00 37.88 ? 113 DA  B N6    1 
ATOM   514  N  N1    . DA  B 1 12 ? -15.463 -11.548 0.072   1.00 37.88 ? 113 DA  B N1    1 
ATOM   515  C  C2    . DA  B 1 12 ? -15.964 -10.494 0.726   1.00 37.88 ? 113 DA  B C2    1 
ATOM   516  N  N3    . DA  B 1 12 ? -16.132 -10.314 2.038   1.00 37.88 ? 113 DA  B N3    1 
ATOM   517  C  C4    . DA  B 1 12 ? -15.714 -11.395 2.720   1.00 37.88 ? 113 DA  B C4    1 
ATOM   518  P  P     . DC  B 1 13 ? -18.890 -9.579  7.452   1.00 50.29 ? 114 DC  B P     1 
ATOM   519  O  OP1   . DC  B 1 13 ? -19.694 -8.393  7.872   1.00 50.29 ? 114 DC  B OP1   1 
ATOM   520  O  OP2   . DC  B 1 13 ? -18.980 -10.862 8.209   1.00 50.29 ? 114 DC  B OP2   1 
ATOM   521  O  "O5'" . DC  B 1 13 ? -19.220 -9.801  5.913   1.00 50.29 ? 114 DC  B "O5'" 1 
ATOM   522  C  "C5'" . DC  B 1 13 ? -19.403 -8.669  5.049   1.00 50.29 ? 114 DC  B "C5'" 1 
ATOM   523  C  "C4'" . DC  B 1 13 ? -20.200 -9.059  3.828   1.00 40.00 ? 114 DC  B "C4'" 1 
ATOM   524  O  "O4'" . DC  B 1 13 ? -19.426 -9.933  2.972   1.00 40.00 ? 114 DC  B "O4'" 1 
ATOM   525  C  "C3'" . DC  B 1 13 ? -21.525 -9.782  4.087   1.00 40.00 ? 114 DC  B "C3'" 1 
ATOM   526  O  "O3'" . DC  B 1 13 ? -22.589 -9.285  3.239   1.00 40.00 ? 114 DC  B "O3'" 1 
ATOM   527  C  "C2'" . DC  B 1 13 ? -21.240 -11.214 3.663   1.00 40.00 ? 114 DC  B "C2'" 1 
ATOM   528  C  "C1'" . DC  B 1 13 ? -20.261 -10.994 2.529   1.00 40.00 ? 114 DC  B "C1'" 1 
ATOM   529  N  N1    . DC  B 1 13 ? -19.407 -12.145 2.230   1.00 26.01 ? 114 DC  B N1    1 
ATOM   530  C  C2    . DC  B 1 13 ? -18.998 -12.404 0.911   1.00 26.01 ? 114 DC  B C2    1 
ATOM   531  O  O2    . DC  B 1 13 ? -19.390 -11.651 0.005   1.00 26.01 ? 114 DC  B O2    1 
ATOM   532  N  N3    . DC  B 1 13 ? -18.193 -13.461 0.662   1.00 26.01 ? 114 DC  B N3    1 
ATOM   533  C  C4    . DC  B 1 13 ? -17.797 -14.246 1.670   1.00 26.01 ? 114 DC  B C4    1 
ATOM   534  N  N4    . DC  B 1 13 ? -17.004 -15.279 1.380   1.00 26.01 ? 114 DC  B N4    1 
ATOM   535  C  C5    . DC  B 1 13 ? -18.194 -14.004 3.019   1.00 26.01 ? 114 DC  B C5    1 
ATOM   536  C  C6    . DC  B 1 13 ? -18.990 -12.951 3.251   1.00 26.01 ? 114 DC  B C6    1 
ATOM   537  O  "O5'" . DG  C 1 1  ? 18.176  -18.874 0.325   1.00 47.57 ? 201 DG  C "O5'" 1 
ATOM   538  C  "C5'" . DG  C 1 1  ? 18.037  -20.212 -0.183  1.00 47.57 ? 201 DG  C "C5'" 1 
ATOM   539  C  "C4'" . DG  C 1 1  ? 16.593  -20.663 -0.184  1.00 50.44 ? 201 DG  C "C4'" 1 
ATOM   540  O  "O4'" . DG  C 1 1  ? 16.106  -20.555 1.168   1.00 50.44 ? 201 DG  C "O4'" 1 
ATOM   541  C  "C3'" . DG  C 1 1  ? 15.662  -19.800 -1.042  1.00 50.44 ? 201 DG  C "C3'" 1 
ATOM   542  O  "O3'" . DG  C 1 1  ? 14.592  -20.597 -1.583  1.00 50.44 ? 201 DG  C "O3'" 1 
ATOM   543  C  "C2'" . DG  C 1 1  ? 15.095  -18.809 -0.047  1.00 50.44 ? 201 DG  C "C2'" 1 
ATOM   544  C  "C1'" . DG  C 1 1  ? 15.043  -19.624 1.231   1.00 50.44 ? 201 DG  C "C1'" 1 
ATOM   545  N  N9    . DG  C 1 1  ? 15.276  -18.785 2.384   1.00 49.02 ? 201 DG  C N9    1 
ATOM   546  C  C8    . DG  C 1 1  ? 16.363  -17.985 2.625   1.00 49.02 ? 201 DG  C C8    1 
ATOM   547  N  N7    . DG  C 1 1  ? 16.280  -17.334 3.753   1.00 49.02 ? 201 DG  C N7    1 
ATOM   548  C  C5    . DG  C 1 1  ? 15.063  -17.731 4.288   1.00 49.02 ? 201 DG  C C5    1 
ATOM   549  C  C6    . DG  C 1 1  ? 14.425  -17.359 5.500   1.00 49.02 ? 201 DG  C C6    1 
ATOM   550  O  O6    . DG  C 1 1  ? 14.827  -16.578 6.375   1.00 49.02 ? 201 DG  C O6    1 
ATOM   551  N  N1    . DG  C 1 1  ? 13.200  -18.000 5.651   1.00 49.02 ? 201 DG  C N1    1 
ATOM   552  C  C2    . DG  C 1 1  ? 12.657  -18.883 4.749   1.00 49.02 ? 201 DG  C C2    1 
ATOM   553  N  N2    . DG  C 1 1  ? 11.462  -19.399 5.070   1.00 49.02 ? 201 DG  C N2    1 
ATOM   554  N  N3    . DG  C 1 1  ? 13.243  -19.238 3.617   1.00 49.02 ? 201 DG  C N3    1 
ATOM   555  C  C4    . DG  C 1 1  ? 14.431  -18.626 3.452   1.00 49.02 ? 201 DG  C C4    1 
HETATM 556  N  N1    . BRU C 1 2  ? 11.000  -17.333 1.998   1.00 36.43 ? 202 BRU C N1    1 
HETATM 557  C  C2    . BRU C 1 2  ? 10.537  -16.781 3.175   1.00 36.43 ? 202 BRU C C2    1 
HETATM 558  N  N3    . BRU C 1 2  ? 11.340  -15.801 3.715   1.00 36.43 ? 202 BRU C N3    1 
HETATM 559  C  C4    . BRU C 1 2  ? 12.533  -15.332 3.196   1.00 36.43 ? 202 BRU C C4    1 
HETATM 560  C  C5    . BRU C 1 2  ? 12.956  -15.961 1.952   1.00 36.43 ? 202 BRU C C5    1 
HETATM 561  C  C6    . BRU C 1 2  ? 12.179  -16.913 1.427   1.00 36.43 ? 202 BRU C C6    1 
HETATM 562  O  O2    . BRU C 1 2  ? 9.504   -17.132 3.704   1.00 36.43 ? 202 BRU C O2    1 
HETATM 563  O  O4    . BRU C 1 2  ? 13.147  -14.444 3.788   1.00 36.43 ? 202 BRU C O4    1 
HETATM 564  BR BR    . BRU C 1 2  ? 14.560  -15.419 1.142   1.00 53.62 ? 202 BRU C BR    1 
HETATM 565  C  "C1'" . BRU C 1 2  ? 10.148  -18.401 1.380   1.00 55.51 ? 202 BRU C "C1'" 1 
HETATM 566  C  "C2'" . BRU C 1 2  ? 9.570   -18.174 -0.010  1.00 55.51 ? 202 BRU C "C2'" 1 
HETATM 567  C  "C3'" . BRU C 1 2  ? 9.315   -19.600 -0.480  1.00 55.51 ? 202 BRU C "C3'" 1 
HETATM 568  C  "C4'" . BRU C 1 2  ? 10.408  -20.420 0.203   1.00 55.51 ? 202 BRU C "C4'" 1 
HETATM 569  O  "O3'" . BRU C 1 2  ? 8.066   -20.098 -0.016  1.00 55.51 ? 202 BRU C "O3'" 1 
HETATM 570  O  "O4'" . BRU C 1 2  ? 10.908  -19.597 1.287   1.00 55.51 ? 202 BRU C "O4'" 1 
HETATM 571  C  "C5'" . BRU C 1 2  ? 11.555  -20.858 -0.675  1.00 52.18 ? 202 BRU C "C5'" 1 
HETATM 572  O  "O5'" . BRU C 1 2  ? 12.249  -19.714 -1.171  1.00 52.18 ? 202 BRU C "O5'" 1 
HETATM 573  P  P     . BRU C 1 2  ? 13.343  -19.878 -2.304  1.00 52.18 ? 202 BRU C P     1 
HETATM 574  O  OP1   . BRU C 1 2  ? 12.769  -20.878 -3.224  1.00 52.18 ? 202 BRU C OP1   1 
HETATM 575  O  OP2   . BRU C 1 2  ? 13.714  -18.505 -2.784  1.00 52.18 ? 202 BRU C OP2   1 
ATOM   576  P  P     . DT  C 1 3  ? 6.708   -19.405 -0.485  1.00 49.03 ? 203 DT  C P     1 
ATOM   577  O  OP1   . DT  C 1 3  ? 5.698   -20.458 -0.702  1.00 49.03 ? 203 DT  C OP1   1 
ATOM   578  O  OP2   . DT  C 1 3  ? 6.956   -18.379 -1.530  1.00 49.03 ? 203 DT  C OP2   1 
ATOM   579  O  "O5'" . DT  C 1 3  ? 6.258   -18.645 0.830   1.00 49.03 ? 203 DT  C "O5'" 1 
ATOM   580  C  "C5'" . DT  C 1 3  ? 6.093   -19.347 2.074   1.00 49.03 ? 203 DT  C "C5'" 1 
ATOM   581  C  "C4'" . DT  C 1 3  ? 5.504   -18.400 3.079   1.00 38.00 ? 203 DT  C "C4'" 1 
ATOM   582  O  "O4'" . DT  C 1 3  ? 6.503   -17.411 3.374   1.00 38.00 ? 203 DT  C "O4'" 1 
ATOM   583  C  "C3'" . DT  C 1 3  ? 4.292   -17.625 2.555   1.00 38.00 ? 203 DT  C "C3'" 1 
ATOM   584  O  "O3'" . DT  C 1 3  ? 3.357   -17.520 3.629   1.00 38.00 ? 203 DT  C "O3'" 1 
ATOM   585  C  "C2'" . DT  C 1 3  ? 4.858   -16.273 2.139   1.00 38.00 ? 203 DT  C "C2'" 1 
ATOM   586  C  "C1'" . DT  C 1 3  ? 6.003   -16.106 3.093   1.00 38.00 ? 203 DT  C "C1'" 1 
ATOM   587  N  N1    . DT  C 1 3  ? 7.165   -15.238 2.732   1.00 24.86 ? 203 DT  C N1    1 
ATOM   588  C  C2    . DT  C 1 3  ? 7.577   -14.413 3.754   1.00 24.86 ? 203 DT  C C2    1 
ATOM   589  O  O2    . DT  C 1 3  ? 7.026   -14.389 4.840   1.00 24.86 ? 203 DT  C O2    1 
ATOM   590  N  N3    . DT  C 1 3  ? 8.660   -13.619 3.458   1.00 24.86 ? 203 DT  C N3    1 
ATOM   591  C  C4    . DT  C 1 3  ? 9.359   -13.569 2.266   1.00 24.86 ? 203 DT  C C4    1 
ATOM   592  O  O4    . DT  C 1 3  ? 10.320  -12.805 2.148   1.00 24.86 ? 203 DT  C O4    1 
ATOM   593  C  C5    . DT  C 1 3  ? 8.873   -14.459 1.232   1.00 24.86 ? 203 DT  C C5    1 
ATOM   594  C  C7    . DT  C 1 3  ? 9.563   -14.475 -0.096  1.00 24.86 ? 203 DT  C C7    1 
ATOM   595  C  C6    . DT  C 1 3  ? 7.816   -15.238 1.513   1.00 24.86 ? 203 DT  C C6    1 
ATOM   596  P  P     . DT  C 1 4  ? 1.991   -16.677 3.453   1.00 49.27 ? 204 DT  C P     1 
ATOM   597  O  OP1   . DT  C 1 4  ? 0.884   -17.493 4.045   1.00 49.27 ? 204 DT  C OP1   1 
ATOM   598  O  OP2   . DT  C 1 4  ? 1.826   -16.070 2.092   1.00 49.27 ? 204 DT  C OP2   1 
ATOM   599  O  "O5'" . DT  C 1 4  ? 2.248   -15.506 4.481   1.00 49.27 ? 204 DT  C "O5'" 1 
ATOM   600  C  "C5'" . DT  C 1 4  ? 2.701   -15.826 5.779   1.00 49.27 ? 204 DT  C "C5'" 1 
ATOM   601  C  "C4'" . DT  C 1 4  ? 2.898   -14.556 6.548   1.00 36.44 ? 204 DT  C "C4'" 1 
ATOM   602  O  "O4'" . DT  C 1 4  ? 4.097   -13.882 6.098   1.00 36.44 ? 204 DT  C "O4'" 1 
ATOM   603  C  "C3'" . DT  C 1 4  ? 1.753   -13.555 6.395   1.00 36.44 ? 204 DT  C "C3'" 1 
ATOM   604  O  "O3'" . DT  C 1 4  ? 1.480   -13.064 7.724   1.00 36.44 ? 204 DT  C "O3'" 1 
ATOM   605  C  "C2'" . DT  C 1 4  ? 2.316   -12.506 5.438   1.00 36.44 ? 204 DT  C "C2'" 1 
ATOM   606  C  "C1'" . DT  C 1 4  ? 3.802   -12.529 5.767   1.00 36.44 ? 204 DT  C "C1'" 1 
ATOM   607  N  N1    . DT  C 1 4  ? 4.694   -12.115 4.666   1.00 40.19 ? 204 DT  C N1    1 
ATOM   608  C  C2    . DT  C 1 4  ? 5.570   -11.075 4.888   1.00 40.19 ? 204 DT  C C2    1 
ATOM   609  O  O2    . DT  C 1 4  ? 5.660   -10.500 5.957   1.00 40.19 ? 204 DT  C O2    1 
ATOM   610  N  N3    . DT  C 1 4  ? 6.339   -10.728 3.803   1.00 40.19 ? 204 DT  C N3    1 
ATOM   611  C  C4    . DT  C 1 4  ? 6.319   -11.307 2.546   1.00 40.19 ? 204 DT  C C4    1 
ATOM   612  O  O4    . DT  C 1 4  ? 7.067   -10.892 1.666   1.00 40.19 ? 204 DT  C O4    1 
ATOM   613  C  C5    . DT  C 1 4  ? 5.376   -12.392 2.384   1.00 40.19 ? 204 DT  C C5    1 
ATOM   614  C  C7    . DT  C 1 4  ? 5.282   -13.081 1.059   1.00 40.19 ? 204 DT  C C7    1 
ATOM   615  C  C6    . DT  C 1 4  ? 4.620   -12.735 3.437   1.00 40.19 ? 204 DT  C C6    1 
ATOM   616  P  P     . DT  C 1 5  ? 0.474   -11.835 7.960   1.00 43.05 ? 205 DT  C P     1 
ATOM   617  O  OP1   . DT  C 1 5  ? 0.132   -11.952 9.414   1.00 43.05 ? 205 DT  C OP1   1 
ATOM   618  O  OP2   . DT  C 1 5  ? -0.620  -11.854 6.938   1.00 43.05 ? 205 DT  C OP2   1 
ATOM   619  O  "O5'" . DT  C 1 5  ? 1.455   -10.584 7.801   1.00 43.05 ? 205 DT  C "O5'" 1 
ATOM   620  C  "C5'" . DT  C 1 5  ? 2.658   -10.534 8.604   1.00 43.05 ? 205 DT  C "C5'" 1 
ATOM   621  C  "C4'" . DT  C 1 5  ? 3.198   -9.123  8.697   1.00 48.91 ? 205 DT  C "C4'" 1 
ATOM   622  O  "O4'" . DT  C 1 5  ? 4.056   -8.801  7.596   1.00 48.91 ? 205 DT  C "O4'" 1 
ATOM   623  C  "C3'" . DT  C 1 5  ? 2.153   -8.020  8.730   1.00 48.91 ? 205 DT  C "C3'" 1 
ATOM   624  O  "O3'" . DT  C 1 5  ? 2.635   -7.007  9.607   1.00 48.91 ? 205 DT  C "O3'" 1 
ATOM   625  C  "C2'" . DT  C 1 5  ? 2.146   -7.491  7.309   1.00 48.91 ? 205 DT  C "C2'" 1 
ATOM   626  C  "C1'" . DT  C 1 5  ? 3.586   -7.657  6.924   1.00 48.91 ? 205 DT  C "C1'" 1 
ATOM   627  N  N1    . DT  C 1 5  ? 3.752   -7.896  5.511   1.00 44.16 ? 205 DT  C N1    1 
ATOM   628  C  C2    . DT  C 1 5  ? 4.765   -7.226  4.876   1.00 44.16 ? 205 DT  C C2    1 
ATOM   629  O  O2    . DT  C 1 5  ? 5.521   -6.465  5.459   1.00 44.16 ? 205 DT  C O2    1 
ATOM   630  N  N3    . DT  C 1 5  ? 4.868   -7.478  3.533   1.00 44.16 ? 205 DT  C N3    1 
ATOM   631  C  C4    . DT  C 1 5  ? 4.079   -8.312  2.777   1.00 44.16 ? 205 DT  C C4    1 
ATOM   632  O  O4    . DT  C 1 5  ? 4.303   -8.435  1.574   1.00 44.16 ? 205 DT  C O4    1 
ATOM   633  C  C5    . DT  C 1 5  ? 3.029   -8.987  3.505   1.00 44.16 ? 205 DT  C C5    1 
ATOM   634  C  C7    . DT  C 1 5  ? 2.117   -9.911  2.767   1.00 44.16 ? 205 DT  C C7    1 
ATOM   635  C  C6    . DT  C 1 5  ? 2.917   -8.749  4.820   1.00 44.16 ? 205 DT  C C6    1 
ATOM   636  P  P     . DG  C 1 6  ? 1.623   -6.299  10.622  1.00 47.31 ? 206 DG  C P     1 
ATOM   637  O  OP1   . DG  C 1 6  ? 2.406   -6.311  11.901  1.00 47.31 ? 206 DG  C OP1   1 
ATOM   638  O  OP2   . DG  C 1 6  ? 0.271   -6.919  10.554  1.00 47.31 ? 206 DG  C OP2   1 
ATOM   639  O  "O5'" . DG  C 1 6  ? 1.498   -4.817  10.052  1.00 47.31 ? 206 DG  C "O5'" 1 
ATOM   640  C  "C5'" . DG  C 1 6  ? 2.487   -3.843  10.419  1.00 47.31 ? 206 DG  C "C5'" 1 
ATOM   641  C  "C4'" . DG  C 1 6  ? 2.706   -2.840  9.312   1.00 41.01 ? 206 DG  C "C4'" 1 
ATOM   642  O  "O4'" . DG  C 1 6  ? 3.019   -3.480  8.042   1.00 41.01 ? 206 DG  C "O4'" 1 
ATOM   643  C  "C3'" . DG  C 1 6  ? 1.573   -1.857  9.030   1.00 41.01 ? 206 DG  C "C3'" 1 
ATOM   644  O  "O3'" . DG  C 1 6  ? 2.176   -0.603  8.838   1.00 41.01 ? 206 DG  C "O3'" 1 
ATOM   645  C  "C2'" . DG  C 1 6  ? 1.072   -2.270  7.661   1.00 41.01 ? 206 DG  C "C2'" 1 
ATOM   646  C  "C1'" . DG  C 1 6  ? 2.365   -2.749  7.024   1.00 41.01 ? 206 DG  C "C1'" 1 
ATOM   647  N  N9    . DG  C 1 6  ? 2.228   -3.610  5.861   1.00 38.39 ? 206 DG  C N9    1 
ATOM   648  C  C8    . DG  C 1 6  ? 1.285   -4.580  5.642   1.00 38.39 ? 206 DG  C C8    1 
ATOM   649  N  N7    . DG  C 1 6  ? 1.433   -5.179  4.495   1.00 38.39 ? 206 DG  C N7    1 
ATOM   650  C  C5    . DG  C 1 6  ? 2.541   -4.568  3.927   1.00 38.39 ? 206 DG  C C5    1 
ATOM   651  C  C6    . DG  C 1 6  ? 3.172   -4.802  2.688   1.00 38.39 ? 206 DG  C C6    1 
ATOM   652  O  O6    . DG  C 1 6  ? 2.862   -5.621  1.821   1.00 38.39 ? 206 DG  C O6    1 
ATOM   653  N  N1    . DG  C 1 6  ? 4.267   -3.963  2.497   1.00 38.39 ? 206 DG  C N1    1 
ATOM   654  C  C2    . DG  C 1 6  ? 4.696   -3.016  3.393   1.00 38.39 ? 206 DG  C C2    1 
ATOM   655  N  N2    . DG  C 1 6  ? 5.780   -2.304  3.029   1.00 38.39 ? 206 DG  C N2    1 
ATOM   656  N  N3    . DG  C 1 6  ? 4.105   -2.786  4.560   1.00 38.39 ? 206 DG  C N3    1 
ATOM   657  C  C4    . DG  C 1 6  ? 3.042   -3.597  4.758   1.00 38.39 ? 206 DG  C C4    1 
HETATM 658  P  P     . S02 C 1 7  ? 1.970   0.529   9.907   1.00 50.39 ? 207 S02 C P     1 
HETATM 659  O  O1P   . S02 C 1 7  ? 3.242   1.260   10.004  1.00 50.39 ? 207 S02 C O1P   1 
HETATM 660  O  O2P   . S02 C 1 7  ? 1.434   -0.143  11.094  1.00 50.39 ? 207 S02 C O2P   1 
HETATM 661  O  "O5'" . S02 C 1 7  ? 0.876   1.452   9.215   1.00 52.55 ? 207 S02 C "O5'" 1 
HETATM 662  C  "C5'" . S02 C 1 7  ? 1.230   2.341   8.141   1.00 52.55 ? 207 S02 C "C5'" 1 
HETATM 663  C  "CA'" . S02 C 1 7  ? 1.897   1.701   7.010   1.00 54.02 ? 207 S02 C "CA'" 1 
HETATM 664  O  "OB'" . S02 C 1 7  ? 1.119   0.673   6.352   1.00 54.02 ? 207 S02 C "OB'" 1 
HETATM 665  C  C1A   . S02 C 1 7  ? 1.554   0.217   5.018   1.00 33.80 ? 207 S02 C C1A   1 
HETATM 666  C  C6A   . S02 C 1 7  ? 0.916   -0.642  4.155   1.00 33.80 ? 207 S02 C C6A   1 
HETATM 667  C  C2A   . S02 C 1 7  ? 2.792   0.807   4.661   1.00 33.80 ? 207 S02 C C2A   1 
HETATM 668  C  C3A   . S02 C 1 7  ? 3.349   0.496   3.471   1.00 33.80 ? 207 S02 C C3A   1 
HETATM 669  C  C4A   . S02 C 1 7  ? 2.729   -0.359  2.638   1.00 33.80 ? 207 S02 C C4A   1 
HETATM 670  C  C7A   . S02 C 1 7  ? 3.370   -0.651  1.478   1.00 33.80 ? 207 S02 C C7A   1 
HETATM 671  C  C5A   . S02 C 1 7  ? 1.459   -0.961  2.970   1.00 33.80 ? 207 S02 C C5A   1 
HETATM 672  C  C1B   . S02 C 1 7  ? 4.683   -1.838  -3.030  1.00 33.80 ? 207 S02 C C1B   1 
HETATM 673  C  C6B   . S02 C 1 7  ? 5.358   -1.147  -2.058  1.00 33.80 ? 207 S02 C C6B   1 
HETATM 674  C  C2B   . S02 C 1 7  ? 3.388   -2.334  -2.787  1.00 33.80 ? 207 S02 C C2B   1 
HETATM 675  C  C3B   . S02 C 1 7  ? 2.808   -2.114  -1.591  1.00 33.80 ? 207 S02 C C3B   1 
HETATM 676  C  C4B   . S02 C 1 7  ? 3.473   -1.439  -0.641  1.00 33.80 ? 207 S02 C C4B   1 
HETATM 677  C  C7B   . S02 C 1 7  ? 2.829   -1.240  0.550   1.00 33.80 ? 207 S02 C C7B   1 
HETATM 678  C  C5B   . S02 C 1 7  ? 4.804   -0.920  -0.864  1.00 33.80 ? 207 S02 C C5B   1 
HETATM 679  O  "OC'" . S02 C 1 7  ? 5.213   -2.103  -4.370  1.00 74.02 ? 207 S02 C "OC'" 1 
HETATM 680  C  "CD'" . S02 C 1 7  ? 6.323   -1.344  -4.849  1.00 74.02 ? 207 S02 C "CD'" 1 
HETATM 681  C  "C3'" . S02 C 1 7  ? 6.660   -1.853  -6.035  1.00 74.02 ? 207 S02 C "C3'" 1 
HETATM 682  O  "O3'" . S02 C 1 7  ? 6.340   -3.238  -6.020  1.00 74.02 ? 207 S02 C "O3'" 1 
ATOM   683  P  P     . DC  C 1 8  ? 7.495   -4.320  -6.277  1.00 55.18 ? 209 DC  C P     1 
ATOM   684  O  OP1   . DC  C 1 8  ? 8.263   -3.786  -7.417  1.00 55.18 ? 209 DC  C OP1   1 
ATOM   685  O  OP2   . DC  C 1 8  ? 6.914   -5.706  -6.345  1.00 55.18 ? 209 DC  C OP2   1 
ATOM   686  O  "O5'" . DC  C 1 8  ? 8.451   -4.203  -5.012  1.00 55.18 ? 209 DC  C "O5'" 1 
ATOM   687  C  "C5'" . DC  C 1 8  ? 9.601   -3.337  -5.040  1.00 52.16 ? 209 DC  C "C5'" 1 
ATOM   688  C  "C4'" . DC  C 1 8  ? 9.771   -2.675  -3.693  1.00 42.52 ? 209 DC  C "C4'" 1 
ATOM   689  O  "O4'" . DC  C 1 8  ? 8.420   -2.506  -3.252  1.00 42.52 ? 209 DC  C "O4'" 1 
ATOM   690  C  "C3'" . DC  C 1 8  ? 10.452  -3.477  -2.577  1.00 42.52 ? 209 DC  C "C3'" 1 
ATOM   691  O  "O3'" . DC  C 1 8  ? 11.804  -3.054  -2.405  1.00 42.52 ? 209 DC  C "O3'" 1 
ATOM   692  C  "C2'" . DC  C 1 8  ? 9.739   -3.017  -1.339  1.00 42.52 ? 209 DC  C "C2'" 1 
ATOM   693  C  "C1'" . DC  C 1 8  ? 8.365   -2.642  -1.856  1.00 42.52 ? 209 DC  C "C1'" 1 
ATOM   694  N  N1    . DC  C 1 8  ? 7.308   -3.570  -1.549  1.00 22.97 ? 209 DC  C N1    1 
ATOM   695  C  C2    . DC  C 1 8  ? 6.873   -3.663  -0.213  1.00 22.97 ? 209 DC  C C2    1 
ATOM   696  O  O2    . DC  C 1 8  ? 7.421   -2.959  0.657   1.00 22.97 ? 209 DC  C O2    1 
ATOM   697  N  N3    . DC  C 1 8  ? 5.870   -4.515  0.093   1.00 22.97 ? 209 DC  C N3    1 
ATOM   698  C  C4    . DC  C 1 8  ? 5.309   -5.255  -0.871  1.00 22.97 ? 209 DC  C C4    1 
ATOM   699  N  N4    . DC  C 1 8  ? 4.324   -6.081  -0.526  1.00 22.97 ? 209 DC  C N4    1 
ATOM   700  C  C5    . DC  C 1 8  ? 5.734   -5.180  -2.228  1.00 22.97 ? 209 DC  C C5    1 
ATOM   701  C  C6    . DC  C 1 8  ? 6.724   -4.336  -2.517  1.00 22.97 ? 209 DC  C C6    1 
ATOM   702  P  P     . DA  C 1 9  ? 12.967  -4.154  -2.156  1.00 49.84 ? 210 DA  C P     1 
ATOM   703  O  OP1   . DA  C 1 9  ? 14.012  -3.804  -3.167  1.00 49.84 ? 210 DA  C OP1   1 
ATOM   704  O  OP2   . DA  C 1 9  ? 12.460  -5.571  -2.064  1.00 49.84 ? 210 DA  C OP2   1 
ATOM   705  O  "O5'" . DA  C 1 9  ? 13.535  -3.770  -0.729  1.00 49.84 ? 210 DA  C "O5'" 1 
ATOM   706  C  "C5'" . DA  C 1 9  ? 13.303  -2.464  -0.197  1.00 49.84 ? 210 DA  C "C5'" 1 
ATOM   707  C  "C4'" . DA  C 1 9  ? 13.036  -2.580  1.280   1.00 21.39 ? 210 DA  C "C4'" 1 
ATOM   708  O  "O4'" . DA  C 1 9  ? 11.724  -3.141  1.479   1.00 21.39 ? 210 DA  C "O4'" 1 
ATOM   709  C  "C3'" . DA  C 1 9  ? 14.017  -3.552  1.906   1.00 21.39 ? 210 DA  C "C3'" 1 
ATOM   710  O  "O3'" . DA  C 1 9  ? 14.377  -3.117  3.193   1.00 21.39 ? 210 DA  C "O3'" 1 
ATOM   711  C  "C2'" . DA  C 1 9  ? 13.241  -4.843  1.982   1.00 21.39 ? 210 DA  C "C2'" 1 
ATOM   712  C  "C1'" . DA  C 1 9  ? 11.817  -4.376  2.136   1.00 21.39 ? 210 DA  C "C1'" 1 
ATOM   713  N  N9    . DA  C 1 9  ? 10.869  -5.254  1.489   1.00 47.38 ? 210 DA  C N9    1 
ATOM   714  C  C8    . DA  C 1 9  ? 10.975  -5.870  0.265   1.00 47.38 ? 210 DA  C C8    1 
ATOM   715  N  N7    . DA  C 1 9  ? 9.932   -6.601  -0.049  1.00 47.38 ? 210 DA  C N7    1 
ATOM   716  C  C5    . DA  C 1 9  ? 9.084   -6.460  1.042   1.00 47.38 ? 210 DA  C C5    1 
ATOM   717  C  C6    . DA  C 1 9  ? 7.809   -6.985  1.336   1.00 47.38 ? 210 DA  C C6    1 
ATOM   718  N  N6    . DA  C 1 9  ? 7.125   -7.800  0.522   1.00 47.38 ? 210 DA  C N6    1 
ATOM   719  N  N1    . DA  C 1 9  ? 7.254   -6.642  2.517   1.00 47.38 ? 210 DA  C N1    1 
ATOM   720  C  C2    . DA  C 1 9  ? 7.931   -5.830  3.337   1.00 47.38 ? 210 DA  C C2    1 
ATOM   721  N  N3    . DA  C 1 9  ? 9.124   -5.276  3.175   1.00 47.38 ? 210 DA  C N3    1 
ATOM   722  C  C4    . DA  C 1 9  ? 9.654   -5.634  1.996   1.00 47.38 ? 210 DA  C C4    1 
ATOM   723  P  P     . DA  C 1 10 ? 15.476  -3.939  4.002   1.00 55.19 ? 211 DA  C P     1 
ATOM   724  O  OP1   . DA  C 1 10 ? 16.785  -3.237  3.755   1.00 55.19 ? 211 DA  C OP1   1 
ATOM   725  O  OP2   . DA  C 1 10 ? 15.300  -5.362  3.584   1.00 55.19 ? 211 DA  C OP2   1 
ATOM   726  O  "O5'" . DA  C 1 10 ? 15.035  -3.808  5.532   1.00 55.19 ? 211 DA  C "O5'" 1 
ATOM   727  C  "C5'" . DA  C 1 10 ? 14.002  -2.901  5.908   1.00 55.19 ? 211 DA  C "C5'" 1 
ATOM   728  C  "C4'" . DA  C 1 10 ? 12.909  -3.642  6.628   1.00 48.53 ? 211 DA  C "C4'" 1 
ATOM   729  O  "O4'" . DA  C 1 10 ? 12.114  -4.465  5.742   1.00 48.53 ? 211 DA  C "O4'" 1 
ATOM   730  C  "C3'" . DA  C 1 10 ? 13.408  -4.573  7.724   1.00 48.53 ? 211 DA  C "C3'" 1 
ATOM   731  O  "O3'" . DA  C 1 10 ? 12.437  -4.482  8.765   1.00 48.53 ? 211 DA  C "O3'" 1 
ATOM   732  C  "C2'" . DA  C 1 10 ? 13.260  -5.950  7.102   1.00 48.53 ? 211 DA  C "C2'" 1 
ATOM   733  C  "C1'" . DA  C 1 10 ? 11.982  -5.756  6.323   1.00 48.53 ? 211 DA  C "C1'" 1 
ATOM   734  N  N9    . DA  C 1 10 ? 11.681  -6.721  5.261   1.00 30.88 ? 211 DA  C N9    1 
ATOM   735  C  C8    . DA  C 1 10 ? 12.460  -7.020  4.171   1.00 30.88 ? 211 DA  C C8    1 
ATOM   736  N  N7    . DA  C 1 10 ? 11.926  -7.915  3.371   1.00 30.88 ? 211 DA  C N7    1 
ATOM   737  C  C5    . DA  C 1 10 ? 10.716  -8.224  3.975   1.00 30.88 ? 211 DA  C C5    1 
ATOM   738  C  C6    . DA  C 1 10 ? 9.682   -9.103  3.622   1.00 30.88 ? 211 DA  C C6    1 
ATOM   739  N  N6    . DA  C 1 10 ? 9.706   -9.863  2.526   1.00 30.88 ? 211 DA  C N6    1 
ATOM   740  N  N1    . DA  C 1 10 ? 8.606   -9.178  4.441   1.00 30.88 ? 211 DA  C N1    1 
ATOM   741  C  C2    . DA  C 1 10 ? 8.586   -8.417  5.535   1.00 30.88 ? 211 DA  C C2    1 
ATOM   742  N  N3    . DA  C 1 10 ? 9.500   -7.549  5.975   1.00 30.88 ? 211 DA  C N3    1 
ATOM   743  C  C4    . DA  C 1 10 ? 10.553  -7.499  5.139   1.00 30.88 ? 211 DA  C C4    1 
ATOM   744  P  P     . DA  C 1 11 ? 12.826  -4.812  10.288  1.00 41.02 ? 212 DA  C P     1 
ATOM   745  O  OP1   . DA  C 1 11 ? 13.088  -3.445  10.843  1.00 41.02 ? 212 DA  C OP1   1 
ATOM   746  O  OP2   . DA  C 1 11 ? 13.862  -5.902  10.418  1.00 41.02 ? 212 DA  C OP2   1 
ATOM   747  O  "O5'" . DA  C 1 11 ? 11.460  -5.408  10.833  1.00 41.02 ? 212 DA  C "O5'" 1 
ATOM   748  C  "C5'" . DA  C 1 11 ? 10.678  -6.168  9.943   1.00 41.02 ? 212 DA  C "C5'" 1 
ATOM   749  C  "C4'" . DA  C 1 11 ? 9.800   -7.140  10.688  1.00 50.60 ? 212 DA  C "C4'" 1 
ATOM   750  O  "O4'" . DA  C 1 11 ? 9.376   -8.110  9.717   1.00 50.60 ? 212 DA  C "O4'" 1 
ATOM   751  C  "C3'" . DA  C 1 11 ? 10.444  -7.953  11.806  1.00 50.60 ? 212 DA  C "C3'" 1 
ATOM   752  O  "O3'" . DA  C 1 11 ? 9.351   -8.325  12.669  1.00 50.60 ? 212 DA  C "O3'" 1 
ATOM   753  C  "C2'" . DA  C 1 11 ? 10.986  -9.167  11.081  1.00 50.60 ? 212 DA  C "C2'" 1 
ATOM   754  C  "C1'" . DA  C 1 11 ? 9.999   -9.356  9.948   1.00 50.60 ? 212 DA  C "C1'" 1 
ATOM   755  N  N9    . DA  C 1 11 ? 10.658  -9.738  8.712   1.00 46.44 ? 212 DA  C N9    1 
ATOM   756  C  C8    . DA  C 1 11 ? 11.941  -9.459  8.313   1.00 46.44 ? 212 DA  C C8    1 
ATOM   757  N  N7    . DA  C 1 11 ? 12.260  -9.979  7.152   1.00 46.44 ? 212 DA  C N7    1 
ATOM   758  C  C5    . DA  C 1 11 ? 11.110  -10.647 6.762   1.00 46.44 ? 212 DA  C C5    1 
ATOM   759  C  C6    . DA  C 1 11 ? 10.796  -11.403 5.623   1.00 46.44 ? 212 DA  C C6    1 
ATOM   760  N  N6    . DA  C 1 11 ? 11.645  -11.628 4.620   1.00 46.44 ? 212 DA  C N6    1 
ATOM   761  N  N1    . DA  C 1 11 ? 9.558   -11.933 5.542   1.00 46.44 ? 212 DA  C N1    1 
ATOM   762  C  C2    . DA  C 1 11 ? 8.701   -11.713 6.538   1.00 46.44 ? 212 DA  C C2    1 
ATOM   763  N  N3    . DA  C 1 11 ? 8.875   -11.020 7.660   1.00 46.44 ? 212 DA  C N3    1 
ATOM   764  C  C4    . DA  C 1 11 ? 10.115  -10.507 7.713   1.00 46.44 ? 212 DA  C C4    1 
ATOM   765  P  P     . DA  C 1 12 ? 9.593   -9.299  13.930  1.00 50.07 ? 213 DA  C P     1 
ATOM   766  O  OP1   . DA  C 1 12 ? 8.625   -8.844  14.994  1.00 50.07 ? 213 DA  C OP1   1 
ATOM   767  O  OP2   . DA  C 1 12 ? 11.059  -9.378  14.236  1.00 50.07 ? 213 DA  C OP2   1 
ATOM   768  O  "O5'" . DA  C 1 12 ? 9.063   -10.723 13.455  1.00 50.07 ? 213 DA  C "O5'" 1 
ATOM   769  C  "C5'" . DA  C 1 12 ? 7.678   -10.877 13.190  1.00 50.07 ? 213 DA  C "C5'" 1 
ATOM   770  C  "C4'" . DA  C 1 12 ? 7.408   -12.133 12.403  1.00 49.51 ? 213 DA  C "C4'" 1 
ATOM   771  O  "O4'" . DA  C 1 12 ? 8.101   -12.179 11.130  1.00 49.51 ? 213 DA  C "O4'" 1 
ATOM   772  C  "C3'" . DA  C 1 12 ? 7.673   -13.465 13.094  1.00 49.51 ? 213 DA  C "C3'" 1 
ATOM   773  O  "O3'" . DA  C 1 12 ? 6.519   -14.255 12.908  1.00 49.51 ? 213 DA  C "O3'" 1 
ATOM   774  C  "C2'" . DA  C 1 12 ? 8.801   -14.071 12.284  1.00 49.51 ? 213 DA  C "C2'" 1 
ATOM   775  C  "C1'" . DA  C 1 12 ? 8.533   -13.501 10.907  1.00 49.51 ? 213 DA  C "C1'" 1 
ATOM   776  N  N9    . DA  C 1 12 ? 9.707   -13.435 10.063  1.00 37.88 ? 213 DA  C N9    1 
ATOM   777  C  C8    . DA  C 1 12 ? 10.875  -12.771 10.334  1.00 37.88 ? 213 DA  C C8    1 
ATOM   778  N  N7    . DA  C 1 12 ? 11.778  -12.881 9.391   1.00 37.88 ? 213 DA  C N7    1 
ATOM   779  C  C5    . DA  C 1 12 ? 11.162  -13.673 8.432   1.00 37.88 ? 213 DA  C C5    1 
ATOM   780  C  C6    . DA  C 1 12 ? 11.591  -14.160 7.184   1.00 37.88 ? 213 DA  C C6    1 
ATOM   781  N  N6    . DA  C 1 12 ? 12.790  -13.914 6.664   1.00 37.88 ? 213 DA  C N6    1 
ATOM   782  N  N1    . DA  C 1 12 ? 10.733  -14.922 6.474   1.00 37.88 ? 213 DA  C N1    1 
ATOM   783  C  C2    . DA  C 1 12 ? 9.527   -15.175 6.992   1.00 37.88 ? 213 DA  C C2    1 
ATOM   784  N  N3    . DA  C 1 12 ? 9.007   -14.777 8.155   1.00 37.88 ? 213 DA  C N3    1 
ATOM   785  C  C4    . DA  C 1 12 ? 9.885   -14.021 8.835   1.00 37.88 ? 213 DA  C C4    1 
ATOM   786  P  P     . DC  C 1 13 ? 6.482   -15.727 13.492  1.00 50.29 ? 214 DC  C P     1 
ATOM   787  O  OP1   . DC  C 1 13 ? 5.095   -16.026 13.941  1.00 50.29 ? 214 DC  C OP1   1 
ATOM   788  O  OP2   . DC  C 1 13 ? 7.618   -15.859 14.425  1.00 50.29 ? 214 DC  C OP2   1 
ATOM   789  O  "O5'" . DC  C 1 13 ? 6.764   -16.635 12.224  1.00 50.29 ? 214 DC  C "O5'" 1 
ATOM   790  C  "C5'" . DC  C 1 13 ? 5.800   -16.705 11.155  1.00 50.29 ? 214 DC  C "C5'" 1 
ATOM   791  C  "C4'" . DC  C 1 13 ? 6.260   -17.687 10.106  1.00 40.00 ? 214 DC  C "C4'" 1 
ATOM   792  O  "O4'" . DC  C 1 13 ? 7.517   -17.206 9.583   1.00 40.00 ? 214 DC  C "O4'" 1 
ATOM   793  C  "C3'" . DC  C 1 13 ? 6.530   -19.104 10.625  1.00 40.00 ? 214 DC  C "C3'" 1 
ATOM   794  O  "O3'" . DC  C 1 13 ? 6.022   -20.090 9.708   1.00 40.00 ? 214 DC  C "O3'" 1 
ATOM   795  C  "C2'" . DC  C 1 13 ? 8.047   -19.175 10.691  1.00 40.00 ? 214 DC  C "C2'" 1 
ATOM   796  C  "C1'" . DC  C 1 13 ? 8.405   -18.289 9.527   1.00 40.00 ? 214 DC  C "C1'" 1 
ATOM   797  N  N1    . DC  C 1 13 ? 9.758   -17.754 9.441   1.00 26.01 ? 214 DC  C N1    1 
ATOM   798  C  C2    . DC  C 1 13 ? 10.502  -18.022 8.293   1.00 26.01 ? 214 DC  C C2    1 
ATOM   799  O  O2    . DC  C 1 13 ? 9.990   -18.712 7.403   1.00 26.01 ? 214 DC  C O2    1 
ATOM   800  N  N3    . DC  C 1 13 ? 11.754  -17.527 8.182   1.00 26.01 ? 214 DC  C N3    1 
ATOM   801  C  C4    . DC  C 1 13 ? 12.265  -16.787 9.168   1.00 26.01 ? 214 DC  C C4    1 
ATOM   802  N  N4    . DC  C 1 13 ? 13.504  -16.317 9.016   1.00 26.01 ? 214 DC  C N4    1 
ATOM   803  C  C5    . DC  C 1 13 ? 11.529  -16.495 10.354  1.00 26.01 ? 214 DC  C C5    1 
ATOM   804  C  C6    . DC  C 1 13 ? 10.286  -16.995 10.447  1.00 26.01 ? 214 DC  C C6    1 
ATOM   805  O  "O5'" . DG  D 1 1  ? 22.141  12.657  -7.962  1.00 47.57 ? 301 DG  D "O5'" 1 
ATOM   806  C  "C5'" . DG  D 1 1  ? 23.400  11.983  -7.882  1.00 47.57 ? 301 DG  D "C5'" 1 
ATOM   807  C  "C4'" . DG  D 1 1  ? 23.280  11.098  -6.673  1.00 50.44 ? 301 DG  D "C4'" 1 
ATOM   808  O  "O4'" . DG  D 1 1  ? 22.597  11.908  -5.699  1.00 50.44 ? 301 DG  D "O4'" 1 
ATOM   809  C  "C3'" . DG  D 1 1  ? 22.420  9.843   -6.855  1.00 50.44 ? 301 DG  D "C3'" 1 
ATOM   810  O  "O3'" . DG  D 1 1  ? 22.932  8.789   -6.015  1.00 50.44 ? 301 DG  D "O3'" 1 
ATOM   811  C  "C2'" . DG  D 1 1  ? 21.057  10.277  -6.354  1.00 50.44 ? 301 DG  D "C2'" 1 
ATOM   812  C  "C1'" . DG  D 1 1  ? 21.446  11.236  -5.253  1.00 50.44 ? 301 DG  D "C1'" 1 
ATOM   813  N  N9    . DG  D 1 1  ? 20.433  12.220  -4.889  1.00 49.02 ? 301 DG  D N9    1 
ATOM   814  C  C8    . DG  D 1 1  ? 19.670  12.995  -5.730  1.00 49.02 ? 301 DG  D C8    1 
ATOM   815  N  N7    . DG  D 1 1  ? 18.811  13.748  -5.095  1.00 49.02 ? 301 DG  D N7    1 
ATOM   816  C  C5    . DG  D 1 1  ? 19.020  13.452  -3.752  1.00 49.02 ? 301 DG  D C5    1 
ATOM   817  C  C6    . DG  D 1 1  ? 18.386  13.954  -2.582  1.00 49.02 ? 301 DG  D C6    1 
ATOM   818  O  O6    . DG  D 1 1  ? 17.479  14.792  -2.490  1.00 49.02 ? 301 DG  D O6    1 
ATOM   819  N  N1    . DG  D 1 1  ? 18.914  13.377  -1.429  1.00 49.02 ? 301 DG  D N1    1 
ATOM   820  C  C2    . DG  D 1 1  ? 19.918  12.437  -1.405  1.00 49.02 ? 301 DG  D C2    1 
ATOM   821  N  N2    . DG  D 1 1  ? 20.290  11.996  -0.196  1.00 49.02 ? 301 DG  D N2    1 
ATOM   822  N  N3    . DG  D 1 1  ? 20.512  11.965  -2.483  1.00 49.02 ? 301 DG  D N3    1 
ATOM   823  C  C4    . DG  D 1 1  ? 20.018  12.511  -3.612  1.00 49.02 ? 301 DG  D C4    1 
HETATM 824  N  N1    . BRU D 1 2  ? 18.795  9.177   -2.069  1.00 36.43 ? 302 BRU D N1    1 
HETATM 825  C  C2    . BRU D 1 2  ? 17.942  9.726   -1.145  1.00 36.43 ? 302 BRU D C2    1 
HETATM 826  N  N3    . BRU D 1 2  ? 16.941  10.500  -1.672  1.00 36.43 ? 302 BRU D N3    1 
HETATM 827  C  C4    . BRU D 1 2  ? 16.712  10.774  -3.006  1.00 36.43 ? 302 BRU D C4    1 
HETATM 828  C  C5    . BRU D 1 2  ? 17.653  10.157  -3.928  1.00 36.43 ? 302 BRU D C5    1 
HETATM 829  C  C6    . BRU D 1 2  ? 18.633  9.402   -3.418  1.00 36.43 ? 302 BRU D C6    1 
HETATM 830  O  O2    . BRU D 1 2  ? 18.067  9.544   0.051   1.00 36.43 ? 302 BRU D O2    1 
HETATM 831  O  O4    . BRU D 1 2  ? 15.765  11.496  -3.324  1.00 36.43 ? 302 BRU D O4    1 
HETATM 832  BR BR    . BRU D 1 2  ? 17.459  10.438  -5.780  1.00 53.62 ? 302 BRU D BR    1 
HETATM 833  C  "C1'" . BRU D 1 2  ? 19.851  8.359   -1.513  1.00 55.51 ? 302 BRU D "C1'" 1 
HETATM 834  C  "C2'" . BRU D 1 2  ? 19.740  6.879   -1.753  1.00 55.51 ? 302 BRU D "C2'" 1 
HETATM 835  C  "C3'" . BRU D 1 2  ? 21.171  6.462   -1.506  1.00 55.51 ? 302 BRU D "C3'" 1 
HETATM 836  C  "C4'" . BRU D 1 2  ? 22.002  7.658   -1.984  1.00 55.51 ? 302 BRU D "C4'" 1 
HETATM 837  O  "O3'" . BRU D 1 2  ? 21.303  6.323   -0.108  1.00 55.51 ? 302 BRU D "O3'" 1 
HETATM 838  O  "O4'" . BRU D 1 2  ? 21.078  8.767   -2.073  1.00 55.51 ? 302 BRU D "O4'" 1 
HETATM 839  C  "C5'" . BRU D 1 2  ? 22.710  7.476   -3.307  1.00 52.18 ? 302 BRU D "C5'" 1 
HETATM 840  O  "O5'" . BRU D 1 2  ? 21.752  7.231   -4.341  1.00 52.18 ? 302 BRU D "O5'" 1 
HETATM 841  P  P     . BRU D 1 2  ? 22.126  7.385   -5.878  1.00 52.18 ? 302 BRU D P     1 
HETATM 842  O  OP1   . BRU D 1 2  ? 23.086  6.282   -6.136  1.00 52.18 ? 302 BRU D OP1   1 
HETATM 843  O  OP2   . BRU D 1 2  ? 20.814  7.432   -6.585  1.00 52.18 ? 302 BRU D OP2   1 
ATOM   844  P  P     . DT  D 1 3  ? 21.441  4.867   0.508   1.00 49.03 ? 303 DT  D P     1 
ATOM   845  O  OP1   . DT  D 1 3  ? 22.867  4.694   0.898   1.00 49.03 ? 303 DT  D OP1   1 
ATOM   846  O  OP2   . DT  D 1 3  ? 20.799  3.912   -0.429  1.00 49.03 ? 303 DT  D OP2   1 
ATOM   847  O  "O5'" . DT  D 1 3  ? 20.540  4.920   1.808   1.00 49.03 ? 303 DT  D "O5'" 1 
ATOM   848  C  "C5'" . DT  D 1 3  ? 20.562  6.058   2.653   1.00 49.03 ? 303 DT  D "C5'" 1 
ATOM   849  C  "C4'" . DT  D 1 3  ? 19.194  6.258   3.250   1.00 38.00 ? 303 DT  D "C4'" 1 
ATOM   850  O  "O4'" . DT  D 1 3  ? 18.314  7.024   2.404   1.00 38.00 ? 303 DT  D "O4'" 1 
ATOM   851  C  "C3'" . DT  D 1 3  ? 18.428  4.990   3.646   1.00 38.00 ? 303 DT  D "C3'" 1 
ATOM   852  O  "O3'" . DT  D 1 3  ? 18.267  5.007   5.069   1.00 38.00 ? 303 DT  D "O3'" 1 
ATOM   853  C  "C2'" . DT  D 1 3  ? 17.119  5.067   2.853   1.00 38.00 ? 303 DT  D "C2'" 1 
ATOM   854  C  "C1'" . DT  D 1 3  ? 16.976  6.564   2.608   1.00 38.00 ? 303 DT  D "C1'" 1 
ATOM   855  N  N1    . DT  D 1 3  ? 16.201  6.996   1.442   1.00 24.86 ? 303 DT  D N1    1 
ATOM   856  C  C2    . DT  D 1 3  ? 15.177  7.909   1.534   1.00 24.86 ? 303 DT  D C2    1 
ATOM   857  O  O2    . DT  D 1 3  ? 14.813  8.401   2.593   1.00 24.86 ? 303 DT  D O2    1 
ATOM   858  N  N3    . DT  D 1 3  ? 14.583  8.228   0.336   1.00 24.86 ? 303 DT  D N3    1 
ATOM   859  C  C4    . DT  D 1 3  ? 14.910  7.739   -0.913  1.00 24.86 ? 303 DT  D C4    1 
ATOM   860  O  O4    . DT  D 1 3  ? 14.293  8.119   -1.902  1.00 24.86 ? 303 DT  D O4    1 
ATOM   861  C  C5    . DT  D 1 3  ? 15.993  6.786   -0.936  1.00 24.86 ? 303 DT  D C5    1 
ATOM   862  C  C7    . DT  D 1 3  ? 16.418  6.197   -2.243  1.00 24.86 ? 303 DT  D C7    1 
ATOM   863  C  C6    . DT  D 1 3  ? 16.577  6.470   0.226   1.00 24.86 ? 303 DT  D C6    1 
ATOM   864  P  P     . DT  D 1 4  ? 17.412  3.869   5.791   1.00 49.27 ? 304 DT  D P     1 
ATOM   865  O  OP1   . DT  D 1 4  ? 18.072  3.583   7.082   1.00 49.27 ? 304 DT  D OP1   1 
ATOM   866  O  OP2   . DT  D 1 4  ? 17.195  2.770   4.853   1.00 49.27 ? 304 DT  D OP2   1 
ATOM   867  O  "O5'" . DT  D 1 4  ? 16.029  4.627   6.014   1.00 49.27 ? 304 DT  D "O5'" 1 
ATOM   868  C  "C5'" . DT  D 1 4  ? 16.040  6.025   6.326   1.00 49.27 ? 304 DT  D "C5'" 1 
ATOM   869  C  "C4'" . DT  D 1 4  ? 14.638  6.560   6.517   1.00 36.44 ? 304 DT  D "C4'" 1 
ATOM   870  O  "O4'" . DT  D 1 4  ? 14.073  7.022   5.264   1.00 36.44 ? 304 DT  D "O4'" 1 
ATOM   871  C  "C3'" . DT  D 1 4  ? 13.605  5.622   7.151   1.00 36.44 ? 304 DT  D "C3'" 1 
ATOM   872  O  "O3'" . DT  D 1 4  ? 12.822  6.359   8.129   1.00 36.44 ? 304 DT  D "O3'" 1 
ATOM   873  C  "C2'" . DT  D 1 4  ? 12.755  5.192   5.955   1.00 36.44 ? 304 DT  D "C2'" 1 
ATOM   874  C  "C1'" . DT  D 1 4  ? 12.787  6.435   5.061   1.00 36.44 ? 304 DT  D "C1'" 1 
ATOM   875  N  N1    . DT  D 1 4  ? 12.668  6.171   3.632   1.00 40.19 ? 304 DT  D N1    1 
ATOM   876  C  C2    . DT  D 1 4  ? 11.810  6.931   2.865   1.00 40.19 ? 304 DT  D C2    1 
ATOM   877  O  O2    . DT  D 1 4  ? 11.111  7.819   3.325   1.00 40.19 ? 304 DT  D O2    1 
ATOM   878  N  N3    . DT  D 1 4  ? 11.800  6.609   1.528   1.00 40.19 ? 304 DT  D N3    1 
ATOM   879  C  C4    . DT  D 1 4  ? 12.544  5.630   0.902   1.00 40.19 ? 304 DT  D C4    1 
ATOM   880  O  O4    . DT  D 1 4  ? 12.431  5.453   -0.303  1.00 40.19 ? 304 DT  D O4    1 
ATOM   881  C  C5    . DT  D 1 4  ? 13.421  4.874   1.762   1.00 40.19 ? 304 DT  D C5    1 
ATOM   882  C  C7    . DT  D 1 4  ? 14.261  3.794   1.163   1.00 40.19 ? 304 DT  D C7    1 
ATOM   883  C  C6    . DT  D 1 4  ? 13.439  5.177   3.066   1.00 40.19 ? 304 DT  D C6    1 
ATOM   884  P  P     . DT  D 1 5  ? 11.529  5.676   8.801   1.00 43.05 ? 305 DT  D P     1 
ATOM   885  O  OP1   . DT  D 1 5  ? 11.379  6.320   10.107  1.00 43.05 ? 305 DT  D OP1   1 
ATOM   886  O  OP2   . DT  D 1 5  ? 11.594  4.200   8.709   1.00 43.05 ? 305 DT  D OP2   1 
ATOM   887  O  "O5'" . DT  D 1 5  ? 10.317  6.178   7.908   1.00 43.05 ? 305 DT  D "O5'" 1 
ATOM   888  C  "C5'" . DT  D 1 5  ? 10.180  7.562   7.598   1.00 43.05 ? 305 DT  D "C5'" 1 
ATOM   889  C  "C4'" . DT  D 1 5  ? 8.863   7.826   6.900   1.00 48.91 ? 305 DT  D "C4'" 1 
ATOM   890  O  "O4'" . DT  D 1 5  ? 8.940   7.538   5.494   1.00 48.91 ? 305 DT  D "O4'" 1 
ATOM   891  C  "C3'" . DT  D 1 5  ? 7.616   7.105   7.408   1.00 48.91 ? 305 DT  D "C3'" 1 
ATOM   892  O  "O3'" . DT  D 1 5  ? 6.523   8.025   7.329   1.00 48.91 ? 305 DT  D "O3'" 1 
ATOM   893  C  "C2'" . DT  D 1 5  ? 7.375   6.043   6.348   1.00 48.91 ? 305 DT  D "C2'" 1 
ATOM   894  C  "C1'" . DT  D 1 5  ? 7.839   6.744   5.090   1.00 48.91 ? 305 DT  D "C1'" 1 
ATOM   895  N  N1    . DT  D 1 5  ? 8.296   5.851   4.000   1.00 44.16 ? 305 DT  D N1    1 
ATOM   896  C  C2    . DT  D 1 5  ? 8.107   6.248   2.692   1.00 44.16 ? 305 DT  D C2    1 
ATOM   897  O  O2    . DT  D 1 5  ? 7.588   7.309   2.387   1.00 44.16 ? 305 DT  D O2    1 
ATOM   898  N  N3    . DT  D 1 5  ? 8.556   5.356   1.750   1.00 44.16 ? 305 DT  D N3    1 
ATOM   899  C  C4    . DT  D 1 5  ? 9.156   4.136   1.978   1.00 44.16 ? 305 DT  D C4    1 
ATOM   900  O  O4    . DT  D 1 5  ? 9.509   3.441   1.027   1.00 44.16 ? 305 DT  D O4    1 
ATOM   901  C  C5    . DT  D 1 5  ? 9.323   3.781   3.374   1.00 44.16 ? 305 DT  D C5    1 
ATOM   902  C  C7    . DT  D 1 5  ? 9.962   2.475   3.717   1.00 44.16 ? 305 DT  D C7    1 
ATOM   903  C  C6    . DT  D 1 5  ? 8.891   4.645   4.302   1.00 44.16 ? 305 DT  D C6    1 
ATOM   904  P  P     . DG  D 1 6  ? 5.271   7.857   8.304   1.00 47.31 ? 306 DG  D P     1 
ATOM   905  O  OP1   . DG  D 1 6  ? 4.960   9.237   8.763   1.00 47.31 ? 306 DG  D OP1   1 
ATOM   906  O  OP2   . DG  D 1 6  ? 5.705   6.813   9.246   1.00 47.31 ? 306 DG  D OP2   1 
ATOM   907  O  "O5'" . DG  D 1 6  ? 4.074   7.284   7.413   1.00 47.31 ? 306 DG  D "O5'" 1 
ATOM   908  C  "C5'" . DG  D 1 6  ? 3.288   8.185   6.589   1.00 47.31 ? 306 DG  D "C5'" 1 
ATOM   909  C  "C4'" . DG  D 1 6  ? 2.305   7.434   5.703   1.00 41.01 ? 306 DG  D "C4'" 1 
ATOM   910  O  "O4'" . DG  D 1 6  ? 2.981   6.721   4.625   1.00 41.01 ? 306 DG  D "O4'" 1 
ATOM   911  C  "C3'" . DG  D 1 6  ? 1.416   6.415   6.410   1.00 41.01 ? 306 DG  D "C3'" 1 
ATOM   912  O  "O3'" . DG  D 1 6  ? 0.084   6.458   5.913   1.00 41.01 ? 306 DG  D "O3'" 1 
ATOM   913  C  "C2'" . DG  D 1 6  ? 2.026   5.086   6.011   1.00 41.01 ? 306 DG  D "C2'" 1 
ATOM   914  C  "C1'" . DG  D 1 6  ? 2.581   5.359   4.619   1.00 41.01 ? 306 DG  D "C1'" 1 
ATOM   915  N  N9    . DG  D 1 6  ? 3.725   4.537   4.208   1.00 38.39 ? 306 DG  D N9    1 
ATOM   916  C  C8    . DG  D 1 6  ? 4.609   3.842   4.995   1.00 38.39 ? 306 DG  D C8    1 
ATOM   917  N  N7    . DG  D 1 6  ? 5.512   3.199   4.304   1.00 38.39 ? 306 DG  D N7    1 
ATOM   918  C  C5    . DG  D 1 6  ? 5.206   3.491   2.984   1.00 38.39 ? 306 DG  D C5    1 
ATOM   919  C  C6    . DG  D 1 6  ? 5.838   3.077   1.780   1.00 38.39 ? 306 DG  D C6    1 
ATOM   920  O  O6    . DG  D 1 6  ? 6.823   2.342   1.645   1.00 38.39 ? 306 DG  D O6    1 
ATOM   921  N  N1    . DG  D 1 6  ? 5.203   3.606   0.659   1.00 38.39 ? 306 DG  D N1    1 
ATOM   922  C  C2    . DG  D 1 6  ? 4.100   4.423   0.687   1.00 38.39 ? 306 DG  D C2    1 
ATOM   923  N  N2    . DG  D 1 6  ? 3.634   4.825   -0.505  1.00 38.39 ? 306 DG  D N2    1 
ATOM   924  N  N3    . DG  D 1 6  ? 3.501   4.815   1.804   1.00 38.39 ? 306 DG  D N3    1 
ATOM   925  C  C4    . DG  D 1 6  ? 4.104   4.315   2.905   1.00 38.39 ? 306 DG  D C4    1 
HETATM 926  P  P     . S02 D 1 7  ? -1.088  5.813   6.785   1.00 51.77 ? 307 S02 D P     1 
HETATM 927  O  O1P   . S02 D 1 7  ? -2.412  6.117   6.232   1.00 51.77 ? 307 S02 D O1P   1 
HETATM 928  O  O2P   . S02 D 1 7  ? -0.774  6.170   8.167   1.00 51.77 ? 307 S02 D O2P   1 
HETATM 929  O  "O5'" . S02 D 1 7  ? -0.929  4.241   6.675   1.00 54.20 ? 307 S02 D "O5'" 1 
HETATM 930  C  "C5'" . S02 D 1 7  ? -1.895  3.462   5.957   1.00 54.20 ? 307 S02 D "C5'" 1 
HETATM 931  C  "CA'" . S02 D 1 7  ? -1.637  3.666   4.545   1.00 46.81 ? 307 S02 D "CA'" 1 
HETATM 932  O  "OB'" . S02 D 1 7  ? -0.236  3.571   4.297   1.00 46.81 ? 307 S02 D "OB'" 1 
HETATM 933  C  C1A   . S02 D 1 7  ? 0.150   3.486   2.903   1.00 33.80 ? 307 S02 D C1A   1 
HETATM 934  C  C6A   . S02 D 1 7  ? 1.100   2.537   2.635   1.00 33.80 ? 307 S02 D C6A   1 
HETATM 935  C  C2A   . S02 D 1 7  ? -0.446  4.222   1.851   1.00 33.80 ? 307 S02 D C2A   1 
HETATM 936  C  C3A   . S02 D 1 7  ? -0.053  3.970   0.581   1.00 33.80 ? 307 S02 D C3A   1 
HETATM 937  C  C4A   . S02 D 1 7  ? 0.886   3.036   0.340   1.00 33.80 ? 307 S02 D C4A   1 
HETATM 938  C  C7A   . S02 D 1 7  ? 1.254   2.840   -0.934  1.00 33.80 ? 307 S02 D C7A   1 
HETATM 939  C  C5A   . S02 D 1 7  ? 1.497   2.289   1.387   1.00 33.80 ? 307 S02 D C5A   1 
HETATM 940  C  C1B   . S02 D 1 7  ? 2.552   1.203   -5.223  1.00 33.80 ? 307 S02 D C1B   1 
HETATM 941  C  C6B   . S02 D 1 7  ? 1.740   2.237   -4.836  1.00 33.80 ? 307 S02 D C6B   1 
HETATM 942  C  C2B   . S02 D 1 7  ? 3.223   0.412   -4.258  1.00 33.80 ? 307 S02 D C2B   1 
HETATM 943  C  C3B   . S02 D 1 7  ? 3.041   0.690   -2.943  1.00 33.80 ? 307 S02 D C3B   1 
HETATM 944  C  C4B   . S02 D 1 7  ? 2.226   1.703   -2.582  1.00 33.80 ? 307 S02 D C4B   1 
HETATM 945  C  C7B   . S02 D 1 7  ? 2.046   1.963   -1.272  1.00 33.80 ? 307 S02 D C7B   1 
HETATM 946  C  C5B   . S02 D 1 7  ? 1.548   2.517   -3.552  1.00 33.80 ? 307 S02 D C5B   1 
HETATM 947  O  "OC'" . S02 D 1 7  ? 2.579   0.922   -6.623  1.00 66.81 ? 307 S02 D "OC'" 1 
HETATM 948  C  "CD'" . S02 D 1 7  ? 1.326   0.355   -7.037  1.00 66.81 ? 307 S02 D "CD'" 1 
HETATM 949  C  "C3'" . S02 D 1 7  ? 1.503   -0.193  -8.231  1.00 66.81 ? 307 S02 D "C3'" 1 
HETATM 950  O  "O3'" . S02 D 1 7  ? 2.869   -0.575  -8.260  1.00 66.81 ? 307 S02 D "O3'" 1 
ATOM   951  P  P     . DC  D 1 8  ? 3.809   -0.090  -9.470  1.00 55.23 ? 309 DC  D P     1 
ATOM   952  O  OP1   . DC  D 1 8  ? 3.421   1.293   -9.878  1.00 55.23 ? 309 DC  D OP1   1 
ATOM   953  O  OP2   . DC  D 1 8  ? 3.743   -1.191  -10.475 1.00 55.23 ? 309 DC  D OP2   1 
ATOM   954  O  "O5'" . DC  D 1 8  ? 5.283   -0.047  -8.830  1.00 55.23 ? 309 DC  D "O5'" 1 
ATOM   955  C  "C5'" . DC  D 1 8  ? 6.050   1.193   -8.774  1.00 55.23 ? 309 DC  D "C5'" 1 
ATOM   956  C  "C4'" . DC  D 1 8  ? 5.431   2.124   -7.754  1.00 37.46 ? 309 DC  D "C4'" 1 
ATOM   957  O  "O4'" . DC  D 1 8  ? 5.488   1.565   -6.418  1.00 37.46 ? 309 DC  D "O4'" 1 
ATOM   958  C  "C3'" . DC  D 1 8  ? 5.996   3.536   -7.600  1.00 37.46 ? 309 DC  D "C3'" 1 
ATOM   959  O  "O3'" . DC  D 1 8  ? 5.416   4.404   -8.579  1.00 37.46 ? 309 DC  D "O3'" 1 
ATOM   960  C  "C2'" . DC  D 1 8  ? 5.442   3.948   -6.243  1.00 37.46 ? 309 DC  D "C2'" 1 
ATOM   961  C  "C1'" . DC  D 1 8  ? 5.205   2.624   -5.501  1.00 37.46 ? 309 DC  D "C1'" 1 
ATOM   962  N  N1    . DC  D 1 8  ? 6.030   2.438   -4.301  1.00 48.64 ? 309 DC  D N1    1 
ATOM   963  C  C2    . DC  D 1 8  ? 5.617   3.023   -3.091  1.00 48.64 ? 309 DC  D C2    1 
ATOM   964  O  O2    . DC  D 1 8  ? 4.565   3.679   -3.068  1.00 48.64 ? 309 DC  D O2    1 
ATOM   965  N  N3    . DC  D 1 8  ? 6.372   2.856   -1.983  1.00 48.64 ? 309 DC  D N3    1 
ATOM   966  C  C4    . DC  D 1 8  ? 7.497   2.140   -2.047  1.00 48.64 ? 309 DC  D C4    1 
ATOM   967  N  N4    . DC  D 1 8  ? 8.214   2.001   -0.928  1.00 48.64 ? 309 DC  D N4    1 
ATOM   968  C  C5    . DC  D 1 8  ? 7.942   1.537   -3.260  1.00 48.64 ? 309 DC  D C5    1 
ATOM   969  C  C6    . DC  D 1 8  ? 7.186   1.711   -4.354  1.00 48.64 ? 309 DC  D C6    1 
ATOM   970  P  P     . DA  D 1 9  ? 6.338   5.476   -9.324  1.00 49.84 ? 310 DA  D P     1 
ATOM   971  O  OP1   . DA  D 1 9  ? 6.035   5.199   -10.751 1.00 49.84 ? 310 DA  D OP1   1 
ATOM   972  O  OP2   . DA  D 1 9  ? 7.746   5.382   -8.813  1.00 49.84 ? 310 DA  D OP2   1 
ATOM   973  O  "O5'" . DA  D 1 9  ? 5.748   6.914   -8.947  1.00 49.84 ? 310 DA  D "O5'" 1 
ATOM   974  C  "C5'" . DA  D 1 9  ? 4.423   7.076   -8.388  1.00 49.84 ? 310 DA  D "C5'" 1 
ATOM   975  C  "C4'" . DA  D 1 9  ? 4.476   7.905   -7.118  1.00 21.39 ? 310 DA  D "C4'" 1 
ATOM   976  O  "O4'" . DA  D 1 9  ? 5.046   7.110   -6.051  1.00 21.39 ? 310 DA  D "O4'" 1 
ATOM   977  C  "C3'" . DA  D 1 9  ? 5.292   9.217   -7.145  1.00 21.39 ? 310 DA  D "C3'" 1 
ATOM   978  O  "O3'" . DA  D 1 9  ? 4.575   10.301  -6.512  1.00 21.39 ? 310 DA  D "O3'" 1 
ATOM   979  C  "C2'" . DA  D 1 9  ? 6.549   8.888   -6.343  1.00 21.39 ? 310 DA  D "C2'" 1 
ATOM   980  C  "C1'" . DA  D 1 9  ? 6.004   7.900   -5.346  1.00 21.39 ? 310 DA  D "C1'" 1 
ATOM   981  N  N9    . DA  D 1 9  ? 6.943   6.994   -4.710  1.00 47.38 ? 310 DA  D N9    1 
ATOM   982  C  C8    . DA  D 1 9  ? 7.725   6.079   -5.370  1.00 47.38 ? 310 DA  D C8    1 
ATOM   983  N  N7    . DA  D 1 9  ? 8.475   5.355   -4.575  1.00 47.38 ? 310 DA  D N7    1 
ATOM   984  C  C5    . DA  D 1 9  ? 8.167   5.827   -3.306  1.00 47.38 ? 310 DA  D C5    1 
ATOM   985  C  C6    . DA  D 1 9  ? 8.626   5.473   -2.021  1.00 47.38 ? 310 DA  D C6    1 
ATOM   986  N  N6    . DA  D 1 9  ? 9.530   4.518   -1.793  1.00 47.38 ? 310 DA  D N6    1 
ATOM   987  N  N1    . DA  D 1 9  ? 8.115   6.142   -0.964  1.00 47.38 ? 310 DA  D N1    1 
ATOM   988  C  C2    . DA  D 1 9  ? 7.205   7.098   -1.193  1.00 47.38 ? 310 DA  D C2    1 
ATOM   989  N  N3    . DA  D 1 9  ? 6.699   7.520   -2.347  1.00 47.38 ? 310 DA  D N3    1 
ATOM   990  C  C4    . DA  D 1 9  ? 7.227   6.836   -3.376  1.00 47.38 ? 310 DA  D C4    1 
ATOM   991  P  P     . DA  D 1 10 ? 4.994   11.841  -6.809  1.00 55.19 ? 311 DA  D P     1 
ATOM   992  O  OP1   . DA  D 1 10 ? 3.812   12.549  -7.373  1.00 55.19 ? 311 DA  D OP1   1 
ATOM   993  O  OP2   . DA  D 1 10 ? 6.292   11.931  -7.490  1.00 55.19 ? 311 DA  D OP2   1 
ATOM   994  O  "O5'" . DA  D 1 10 ? 5.273   12.471  -5.384  1.00 55.19 ? 311 DA  D "O5'" 1 
ATOM   995  C  "C5'" . DA  D 1 10 ? 4.292   12.409  -4.368  1.00 55.19 ? 311 DA  D "C5'" 1 
ATOM   996  C  "C4'" . DA  D 1 10 ? 4.974   12.391  -3.031  1.00 48.53 ? 311 DA  D "C4'" 1 
ATOM   997  O  "O4'" . DA  D 1 10 ? 5.853   11.245  -2.958  1.00 48.53 ? 311 DA  D "O4'" 1 
ATOM   998  C  "C3'" . DA  D 1 10 ? 5.848   13.613  -2.744  1.00 48.53 ? 311 DA  D "C3'" 1 
ATOM   999  O  "O3'" . DA  D 1 10 ? 5.727   13.885  -1.349  1.00 48.53 ? 311 DA  D "O3'" 1 
ATOM   1000 C  "C2'" . DA  D 1 10 ? 7.254   13.081  -2.922  1.00 48.53 ? 311 DA  D "C2'" 1 
ATOM   1001 C  "C1'" . DA  D 1 10 ? 7.060   11.688  -2.382  1.00 48.53 ? 311 DA  D "C1'" 1 
ATOM   1002 N  N9    . DA  D 1 10 ? 8.099   10.708  -2.660  1.00 30.88 ? 311 DA  D N9    1 
ATOM   1003 C  C8    . DA  D 1 10 ? 8.633   10.326  -3.866  1.00 30.88 ? 311 DA  D C8    1 
ATOM   1004 N  N7    . DA  D 1 10 ? 9.568   9.410   -3.761  1.00 30.88 ? 311 DA  D N7    1 
ATOM   1005 C  C5    . DA  D 1 10 ? 9.650   9.172   -2.395  1.00 30.88 ? 311 DA  D C5    1 
ATOM   1006 C  C6    . DA  D 1 10 ? 10.448  8.306   -1.625  1.00 30.88 ? 311 DA  D C6    1 
ATOM   1007 N  N6    . DA  D 1 10 ? 11.356  7.480   -2.141  1.00 30.88 ? 311 DA  D N6    1 
ATOM   1008 N  N1    . DA  D 1 10 ? 10.275  8.318   -0.283  1.00 30.88 ? 311 DA  D N1    1 
ATOM   1009 C  C2    . DA  D 1 10 ? 9.365   9.144   0.236   1.00 30.88 ? 311 DA  D C2    1 
ATOM   1010 N  N3    . DA  D 1 10 ? 8.557   10.001  -0.382  1.00 30.88 ? 311 DA  D N3    1 
ATOM   1011 C  C4    . DA  D 1 10 ? 8.751   9.964   -1.710  1.00 30.88 ? 311 DA  D C4    1 
ATOM   1012 P  P     . DA  D 1 11 ? 5.641   15.396  -0.811  1.00 41.02 ? 312 DA  D P     1 
ATOM   1013 O  OP1   . DA  D 1 11 ? 4.159   15.752  -0.801  1.00 41.02 ? 312 DA  D OP1   1 
ATOM   1014 O  OP2   . DA  D 1 11 ? 6.618   16.286  -1.531  1.00 41.02 ? 312 DA  D OP2   1 
ATOM   1015 O  "O5'" . DA  D 1 11 ? 6.260   15.263  0.654   1.00 41.02 ? 312 DA  D "O5'" 1 
ATOM   1016 C  "C5'" . DA  D 1 11 ? 5.711   14.359  1.592   1.00 41.02 ? 312 DA  D "C5'" 1 
ATOM   1017 C  "C4'" . DA  D 1 11 ? 6.759   14.018  2.616   1.00 50.60 ? 312 DA  D "C4'" 1 
ATOM   1018 O  "O4'" . DA  D 1 11 ? 7.670   13.068  2.027   1.00 50.60 ? 312 DA  D "O4'" 1 
ATOM   1019 C  "C3'" . DA  D 1 11 ? 7.609   15.198  3.105   1.00 50.60 ? 312 DA  D "C3'" 1 
ATOM   1020 O  "O3'" . DA  D 1 11 ? 7.847   15.047  4.526   1.00 50.60 ? 312 DA  D "O3'" 1 
ATOM   1021 C  "C2'" . DA  D 1 11 ? 8.894   15.053  2.303   1.00 50.60 ? 312 DA  D "C2'" 1 
ATOM   1022 C  "C1'" . DA  D 1 11 ? 9.005   13.540  2.156   1.00 50.60 ? 312 DA  D "C1'" 1 
ATOM   1023 N  N9    . DA  D 1 11 ? 9.774   13.059  1.000   1.00 46.44 ? 312 DA  D N9    1 
ATOM   1024 C  C8    . DA  D 1 11 ? 9.698   13.499  -0.300  1.00 46.44 ? 312 DA  D C8    1 
ATOM   1025 N  N7    . DA  D 1 11 ? 10.521  12.880  -1.114  1.00 46.44 ? 312 DA  D N7    1 
ATOM   1026 C  C5    . DA  D 1 11 ? 11.182  11.973  -0.299  1.00 46.44 ? 312 DA  D C5    1 
ATOM   1027 C  C6    . DA  D 1 11 ? 12.180  11.015  -0.561  1.00 46.44 ? 312 DA  D C6    1 
ATOM   1028 N  N6    . DA  D 1 11 ? 12.707  10.804  -1.771  1.00 46.44 ? 312 DA  D N6    1 
ATOM   1029 N  N1    . DA  D 1 11 ? 12.624  10.272  0.479   1.00 46.44 ? 312 DA  D N1    1 
ATOM   1030 C  C2    . DA  D 1 11 ? 12.094  10.480  1.688   1.00 46.44 ? 312 DA  D C2    1 
ATOM   1031 N  N3    . DA  D 1 11 ? 11.153  11.347  2.059   1.00 46.44 ? 312 DA  D N3    1 
ATOM   1032 C  C4    . DA  D 1 11 ? 10.733  12.072  1.006   1.00 46.44 ? 312 DA  D C4    1 
ATOM   1033 P  P     . DA  D 1 12 ? 8.837   16.048  5.310   1.00 50.07 ? 313 DA  D P     1 
ATOM   1034 O  OP1   . DA  D 1 12 ? 8.300   16.103  6.683   1.00 50.07 ? 313 DA  D OP1   1 
ATOM   1035 O  OP2   . DA  D 1 12 ? 9.079   17.320  4.548   1.00 50.07 ? 313 DA  D OP2   1 
ATOM   1036 O  "O5'" . DA  D 1 12 ? 10.149  15.170  5.429   1.00 50.07 ? 313 DA  D "O5'" 1 
ATOM   1037 C  "C5'" . DA  D 1 12 ? 10.025  13.819  5.859   1.00 50.07 ? 313 DA  D "C5'" 1 
ATOM   1038 C  "C4'" . DA  D 1 12 ? 11.380  13.227  6.158   1.00 49.51 ? 313 DA  D "C4'" 1 
ATOM   1039 O  "O4'" . DA  D 1 12 ? 11.966  12.738  4.929   1.00 49.51 ? 313 DA  D "O4'" 1 
ATOM   1040 C  "C3'" . DA  D 1 12 ? 12.404  14.168  6.813   1.00 49.51 ? 313 DA  D "C3'" 1 
ATOM   1041 O  "O3'" . DA  D 1 12 ? 13.059  13.556  7.965   1.00 49.51 ? 313 DA  D "O3'" 1 
ATOM   1042 C  "C2'" . DA  D 1 12 ? 13.348  14.502  5.659   1.00 49.51 ? 313 DA  D "C2'" 1 
ATOM   1043 C  "C1'" . DA  D 1 12 ? 13.269  13.282  4.745   1.00 49.51 ? 313 DA  D "C1'" 1 
ATOM   1044 N  N9    . DA  D 1 12 ? 13.421  13.559  3.311   1.00 37.88 ? 313 DA  D N9    1 
ATOM   1045 C  C8    . DA  D 1 12 ? 12.814  14.549  2.579   1.00 37.88 ? 313 DA  D C8    1 
ATOM   1046 N  N7    . DA  D 1 12 ? 13.122  14.533  1.304   1.00 37.88 ? 313 DA  D N7    1 
ATOM   1047 C  C5    . DA  D 1 12 ? 13.994  13.457  1.187   1.00 37.88 ? 313 DA  D C5    1 
ATOM   1048 C  C6    . DA  D 1 12 ? 14.678  12.912  0.084   1.00 37.88 ? 313 DA  D C6    1 
ATOM   1049 N  N6    . DA  D 1 12 ? 14.588  13.393  -1.160  1.00 37.88 ? 313 DA  D N6    1 
ATOM   1050 N  N1    . DA  D 1 12 ? 15.470  11.840  0.301   1.00 37.88 ? 313 DA  D N1    1 
ATOM   1051 C  C2    . DA  D 1 12 ? 15.559  11.356  1.543   1.00 37.88 ? 313 DA  D C2    1 
ATOM   1052 N  N3    . DA  D 1 12 ? 14.968  11.781  2.662   1.00 37.88 ? 313 DA  D N3    1 
ATOM   1053 C  C4    . DA  D 1 12 ? 14.188  12.849  2.414   1.00 37.88 ? 313 DA  D C4    1 
ATOM   1054 P  P     . DC  D 1 13 ? 14.461  14.151  8.531   1.00 50.29 ? 314 DC  D P     1 
ATOM   1055 O  OP1   . DC  D 1 13 ? 14.783  13.398  9.774   1.00 50.29 ? 314 DC  D OP1   1 
ATOM   1056 O  OP2   . DC  D 1 13 ? 14.443  15.634  8.551   1.00 50.29 ? 314 DC  D OP2   1 
ATOM   1057 O  "O5'" . DC  D 1 13 ? 15.534  13.705  7.435   1.00 50.29 ? 314 DC  D "O5'" 1 
ATOM   1058 C  "C5'" . DC  D 1 13 ? 15.676  12.317  7.112   1.00 50.29 ? 314 DC  D "C5'" 1 
ATOM   1059 C  "C4'" . DC  D 1 13 ? 17.042  12.043  6.542   1.00 40.00 ? 314 DC  D "C4'" 1 
ATOM   1060 O  "O4'" . DC  D 1 13 ? 17.012  12.217  5.117   1.00 40.00 ? 314 DC  D "O4'" 1 
ATOM   1061 C  "C3'" . DC  D 1 13 ? 18.180  12.916  7.060   1.00 40.00 ? 314 DC  D "C3'" 1 
ATOM   1062 O  "O3'" . DC  D 1 13 ? 19.385  12.134  7.104   1.00 40.00 ? 314 DC  D "O3'" 1 
ATOM   1063 C  "C2'" . DC  D 1 13 ? 18.391  13.901  5.936   1.00 40.00 ? 314 DC  D "C2'" 1 
ATOM   1064 C  "C1'" . DC  D 1 13 ? 18.092  13.036  4.723   1.00 40.00 ? 314 DC  D "C1'" 1 
ATOM   1065 N  N1    . DC  D 1 13 ? 17.664  13.769  3.531   1.00 26.01 ? 314 DC  D N1    1 
ATOM   1066 C  C2    . DC  D 1 13 ? 18.041  13.333  2.259   1.00 26.01 ? 314 DC  D C2    1 
ATOM   1067 O  O2    . DC  D 1 13 ? 18.755  12.330  2.164   1.00 26.01 ? 314 DC  D O2    1 
ATOM   1068 N  N3    . DC  D 1 13 ? 17.620  14.010  1.172   1.00 26.01 ? 314 DC  D N3    1 
ATOM   1069 C  C4    . DC  D 1 13 ? 16.846  15.090  1.316   1.00 26.01 ? 314 DC  D C4    1 
ATOM   1070 N  N4    . DC  D 1 13 ? 16.451  15.725  0.209   1.00 26.01 ? 314 DC  D N4    1 
ATOM   1071 C  C5    . DC  D 1 13 ? 16.443  15.561  2.602   1.00 26.01 ? 314 DC  D C5    1 
ATOM   1072 C  C6    . DC  D 1 13 ? 16.871  14.875  3.674   1.00 26.01 ? 314 DC  D C6    1 
HETATM 1073 SR SR    . SR  E 2 .  ? -10.608 3.624   0.452   1.00 50.84 ? 402 SR  A SR    1 
HETATM 1074 SR SR    . SR  F 2 .  ? -4.068  -8.313  5.959   1.00 53.97 ? 404 SR  B SR    1 
HETATM 1075 SR SR    . SR  G 2 .  ? 8.516   -0.938  6.180   1.00 51.85 ? 403 SR  C SR    1 
HETATM 1076 SR SR    . SR  H 2 .  ? 2.146   9.084   0.077   1.00 50.06 ? 401 SR  D SR    1 
HETATM 1077 O  O     . HOH I 3 .  ? -7.598  4.061   -13.331 0.50 45.91 ? 410 HOH A O     1 
HETATM 1078 O  O     . HOH I 3 .  ? -6.160  2.557   -15.826 0.50 45.38 ? 413 HOH A O     1 
HETATM 1079 O  O     . HOH I 3 .  ? -9.773  5.916   -10.311 0.50 45.38 ? 414 HOH A O     1 
HETATM 1080 O  O     . HOH I 3 .  ? -3.630  10.588  7.541   0.50 45.38 ? 415 HOH A O     1 
HETATM 1081 O  O     . HOH J 3 .  ? -13.791 -18.884 -3.015  1.00 34.95 ? 405 HOH B O     1 
HETATM 1082 O  O     . HOH J 3 .  ? -19.502 -4.883  9.044   1.00 41.23 ? 407 HOH B O     1 
HETATM 1083 O  O     . HOH J 3 .  ? -12.430 -18.571 -0.095  0.50 32.61 ? 409 HOH B O     1 
HETATM 1084 O  O     . HOH K 3 .  ? 19.040  -15.157 5.243   1.00 24.73 ? 406 HOH C O     1 
HETATM 1085 O  O     . HOH L 3 .  ? 15.905  16.731  -6.775  0.50 40.52 ? 408 HOH D O     1 
HETATM 1086 O  O     . HOH L 3 .  ? -3.939  8.343   9.126   0.50 54.35 ? 411 HOH D O     1 
HETATM 1087 O  O     . HOH L 3 .  ? 11.876  12.491  12.840  0.50 52.30 ? 412 HOH D O     1 
# 
